data_7L9F
#
_entry.id   7L9F
#
_cell.length_a   44.930
_cell.length_b   71.473
_cell.length_c   115.595
_cell.angle_alpha   93.966
_cell.angle_beta   94.328
_cell.angle_gamma   107.408
#
_symmetry.space_group_name_H-M   'P 1'
#
loop_
_entity.id
_entity.type
_entity.pdbx_description
1 polymer 'Poly(ADP-ribose) glycohydrolase ARH3'
2 non-polymer '[(2R,3S,4R,5R)-5-(6-AMINOPURIN-9-YL)-3,4-DIHYDROXY-OXOLAN-2-YL]METHYL [HYDROXY-[[(2R,3S,4R,5S)-3,4,5-TRIHYDROXYOXOLAN-2-YL]METHOXY]PHOSPHORYL] HYDROGEN PHOSPHATE'
3 non-polymer 'CALCIUM ION'
4 water water
#
_entity_poly.entity_id   1
_entity_poly.type   'polypeptide(L)'
_entity_poly.pdbx_seq_one_letter_code
;GPHMAAAAMAAAAGGGAGAARSLSRFRGCLAGALLGDCVGSFYEAHDTVDLTSVLRHVQSLEPDPGTPGSERTEALYYTD
DTAMARALVQSLLAKEAFDEVDMAHRFAQEYKKDPDRGYGAGVVTVFKKLLNPKCRDVFEPARAQFNGKGSYGNGGAMRV
AGISLAYSSVQDVQKFARLSAQLTHASSLGYNGAILQALAVHLALQGESSSEHFLKQLLGHMEDLEGDAQSVLDARELGM
EERPYSSRLKKIGELLDQASVTREEVVSELGNGIAAFESVPTAIYCFLRCMEPDPEIPSAFNSLQRTLIYSISLGGDTDT
IATMAGAIAGAYYGMDQVPESWQQSCEGYEETDILAQSLHRVFQKS
;
_entity_poly.pdbx_strand_id   C,D,A,B
#
loop_
_chem_comp.id
_chem_comp.type
_chem_comp.name
_chem_comp.formula
AR6 non-polymer '[(2R,3S,4R,5R)-5-(6-AMINOPURIN-9-YL)-3,4-DIHYDROXY-OXOLAN-2-YL]METHYL [HYDROXY-[[(2R,3S,4R,5S)-3,4,5-TRIHYDROXYOXOLAN-2-YL]METHOXY]PHOSPHORYL] HYDROGEN PHOSPHATE' 'C15 H23 N5 O14 P2'
CA non-polymer 'CALCIUM ION' 'Ca 2'
#
# COMPACT_ATOMS: atom_id res chain seq x y z
N ALA A 17 -23.18 -12.12 -23.76
CA ALA A 17 -22.69 -12.58 -25.05
C ALA A 17 -23.65 -13.56 -25.72
N GLY A 18 -23.31 -13.86 -26.97
CA GLY A 18 -24.12 -14.73 -27.77
C GLY A 18 -25.38 -14.05 -28.28
N ALA A 19 -26.36 -14.90 -28.52
CA ALA A 19 -27.61 -14.57 -29.18
C ALA A 19 -28.40 -13.55 -28.37
N ALA A 20 -29.27 -12.84 -29.08
CA ALA A 20 -30.20 -11.95 -28.40
C ALA A 20 -31.01 -12.76 -27.38
N ARG A 21 -31.14 -12.19 -26.18
CA ARG A 21 -31.95 -12.77 -25.11
C ARG A 21 -31.46 -14.16 -24.71
N SER A 22 -30.16 -14.36 -24.81
CA SER A 22 -29.55 -15.62 -24.40
C SER A 22 -29.54 -15.79 -22.88
N LEU A 23 -29.33 -17.03 -22.46
CA LEU A 23 -29.16 -17.30 -21.04
C LEU A 23 -28.05 -16.43 -20.43
N SER A 24 -26.90 -16.31 -21.12
CA SER A 24 -25.80 -15.51 -20.60
C SER A 24 -26.23 -14.06 -20.37
N ARG A 25 -27.05 -13.51 -21.25
CA ARG A 25 -27.49 -12.13 -21.09
C ARG A 25 -28.46 -11.99 -19.93
N PHE A 26 -29.34 -12.97 -19.73
CA PHE A 26 -30.25 -12.92 -18.59
C PHE A 26 -29.47 -12.98 -17.28
N ARG A 27 -28.52 -13.92 -17.18
CA ARG A 27 -27.73 -14.06 -15.97
C ARG A 27 -26.90 -12.81 -15.73
N GLY A 28 -26.23 -12.35 -16.78
CA GLY A 28 -25.41 -11.16 -16.67
C GLY A 28 -26.22 -9.95 -16.24
N CYS A 29 -27.46 -9.85 -16.72
CA CYS A 29 -28.30 -8.70 -16.38
C CYS A 29 -28.57 -8.64 -14.87
N LEU A 30 -29.09 -9.73 -14.30
CA LEU A 30 -29.42 -9.67 -12.87
C LEU A 30 -28.15 -9.63 -12.02
N ALA A 31 -27.07 -10.27 -12.46
CA ALA A 31 -25.82 -10.20 -11.71
C ALA A 31 -25.24 -8.80 -11.74
N GLY A 32 -25.25 -8.16 -12.89
CA GLY A 32 -24.79 -6.79 -12.97
C GLY A 32 -25.57 -5.84 -12.08
N ALA A 33 -26.89 -6.01 -12.03
CA ALA A 33 -27.72 -5.21 -11.14
C ALA A 33 -27.36 -5.46 -9.67
N LEU A 34 -27.16 -6.73 -9.30
CA LEU A 34 -26.79 -7.05 -7.93
C LEU A 34 -25.44 -6.46 -7.59
N LEU A 35 -24.47 -6.59 -8.48
CA LEU A 35 -23.16 -5.97 -8.25
C LEU A 35 -23.28 -4.46 -8.03
N GLY A 36 -24.06 -3.78 -8.88
CA GLY A 36 -24.21 -2.34 -8.71
C GLY A 36 -24.81 -1.97 -7.37
N ASP A 37 -25.85 -2.70 -6.97
CA ASP A 37 -26.48 -2.46 -5.67
C ASP A 37 -25.48 -2.66 -4.51
N CYS A 38 -24.85 -3.85 -4.46
CA CYS A 38 -24.02 -4.22 -3.32
C CYS A 38 -22.74 -3.41 -3.25
N VAL A 39 -22.05 -3.27 -4.39
CA VAL A 39 -20.82 -2.49 -4.40
C VAL A 39 -21.11 -1.01 -4.29
N GLY A 40 -22.16 -0.54 -4.98
CA GLY A 40 -22.52 0.86 -4.91
C GLY A 40 -22.95 1.27 -3.52
N SER A 41 -23.57 0.37 -2.79
CA SER A 41 -24.06 0.72 -1.46
C SER A 41 -22.94 1.17 -0.51
N PHE A 42 -21.68 0.81 -0.76
CA PHE A 42 -20.60 1.34 0.07
C PHE A 42 -20.65 2.85 0.15
N TYR A 43 -20.86 3.51 -0.99
CA TYR A 43 -20.76 4.96 -1.11
C TYR A 43 -22.11 5.65 -1.11
N GLU A 44 -23.14 4.99 -0.58
CA GLU A 44 -24.49 5.52 -0.70
C GLU A 44 -24.59 6.93 -0.11
N ALA A 45 -25.12 7.85 -0.92
CA ALA A 45 -25.47 9.22 -0.54
C ALA A 45 -24.27 10.15 -0.41
N HIS A 46 -23.08 9.74 -0.84
CA HIS A 46 -21.90 10.59 -0.70
C HIS A 46 -21.82 11.64 -1.82
N LEU A 51 -12.50 9.10 -8.21
CA LEU A 51 -12.47 7.86 -8.98
C LEU A 51 -11.29 7.03 -8.48
N THR A 52 -10.16 7.71 -8.22
CA THR A 52 -9.09 7.09 -7.45
C THR A 52 -9.67 6.57 -6.13
N SER A 53 -10.55 7.36 -5.52
CA SER A 53 -11.49 6.89 -4.51
C SER A 53 -11.93 5.43 -4.74
N VAL A 54 -12.62 5.25 -5.86
CA VAL A 54 -13.36 4.00 -6.10
C VAL A 54 -12.42 2.89 -6.47
N LEU A 55 -11.38 3.19 -7.25
CA LEU A 55 -10.46 2.14 -7.69
C LEU A 55 -9.82 1.45 -6.50
N ARG A 56 -9.34 2.23 -5.53
CA ARG A 56 -8.82 1.66 -4.30
C ARG A 56 -9.84 0.71 -3.67
N HIS A 57 -11.10 1.15 -3.59
CA HIS A 57 -12.11 0.35 -2.89
C HIS A 57 -12.36 -0.99 -3.58
N VAL A 58 -12.43 -1.02 -4.91
CA VAL A 58 -12.77 -2.28 -5.56
C VAL A 58 -11.65 -3.29 -5.43
N GLN A 59 -10.43 -2.86 -5.08
CA GLN A 59 -9.37 -3.83 -4.83
C GLN A 59 -9.75 -4.78 -3.71
N SER A 60 -10.54 -4.32 -2.73
CA SER A 60 -11.02 -5.20 -1.68
C SER A 60 -11.77 -6.40 -2.23
N LEU A 61 -12.29 -6.31 -3.46
CA LEU A 61 -13.06 -7.41 -4.04
C LEU A 61 -12.19 -8.50 -4.65
N GLU A 62 -10.92 -8.23 -4.89
CA GLU A 62 -10.02 -9.24 -5.45
C GLU A 62 -9.65 -10.27 -4.38
N THR A 73 -17.10 -14.13 1.95
CA THR A 73 -18.12 -14.37 0.94
C THR A 73 -19.47 -13.77 1.33
N GLU A 74 -20.15 -13.18 0.35
CA GLU A 74 -21.45 -12.55 0.54
C GLU A 74 -21.44 -11.58 1.71
N ALA A 75 -20.34 -10.88 1.88
CA ALA A 75 -20.24 -9.89 2.95
C ALA A 75 -20.92 -8.58 2.59
N LEU A 76 -21.25 -8.33 1.32
CA LEU A 76 -21.87 -7.08 0.90
C LEU A 76 -23.38 -7.28 0.83
N TYR A 77 -24.11 -6.67 1.75
CA TYR A 77 -25.55 -6.80 1.80
C TYR A 77 -26.16 -6.08 0.61
N TYR A 78 -27.25 -6.64 0.10
CA TYR A 78 -28.03 -5.93 -0.91
C TYR A 78 -29.01 -4.99 -0.21
N THR A 79 -29.65 -4.15 -1.00
CA THR A 79 -30.56 -3.16 -0.44
C THR A 79 -31.95 -3.34 -1.03
N ASP A 80 -32.78 -2.29 -0.88
CA ASP A 80 -34.14 -2.31 -1.40
C ASP A 80 -34.17 -2.54 -2.90
N ASP A 81 -33.13 -2.08 -3.60
CA ASP A 81 -33.06 -2.28 -5.05
C ASP A 81 -33.22 -3.74 -5.41
N THR A 82 -32.39 -4.58 -4.79
CA THR A 82 -32.44 -6.01 -5.02
C THR A 82 -33.64 -6.67 -4.34
N ALA A 83 -33.98 -6.21 -3.14
CA ALA A 83 -35.11 -6.84 -2.46
C ALA A 83 -36.37 -6.72 -3.30
N MET A 84 -36.62 -5.54 -3.86
CA MET A 84 -37.83 -5.35 -4.66
C MET A 84 -37.69 -6.01 -6.02
N ALA A 85 -36.50 -6.05 -6.59
CA ALA A 85 -36.32 -6.77 -7.84
C ALA A 85 -36.62 -8.25 -7.67
N ARG A 86 -36.20 -8.83 -6.53
CA ARG A 86 -36.48 -10.24 -6.28
C ARG A 86 -37.98 -10.49 -6.19
N ALA A 87 -38.68 -9.65 -5.46
CA ALA A 87 -40.13 -9.79 -5.32
C ALA A 87 -40.84 -9.65 -6.65
N LEU A 88 -40.44 -8.67 -7.46
CA LEU A 88 -41.01 -8.50 -8.79
C LEU A 88 -40.81 -9.77 -9.62
N VAL A 89 -39.58 -10.28 -9.63
CA VAL A 89 -39.30 -11.48 -10.41
C VAL A 89 -40.04 -12.69 -9.86
N GLN A 90 -40.09 -12.83 -8.53
CA GLN A 90 -40.79 -13.99 -7.98
C GLN A 90 -42.29 -13.95 -8.31
N SER A 91 -42.88 -12.74 -8.36
CA SER A 91 -44.28 -12.63 -8.76
C SER A 91 -44.46 -13.06 -10.21
N LEU A 92 -43.60 -12.57 -11.10
CA LEU A 92 -43.71 -12.96 -12.51
C LEU A 92 -43.61 -14.48 -12.66
N LEU A 93 -42.67 -15.10 -11.93
CA LEU A 93 -42.44 -16.53 -12.07
C LEU A 93 -43.59 -17.32 -11.49
N ALA A 94 -44.16 -16.83 -10.39
CA ALA A 94 -45.25 -17.53 -9.74
C ALA A 94 -46.50 -17.56 -10.60
N LYS A 95 -46.79 -16.47 -11.29
CA LYS A 95 -48.01 -16.39 -12.08
C LYS A 95 -47.74 -16.60 -13.56
N GLU A 96 -46.47 -16.68 -13.96
CA GLU A 96 -46.08 -16.72 -15.37
C GLU A 96 -46.77 -15.62 -16.16
N ALA A 97 -46.87 -14.44 -15.55
CA ALA A 97 -47.63 -13.31 -16.08
C ALA A 97 -47.53 -12.20 -15.03
N PHE A 98 -47.92 -10.99 -15.45
CA PHE A 98 -48.06 -9.88 -14.52
C PHE A 98 -49.42 -9.99 -13.83
N ASP A 99 -49.41 -9.95 -12.49
CA ASP A 99 -50.58 -10.02 -11.62
C ASP A 99 -50.41 -8.93 -10.57
N GLU A 100 -51.19 -7.86 -10.67
CA GLU A 100 -50.94 -6.68 -9.84
C GLU A 100 -51.15 -6.98 -8.36
N VAL A 101 -52.15 -7.80 -8.06
CA VAL A 101 -52.43 -8.14 -6.67
C VAL A 101 -51.31 -9.00 -6.10
N ASP A 102 -50.90 -10.04 -6.84
CA ASP A 102 -49.79 -10.86 -6.38
C ASP A 102 -48.52 -10.04 -6.19
N MET A 103 -48.20 -9.16 -7.15
CA MET A 103 -46.94 -8.45 -7.04
C MET A 103 -46.96 -7.42 -5.91
N ALA A 104 -48.08 -6.70 -5.78
CA ALA A 104 -48.22 -5.72 -4.70
C ALA A 104 -48.05 -6.40 -3.35
N HIS A 105 -48.68 -7.57 -3.17
CA HIS A 105 -48.57 -8.27 -1.90
C HIS A 105 -47.18 -8.84 -1.65
N ARG A 106 -46.48 -9.26 -2.69
CA ARG A 106 -45.11 -9.68 -2.50
C ARG A 106 -44.21 -8.50 -2.15
N PHE A 107 -44.45 -7.33 -2.73
CA PHE A 107 -43.70 -6.15 -2.31
C PHE A 107 -43.93 -5.90 -0.83
N ALA A 108 -45.20 -5.92 -0.41
CA ALA A 108 -45.56 -5.58 0.96
C ALA A 108 -45.03 -6.62 1.94
N GLN A 109 -45.12 -7.90 1.56
CA GLN A 109 -44.65 -8.96 2.44
C GLN A 109 -43.13 -8.98 2.53
N GLU A 110 -42.43 -8.61 1.45
CA GLU A 110 -40.97 -8.54 1.48
C GLU A 110 -40.52 -7.43 2.43
N TYR A 111 -41.21 -6.29 2.42
CA TYR A 111 -40.93 -5.22 3.36
C TYR A 111 -41.23 -5.65 4.79
N LYS A 112 -42.36 -6.33 5.01
CA LYS A 112 -42.67 -6.81 6.35
C LYS A 112 -41.56 -7.72 6.86
N LYS A 113 -41.09 -8.63 6.03
CA LYS A 113 -40.09 -9.61 6.43
C LYS A 113 -38.73 -8.98 6.69
N ASP A 114 -38.41 -7.90 6.00
CA ASP A 114 -37.06 -7.33 6.02
C ASP A 114 -37.16 -5.83 5.78
N PRO A 115 -37.64 -5.08 6.77
CA PRO A 115 -37.95 -3.66 6.53
C PRO A 115 -36.72 -2.80 6.44
N ASP A 116 -35.56 -3.30 6.85
CA ASP A 116 -34.39 -2.45 7.04
C ASP A 116 -33.49 -2.43 5.83
N ARG A 117 -34.00 -2.68 4.64
CA ARG A 117 -33.13 -2.73 3.49
C ARG A 117 -32.82 -1.36 2.91
N GLY A 118 -33.37 -0.28 3.47
CA GLY A 118 -33.05 1.06 2.99
C GLY A 118 -34.11 1.65 2.08
N TYR A 119 -35.36 1.30 2.28
CA TYR A 119 -36.46 1.78 1.46
C TYR A 119 -36.62 3.30 1.58
N GLY A 120 -37.15 3.87 0.51
CA GLY A 120 -37.56 5.26 0.56
C GLY A 120 -38.53 5.54 1.69
N ALA A 121 -38.43 6.74 2.23
CA ALA A 121 -39.28 7.10 3.38
C ALA A 121 -40.75 7.08 3.00
N GLY A 122 -41.07 7.51 1.78
CA GLY A 122 -42.47 7.58 1.37
C GLY A 122 -43.07 6.21 1.05
N VAL A 123 -42.32 5.37 0.32
CA VAL A 123 -42.90 4.14 -0.22
C VAL A 123 -43.30 3.19 0.89
N VAL A 124 -42.70 3.31 2.08
CA VAL A 124 -43.11 2.46 3.20
C VAL A 124 -44.59 2.63 3.52
N THR A 125 -45.12 3.85 3.33
CA THR A 125 -46.55 4.09 3.52
C THR A 125 -47.40 3.26 2.57
N VAL A 126 -46.94 3.11 1.31
CA VAL A 126 -47.66 2.27 0.36
C VAL A 126 -47.67 0.82 0.84
N PHE A 127 -46.51 0.29 1.24
CA PHE A 127 -46.45 -1.08 1.74
C PHE A 127 -47.40 -1.29 2.90
N LYS A 128 -47.48 -0.34 3.83
CA LYS A 128 -48.32 -0.55 5.01
C LYS A 128 -49.80 -0.53 4.64
N LYS A 129 -50.18 0.24 3.63
CA LYS A 129 -51.57 0.21 3.18
C LYS A 129 -51.86 -1.11 2.46
N LEU A 130 -50.91 -1.60 1.66
CA LEU A 130 -51.11 -2.86 0.96
C LEU A 130 -51.19 -4.04 1.91
N LEU A 131 -50.54 -3.96 3.09
CA LEU A 131 -50.60 -5.05 4.05
C LEU A 131 -51.97 -5.19 4.69
N ASN A 132 -52.79 -4.17 4.62
CA ASN A 132 -54.17 -4.24 5.11
C ASN A 132 -54.99 -5.08 4.15
N PRO A 133 -55.57 -6.22 4.59
CA PRO A 133 -56.32 -7.05 3.65
C PRO A 133 -57.59 -6.39 3.11
N LYS A 134 -58.02 -5.28 3.70
CA LYS A 134 -59.15 -4.52 3.17
C LYS A 134 -58.79 -3.68 1.95
N CYS A 135 -57.51 -3.49 1.68
CA CYS A 135 -57.08 -2.74 0.51
C CYS A 135 -57.28 -3.64 -0.70
N ARG A 136 -58.35 -3.40 -1.45
CA ARG A 136 -58.68 -4.24 -2.62
C ARG A 136 -58.39 -3.59 -3.96
N ASP A 137 -57.95 -2.34 -4.02
CA ASP A 137 -57.46 -1.76 -5.26
C ASP A 137 -56.01 -1.37 -5.02
N VAL A 138 -55.11 -2.23 -5.51
CA VAL A 138 -53.72 -2.14 -5.10
C VAL A 138 -52.97 -0.99 -5.76
N PHE A 139 -53.60 -0.28 -6.71
CA PHE A 139 -52.98 0.91 -7.29
C PHE A 139 -53.32 2.19 -6.55
N GLU A 140 -54.26 2.17 -5.61
CA GLU A 140 -54.71 3.44 -5.05
C GLU A 140 -53.74 3.98 -4.01
N PRO A 141 -53.08 3.16 -3.18
CA PRO A 141 -52.10 3.73 -2.23
C PRO A 141 -51.03 4.55 -2.91
N ALA A 142 -50.47 4.06 -4.04
CA ALA A 142 -49.45 4.81 -4.75
C ALA A 142 -50.00 6.15 -5.21
N ARG A 143 -51.25 6.19 -5.66
CA ARG A 143 -51.80 7.42 -6.20
C ARG A 143 -51.98 8.49 -5.12
N ALA A 144 -52.17 8.07 -3.87
CA ALA A 144 -52.40 9.03 -2.78
C ALA A 144 -51.11 9.69 -2.29
N GLN A 145 -49.97 9.11 -2.62
CA GLN A 145 -48.68 9.62 -2.16
C GLN A 145 -48.48 11.07 -2.60
N PHE A 146 -47.74 11.82 -1.78
CA PHE A 146 -47.37 13.20 -2.08
C PHE A 146 -48.56 14.01 -2.57
N ASN A 147 -49.55 14.13 -1.68
CA ASN A 147 -50.71 14.98 -1.90
C ASN A 147 -51.44 14.58 -3.18
N GLY A 148 -51.49 13.28 -3.46
CA GLY A 148 -52.23 12.75 -4.59
C GLY A 148 -51.54 12.85 -5.93
N LYS A 149 -50.28 13.24 -5.96
CA LYS A 149 -49.52 13.33 -7.19
C LYS A 149 -48.70 12.08 -7.49
N GLY A 150 -48.40 11.28 -6.48
CA GLY A 150 -47.58 10.11 -6.63
C GLY A 150 -46.10 10.41 -6.55
N SER A 151 -45.33 9.38 -6.26
CA SER A 151 -43.90 9.51 -6.15
C SER A 151 -43.22 9.60 -7.51
N TYR A 152 -42.18 10.43 -7.58
CA TYR A 152 -41.30 10.46 -8.73
C TYR A 152 -39.91 9.92 -8.40
N GLY A 153 -39.79 9.23 -7.29
CA GLY A 153 -38.54 8.57 -6.94
C GLY A 153 -38.18 7.48 -7.92
N ASN A 154 -36.93 7.02 -7.84
CA ASN A 154 -36.41 6.02 -8.77
C ASN A 154 -36.71 4.57 -8.35
N GLY A 155 -37.54 4.36 -7.33
CA GLY A 155 -37.84 2.99 -6.89
C GLY A 155 -38.56 2.13 -7.90
N GLY A 156 -39.37 2.73 -8.77
CA GLY A 156 -40.02 1.91 -9.80
C GLY A 156 -39.04 1.39 -10.82
N ALA A 157 -38.01 2.19 -11.13
CA ALA A 157 -36.98 1.83 -12.10
C ALA A 157 -35.91 0.93 -11.49
N MET A 158 -35.62 1.08 -10.21
CA MET A 158 -34.49 0.34 -9.64
C MET A 158 -34.68 -1.16 -9.71
N ARG A 159 -35.96 -1.59 -9.75
CA ARG A 159 -36.34 -2.99 -9.66
C ARG A 159 -36.84 -3.57 -10.98
N VAL A 160 -36.81 -2.81 -12.07
CA VAL A 160 -37.62 -3.15 -13.23
C VAL A 160 -36.95 -4.09 -14.21
N ALA A 161 -35.67 -4.43 -14.02
CA ALA A 161 -34.98 -5.20 -15.05
C ALA A 161 -35.71 -6.50 -15.38
N GLY A 162 -36.28 -7.15 -14.37
CA GLY A 162 -36.97 -8.43 -14.60
C GLY A 162 -38.11 -8.34 -15.60
N ILE A 163 -38.72 -7.15 -15.73
CA ILE A 163 -39.77 -6.97 -16.73
C ILE A 163 -39.23 -7.24 -18.13
N SER A 164 -38.04 -6.70 -18.43
CA SER A 164 -37.50 -6.89 -19.76
C SER A 164 -36.95 -8.31 -19.99
N LEU A 165 -36.65 -9.06 -18.93
CA LEU A 165 -36.33 -10.47 -19.13
C LEU A 165 -37.58 -11.27 -19.43
N ALA A 166 -38.69 -10.87 -18.82
CA ALA A 166 -39.92 -11.63 -18.97
C ALA A 166 -40.60 -11.36 -20.31
N TYR A 167 -40.49 -10.14 -20.84
CA TYR A 167 -41.23 -9.77 -22.04
C TYR A 167 -40.27 -9.36 -23.14
N SER A 168 -40.40 -9.99 -24.31
CA SER A 168 -39.51 -9.68 -25.43
C SER A 168 -39.98 -8.47 -26.22
N SER A 169 -41.27 -8.24 -26.28
CA SER A 169 -41.86 -7.19 -27.06
C SER A 169 -41.66 -5.81 -26.44
N VAL A 170 -41.30 -4.84 -27.27
CA VAL A 170 -41.22 -3.45 -26.83
C VAL A 170 -42.55 -3.00 -26.23
N GLN A 171 -43.65 -3.41 -26.85
CA GLN A 171 -44.96 -2.98 -26.37
C GLN A 171 -45.27 -3.57 -25.00
N ASP A 172 -44.94 -4.83 -24.77
CA ASP A 172 -45.18 -5.43 -23.47
C ASP A 172 -44.22 -4.85 -22.42
N VAL A 173 -42.97 -4.59 -22.80
CA VAL A 173 -42.04 -3.98 -21.85
C VAL A 173 -42.61 -2.67 -21.32
N GLN A 174 -43.11 -1.83 -22.23
CA GLN A 174 -43.66 -0.56 -21.77
C GLN A 174 -44.88 -0.77 -20.88
N LYS A 175 -45.79 -1.67 -21.30
CA LYS A 175 -47.02 -1.88 -20.57
C LYS A 175 -46.75 -2.34 -19.14
N PHE A 176 -45.86 -3.31 -18.98
CA PHE A 176 -45.68 -3.89 -17.66
C PHE A 176 -44.59 -3.22 -16.85
N ALA A 177 -43.66 -2.51 -17.50
CA ALA A 177 -42.81 -1.59 -16.75
C ALA A 177 -43.67 -0.52 -16.08
N ARG A 178 -44.66 -0.02 -16.82
CA ARG A 178 -45.53 1.01 -16.28
C ARG A 178 -46.38 0.45 -15.15
N LEU A 179 -47.03 -0.69 -15.38
CA LEU A 179 -47.92 -1.24 -14.37
C LEU A 179 -47.16 -1.64 -13.12
N SER A 180 -46.01 -2.29 -13.27
CA SER A 180 -45.27 -2.68 -12.09
C SER A 180 -44.82 -1.44 -11.31
N ALA A 181 -44.40 -0.40 -12.02
CA ALA A 181 -43.94 0.81 -11.37
C ALA A 181 -45.10 1.50 -10.63
N GLN A 182 -46.28 1.49 -11.22
CA GLN A 182 -47.43 2.19 -10.67
C GLN A 182 -47.90 1.60 -9.34
N LEU A 183 -47.48 0.38 -8.99
CA LEU A 183 -47.82 -0.15 -7.68
C LEU A 183 -47.24 0.71 -6.56
N THR A 184 -46.17 1.45 -6.83
CA THR A 184 -45.61 2.35 -5.84
C THR A 184 -45.39 3.77 -6.34
N HIS A 185 -45.32 3.97 -7.66
CA HIS A 185 -44.90 5.23 -8.28
C HIS A 185 -45.96 5.66 -9.30
N ALA A 186 -46.89 6.49 -8.85
CA ALA A 186 -48.03 6.85 -9.70
C ALA A 186 -47.81 8.14 -10.49
N SER A 187 -46.75 8.89 -10.23
CA SER A 187 -46.42 10.05 -11.05
C SER A 187 -45.82 9.58 -12.37
N SER A 188 -46.18 10.27 -13.48
CA SER A 188 -45.55 9.93 -14.75
C SER A 188 -44.04 10.09 -14.68
N LEU A 189 -43.53 11.02 -13.86
CA LEU A 189 -42.07 11.13 -13.75
C LEU A 189 -41.48 9.85 -13.17
N GLY A 190 -42.18 9.23 -12.21
CA GLY A 190 -41.73 7.96 -11.66
C GLY A 190 -41.88 6.79 -12.62
N TYR A 191 -43.08 6.62 -13.20
CA TYR A 191 -43.26 5.42 -14.02
C TYR A 191 -42.61 5.55 -15.41
N ASN A 192 -42.50 6.76 -15.98
CA ASN A 192 -41.79 6.84 -17.24
C ASN A 192 -40.30 6.61 -17.05
N GLY A 193 -39.77 6.91 -15.86
CA GLY A 193 -38.39 6.54 -15.58
C GLY A 193 -38.21 5.04 -15.54
N ALA A 194 -39.20 4.33 -14.98
CA ALA A 194 -39.16 2.88 -14.98
C ALA A 194 -39.26 2.31 -16.40
N ILE A 195 -40.12 2.89 -17.24
CA ILE A 195 -40.23 2.44 -18.62
C ILE A 195 -38.91 2.65 -19.34
N LEU A 196 -38.32 3.84 -19.17
CA LEU A 196 -37.05 4.12 -19.83
C LEU A 196 -35.96 3.14 -19.42
N GLN A 197 -35.87 2.85 -18.13
CA GLN A 197 -34.88 1.87 -17.68
C GLN A 197 -35.21 0.49 -18.26
N ALA A 198 -36.48 0.12 -18.29
CA ALA A 198 -36.83 -1.19 -18.82
C ALA A 198 -36.51 -1.29 -20.30
N LEU A 199 -36.75 -0.20 -21.04
CA LEU A 199 -36.45 -0.19 -22.46
C LEU A 199 -34.96 -0.32 -22.70
N ALA A 200 -34.15 0.33 -21.84
CA ALA A 200 -32.70 0.22 -21.99
C ALA A 200 -32.25 -1.23 -21.77
N VAL A 201 -32.74 -1.89 -20.74
CA VAL A 201 -32.41 -3.31 -20.52
C VAL A 201 -32.89 -4.14 -21.71
N HIS A 202 -34.10 -3.83 -22.19
CA HIS A 202 -34.67 -4.54 -23.34
C HIS A 202 -33.76 -4.45 -24.56
N LEU A 203 -33.22 -3.24 -24.82
CA LEU A 203 -32.38 -3.06 -26.01
C LEU A 203 -31.05 -3.73 -25.82
N ALA A 204 -30.51 -3.69 -24.58
CA ALA A 204 -29.24 -4.32 -24.31
C ALA A 204 -29.31 -5.82 -24.49
N LEU A 205 -30.45 -6.43 -24.15
CA LEU A 205 -30.61 -7.86 -24.33
C LEU A 205 -30.59 -8.27 -25.80
N GLN A 206 -30.79 -7.32 -26.72
CA GLN A 206 -30.76 -7.64 -28.14
C GLN A 206 -29.37 -7.71 -28.71
N GLY A 207 -28.37 -7.30 -27.95
CA GLY A 207 -26.98 -7.45 -28.37
C GLY A 207 -26.39 -6.21 -28.99
N GLU A 208 -25.38 -6.40 -29.83
CA GLU A 208 -24.49 -5.31 -30.20
C GLU A 208 -25.23 -4.15 -30.88
N SER A 209 -24.81 -2.93 -30.52
CA SER A 209 -25.37 -1.69 -31.03
C SER A 209 -24.32 -0.59 -30.92
N SER A 210 -24.36 0.36 -31.84
CA SER A 210 -23.65 1.60 -31.61
C SER A 210 -24.31 2.36 -30.46
N SER A 211 -23.51 3.18 -29.79
CA SER A 211 -24.09 4.03 -28.74
C SER A 211 -25.14 4.96 -29.33
N GLU A 212 -24.91 5.43 -30.56
CA GLU A 212 -25.82 6.38 -31.18
C GLU A 212 -27.18 5.76 -31.50
N HIS A 213 -27.17 4.52 -32.02
CA HIS A 213 -28.41 3.82 -32.31
C HIS A 213 -29.19 3.50 -31.03
N PHE A 214 -28.48 3.04 -30.01
CA PHE A 214 -29.08 2.73 -28.72
C PHE A 214 -29.79 3.96 -28.16
N LEU A 215 -29.10 5.09 -28.13
CA LEU A 215 -29.73 6.30 -27.60
C LEU A 215 -30.90 6.74 -28.45
N LYS A 216 -30.74 6.71 -29.77
CA LYS A 216 -31.81 7.16 -30.66
C LYS A 216 -33.08 6.33 -30.47
N GLN A 217 -32.94 5.01 -30.29
CA GLN A 217 -34.11 4.19 -30.03
C GLN A 217 -34.82 4.63 -28.75
N LEU A 218 -34.07 4.87 -27.68
CA LEU A 218 -34.68 5.28 -26.43
C LEU A 218 -35.34 6.64 -26.57
N LEU A 219 -34.67 7.57 -27.24
CA LEU A 219 -35.24 8.91 -27.42
C LEU A 219 -36.56 8.84 -28.16
N GLY A 220 -36.64 8.04 -29.23
CA GLY A 220 -37.87 7.90 -29.97
C GLY A 220 -39.02 7.40 -29.10
N HIS A 221 -38.75 6.40 -28.26
CA HIS A 221 -39.80 5.88 -27.39
C HIS A 221 -40.24 6.93 -26.38
N MET A 222 -39.30 7.65 -25.76
CA MET A 222 -39.68 8.63 -24.75
C MET A 222 -40.42 9.81 -25.38
N GLU A 223 -40.02 10.22 -26.59
CA GLU A 223 -40.76 11.29 -27.26
C GLU A 223 -42.22 10.91 -27.48
N ASP A 224 -42.47 9.65 -27.79
CA ASP A 224 -43.83 9.17 -27.97
C ASP A 224 -44.61 9.17 -26.64
N LEU A 225 -44.00 8.66 -25.59
CA LEU A 225 -44.68 8.60 -24.30
C LEU A 225 -44.94 9.99 -23.72
N GLU A 226 -43.98 10.90 -23.87
CA GLU A 226 -44.09 12.22 -23.27
C GLU A 226 -44.98 13.16 -24.10
N GLY A 227 -45.53 12.68 -25.20
CA GLY A 227 -46.63 13.36 -25.86
C GLY A 227 -47.96 13.20 -25.17
N ASP A 228 -48.06 12.29 -24.21
CA ASP A 228 -49.32 12.07 -23.52
C ASP A 228 -49.66 13.25 -22.62
N ALA A 229 -50.93 13.63 -22.61
CA ALA A 229 -51.35 14.80 -21.84
C ALA A 229 -51.02 14.66 -20.35
N GLN A 230 -51.09 13.44 -19.81
CA GLN A 230 -50.78 13.27 -18.40
C GLN A 230 -49.34 13.62 -18.09
N SER A 231 -48.42 13.23 -18.99
CA SER A 231 -47.01 13.50 -18.77
C SER A 231 -46.74 15.00 -18.92
N VAL A 232 -47.36 15.63 -19.91
CA VAL A 232 -47.16 17.06 -20.12
C VAL A 232 -47.62 17.85 -18.91
N LEU A 233 -48.77 17.48 -18.34
CA LEU A 233 -49.28 18.16 -17.15
C LEU A 233 -48.32 18.01 -15.98
N ASP A 234 -47.85 16.79 -15.74
CA ASP A 234 -46.97 16.58 -14.58
C ASP A 234 -45.70 17.41 -14.71
N ALA A 235 -45.11 17.45 -15.91
CA ALA A 235 -43.90 18.23 -16.11
C ALA A 235 -44.17 19.72 -15.94
N ARG A 236 -45.28 20.22 -16.51
CA ARG A 236 -45.60 21.64 -16.42
C ARG A 236 -45.75 22.05 -14.96
N GLU A 237 -46.53 21.30 -14.20
CA GLU A 237 -46.80 21.66 -12.80
C GLU A 237 -45.53 21.65 -11.96
N LEU A 238 -44.52 20.87 -12.33
CA LEU A 238 -43.25 20.91 -11.61
C LEU A 238 -42.27 21.90 -12.24
N GLY A 239 -42.73 22.68 -13.21
CA GLY A 239 -41.88 23.66 -13.86
C GLY A 239 -40.76 23.08 -14.66
N MET A 240 -40.92 21.86 -15.16
CA MET A 240 -39.86 21.18 -15.87
C MET A 240 -39.92 21.46 -17.36
N GLU A 241 -38.85 21.08 -18.05
CA GLU A 241 -38.85 21.10 -19.50
C GLU A 241 -40.03 20.31 -20.01
N GLU A 242 -40.55 20.72 -21.17
CA GLU A 242 -41.54 19.89 -21.83
C GLU A 242 -40.81 18.64 -22.40
N ARG A 243 -41.31 17.47 -22.01
CA ARG A 243 -40.78 16.14 -22.34
C ARG A 243 -39.48 15.97 -21.58
N PRO A 244 -39.54 15.75 -20.27
CA PRO A 244 -38.32 15.77 -19.44
C PRO A 244 -37.32 14.67 -19.75
N TYR A 245 -37.77 13.41 -19.88
CA TYR A 245 -36.82 12.34 -20.22
C TYR A 245 -36.24 12.56 -21.60
N SER A 246 -37.09 13.00 -22.55
CA SER A 246 -36.63 13.28 -23.90
C SER A 246 -35.55 14.33 -23.89
N SER A 247 -35.75 15.39 -23.10
CA SER A 247 -34.76 16.46 -23.03
C SER A 247 -33.44 15.96 -22.45
N ARG A 248 -33.50 15.09 -21.44
CA ARG A 248 -32.27 14.58 -20.85
C ARG A 248 -31.57 13.59 -21.78
N LEU A 249 -32.34 12.80 -22.53
CA LEU A 249 -31.70 11.94 -23.51
C LEU A 249 -31.00 12.76 -24.60
N LYS A 250 -31.61 13.87 -25.03
CA LYS A 250 -30.90 14.76 -25.94
C LYS A 250 -29.61 15.29 -25.32
N LYS A 251 -29.63 15.60 -24.01
CA LYS A 251 -28.42 16.08 -23.36
C LYS A 251 -27.37 14.98 -23.30
N ILE A 252 -27.79 13.71 -23.10
CA ILE A 252 -26.83 12.61 -23.18
C ILE A 252 -26.11 12.61 -24.53
N GLY A 253 -26.86 12.80 -25.61
CA GLY A 253 -26.25 12.83 -26.93
C GLY A 253 -25.20 13.91 -27.07
N GLU A 254 -25.49 15.09 -26.50
CA GLU A 254 -24.54 16.18 -26.53
C GLU A 254 -23.33 15.86 -25.66
N LEU A 255 -23.57 15.32 -24.46
CA LEU A 255 -22.47 14.95 -23.57
C LEU A 255 -21.55 13.91 -24.20
N LEU A 256 -22.12 12.95 -24.94
CA LEU A 256 -21.30 11.91 -25.55
C LEU A 256 -20.40 12.45 -26.65
N ASP A 257 -20.73 13.63 -27.17
CA ASP A 257 -19.92 14.30 -28.16
C ASP A 257 -18.98 15.36 -27.60
N GLN A 258 -18.99 15.58 -26.29
CA GLN A 258 -18.30 16.71 -25.68
C GLN A 258 -16.89 16.32 -25.23
N ALA A 259 -15.95 17.24 -25.41
CA ALA A 259 -14.60 17.00 -24.96
C ALA A 259 -14.47 17.14 -23.43
N SER A 260 -13.61 16.29 -22.85
CA SER A 260 -13.16 16.40 -21.45
C SER A 260 -14.34 16.61 -20.49
N VAL A 261 -15.34 15.74 -20.63
CA VAL A 261 -16.49 15.79 -19.73
C VAL A 261 -16.07 15.41 -18.32
N THR A 262 -16.40 16.25 -17.35
CA THR A 262 -16.10 15.99 -15.94
C THR A 262 -17.31 15.43 -15.20
N ARG A 263 -17.03 14.78 -14.07
CA ARG A 263 -18.08 14.30 -13.17
C ARG A 263 -19.06 15.41 -12.78
N GLU A 264 -18.53 16.58 -12.41
CA GLU A 264 -19.40 17.70 -12.09
C GLU A 264 -20.31 18.07 -13.25
N GLU A 265 -19.82 18.03 -14.48
CA GLU A 265 -20.67 18.34 -15.62
C GLU A 265 -21.77 17.30 -15.79
N VAL A 266 -21.42 16.01 -15.65
CA VAL A 266 -22.43 14.97 -15.78
C VAL A 266 -23.55 15.19 -14.76
N VAL A 267 -23.17 15.39 -13.50
CA VAL A 267 -24.14 15.58 -12.44
C VAL A 267 -24.98 16.83 -12.67
N SER A 268 -24.35 17.90 -13.17
CA SER A 268 -25.09 19.14 -13.39
C SER A 268 -26.12 18.99 -14.50
N GLU A 269 -25.87 18.13 -15.48
CA GLU A 269 -26.77 18.02 -16.62
C GLU A 269 -27.79 16.91 -16.46
N LEU A 270 -27.41 15.82 -15.80
CA LEU A 270 -28.26 14.64 -15.68
C LEU A 270 -28.70 14.33 -14.26
N GLY A 271 -27.94 14.77 -13.25
CA GLY A 271 -28.24 14.46 -11.86
C GLY A 271 -27.58 13.19 -11.37
N ASN A 272 -27.60 13.02 -10.06
CA ASN A 272 -27.20 11.76 -9.45
C ASN A 272 -28.07 11.47 -8.25
N GLY A 273 -29.37 11.77 -8.35
CA GLY A 273 -30.26 11.82 -7.20
C GLY A 273 -31.24 10.66 -7.11
N ILE A 274 -32.08 10.75 -6.08
CA ILE A 274 -33.08 9.72 -5.82
C ILE A 274 -34.30 9.87 -6.71
N ALA A 275 -34.49 11.01 -7.37
CA ALA A 275 -35.57 11.13 -8.32
C ALA A 275 -35.26 10.30 -9.57
N ALA A 276 -36.29 9.66 -10.14
CA ALA A 276 -36.08 8.86 -11.36
C ALA A 276 -35.46 9.71 -12.48
N PHE A 277 -35.88 10.98 -12.58
CA PHE A 277 -35.37 11.76 -13.69
C PHE A 277 -33.95 12.22 -13.46
N GLU A 278 -33.45 12.16 -12.22
CA GLU A 278 -32.08 12.52 -11.88
C GLU A 278 -31.19 11.30 -11.71
N SER A 279 -31.66 10.11 -12.12
CA SER A 279 -30.84 8.89 -12.01
C SER A 279 -30.98 7.91 -13.17
N VAL A 280 -32.16 7.76 -13.79
CA VAL A 280 -32.28 6.78 -14.86
C VAL A 280 -31.50 7.27 -16.08
N PRO A 281 -31.66 8.50 -16.56
CA PRO A 281 -30.78 8.94 -17.66
C PRO A 281 -29.30 8.85 -17.29
N THR A 282 -28.95 9.15 -16.04
CA THR A 282 -27.55 9.09 -15.62
C THR A 282 -27.01 7.67 -15.80
N ALA A 283 -27.77 6.66 -15.35
CA ALA A 283 -27.31 5.27 -15.51
C ALA A 283 -27.13 4.92 -16.98
N ILE A 284 -28.07 5.36 -17.82
CA ILE A 284 -27.95 5.10 -19.26
C ILE A 284 -26.71 5.78 -19.82
N TYR A 285 -26.45 7.01 -19.40
CA TYR A 285 -25.26 7.69 -19.86
C TYR A 285 -24.02 6.88 -19.47
N CYS A 286 -23.97 6.40 -18.23
CA CYS A 286 -22.83 5.60 -17.76
C CYS A 286 -22.62 4.40 -18.67
N PHE A 287 -23.70 3.68 -19.00
CA PHE A 287 -23.59 2.54 -19.90
C PHE A 287 -23.04 2.97 -21.26
N LEU A 288 -23.61 4.03 -21.84
CA LEU A 288 -23.23 4.41 -23.20
C LEU A 288 -21.80 4.89 -23.25
N ARG A 289 -21.41 5.73 -22.28
CA ARG A 289 -20.06 6.27 -22.23
C ARG A 289 -19.02 5.17 -22.13
N CYS A 290 -19.29 4.14 -21.32
CA CYS A 290 -18.35 3.08 -21.03
C CYS A 290 -18.38 1.94 -22.04
N MET A 291 -19.14 2.08 -23.13
CA MET A 291 -19.03 1.12 -24.23
C MET A 291 -17.65 1.12 -24.86
N GLU A 292 -16.92 2.22 -24.70
CA GLU A 292 -15.55 2.30 -25.17
C GLU A 292 -14.59 2.41 -23.98
N PRO A 293 -13.35 2.01 -24.15
CA PRO A 293 -12.38 2.15 -23.05
C PRO A 293 -12.21 3.60 -22.63
N ASP A 294 -11.81 3.78 -21.37
CA ASP A 294 -11.54 5.09 -20.78
C ASP A 294 -10.14 5.05 -20.21
N PRO A 295 -9.20 5.86 -20.71
CA PRO A 295 -7.81 5.76 -20.22
C PRO A 295 -7.67 6.06 -18.73
N GLU A 296 -8.68 6.65 -18.11
CA GLU A 296 -8.63 6.91 -16.68
C GLU A 296 -9.05 5.73 -15.82
N ILE A 297 -9.59 4.66 -16.42
CA ILE A 297 -9.89 3.44 -15.69
C ILE A 297 -8.96 2.36 -16.19
N PRO A 298 -8.18 1.72 -15.31
CA PRO A 298 -7.20 0.74 -15.78
C PRO A 298 -7.80 -0.32 -16.67
N SER A 299 -7.07 -0.65 -17.73
CA SER A 299 -7.55 -1.57 -18.74
C SER A 299 -7.69 -2.98 -18.22
N ALA A 300 -7.19 -3.27 -17.01
CA ALA A 300 -7.44 -4.58 -16.42
C ALA A 300 -8.90 -4.79 -16.12
N PHE A 301 -9.68 -3.73 -15.95
CA PHE A 301 -11.12 -3.87 -15.74
C PHE A 301 -11.83 -4.02 -17.08
N ASN A 302 -12.77 -4.96 -17.13
CA ASN A 302 -13.53 -5.20 -18.35
C ASN A 302 -14.64 -4.15 -18.50
N SER A 303 -15.48 -4.33 -19.50
CA SER A 303 -16.47 -3.29 -19.82
C SER A 303 -17.54 -3.21 -18.73
N LEU A 304 -17.99 -4.35 -18.22
CA LEU A 304 -18.96 -4.32 -17.13
C LEU A 304 -18.35 -3.65 -15.91
N GLN A 305 -17.12 -4.02 -15.55
CA GLN A 305 -16.48 -3.43 -14.38
C GLN A 305 -16.27 -1.94 -14.55
N ARG A 306 -15.78 -1.51 -15.70
CA ARG A 306 -15.52 -0.09 -15.86
C ARG A 306 -16.82 0.71 -15.82
N THR A 307 -17.92 0.12 -16.30
CA THR A 307 -19.20 0.80 -16.20
C THR A 307 -19.59 0.99 -14.74
N LEU A 308 -19.49 -0.06 -13.93
CA LEU A 308 -19.86 0.05 -12.53
C LEU A 308 -18.96 1.05 -11.82
N ILE A 309 -17.65 0.99 -12.07
CA ILE A 309 -16.72 1.90 -11.42
C ILE A 309 -17.06 3.34 -11.78
N TYR A 310 -17.33 3.58 -13.07
CA TYR A 310 -17.62 4.93 -13.49
C TYR A 310 -18.91 5.43 -12.85
N SER A 311 -19.93 4.58 -12.82
CA SER A 311 -21.22 4.96 -12.25
C SER A 311 -21.06 5.36 -10.79
N ILE A 312 -20.32 4.56 -10.03
CA ILE A 312 -20.16 4.83 -8.60
C ILE A 312 -19.37 6.11 -8.38
N SER A 313 -18.43 6.42 -9.29
CA SER A 313 -17.61 7.62 -9.18
C SER A 313 -18.42 8.91 -9.30
N LEU A 314 -19.64 8.85 -9.79
CA LEU A 314 -20.47 10.05 -9.84
C LEU A 314 -21.05 10.43 -8.48
N GLY A 315 -21.01 9.54 -7.50
CA GLY A 315 -21.58 9.86 -6.21
C GLY A 315 -23.11 9.94 -6.21
N GLY A 316 -23.65 10.51 -5.14
CA GLY A 316 -25.10 10.60 -5.01
C GLY A 316 -25.73 9.26 -4.66
N ASP A 317 -26.81 8.90 -5.36
CA ASP A 317 -27.57 7.67 -5.07
C ASP A 317 -26.86 6.52 -5.80
N THR A 318 -25.64 6.22 -5.31
CA THR A 318 -24.75 5.33 -6.03
C THR A 318 -25.30 3.91 -6.11
N ASP A 319 -26.03 3.44 -5.09
CA ASP A 319 -26.49 2.06 -5.14
C ASP A 319 -27.48 1.88 -6.29
N THR A 320 -28.38 2.84 -6.46
CA THR A 320 -29.42 2.73 -7.50
C THR A 320 -28.90 3.10 -8.88
N ILE A 321 -28.07 4.12 -9.01
CA ILE A 321 -27.52 4.41 -10.32
C ILE A 321 -26.66 3.25 -10.79
N ALA A 322 -25.87 2.64 -9.88
CA ALA A 322 -25.03 1.51 -10.28
C ALA A 322 -25.87 0.26 -10.55
N THR A 323 -26.95 0.05 -9.79
CA THR A 323 -27.78 -1.13 -10.05
C THR A 323 -28.43 -1.03 -11.43
N MET A 324 -28.86 0.16 -11.82
CA MET A 324 -29.47 0.32 -13.14
C MET A 324 -28.46 0.29 -14.28
N ALA A 325 -27.33 0.97 -14.16
CA ALA A 325 -26.28 0.84 -15.17
C ALA A 325 -25.80 -0.61 -15.26
N GLY A 326 -25.69 -1.28 -14.11
CA GLY A 326 -25.23 -2.67 -14.13
C GLY A 326 -26.21 -3.64 -14.77
N ALA A 327 -27.51 -3.36 -14.61
CA ALA A 327 -28.50 -4.20 -15.27
C ALA A 327 -28.36 -4.07 -16.77
N ILE A 328 -28.17 -2.85 -17.25
CA ILE A 328 -28.04 -2.64 -18.68
C ILE A 328 -26.75 -3.28 -19.18
N ALA A 329 -25.63 -2.97 -18.53
CA ALA A 329 -24.35 -3.48 -18.97
C ALA A 329 -24.30 -5.01 -18.87
N GLY A 330 -24.92 -5.58 -17.84
CA GLY A 330 -24.91 -7.03 -17.71
C GLY A 330 -25.64 -7.72 -18.84
N ALA A 331 -26.79 -7.17 -19.23
CA ALA A 331 -27.56 -7.67 -20.37
C ALA A 331 -26.75 -7.56 -21.65
N TYR A 332 -25.92 -6.52 -21.76
CA TYR A 332 -25.21 -6.23 -23.01
C TYR A 332 -23.95 -7.06 -23.16
N TYR A 333 -23.16 -7.13 -22.10
CA TYR A 333 -21.88 -7.83 -22.09
C TYR A 333 -22.00 -9.29 -21.69
N GLY A 334 -23.00 -9.66 -20.93
CA GLY A 334 -23.21 -11.06 -20.61
C GLY A 334 -22.44 -11.53 -19.39
N MET A 335 -22.73 -12.77 -19.02
CA MET A 335 -22.21 -13.34 -17.79
C MET A 335 -20.70 -13.57 -17.84
N ASP A 336 -20.14 -13.71 -19.03
CA ASP A 336 -18.68 -13.83 -19.14
C ASP A 336 -17.93 -12.61 -18.61
N GLN A 337 -18.58 -11.45 -18.48
CA GLN A 337 -17.93 -10.27 -17.92
C GLN A 337 -18.25 -10.03 -16.44
N VAL A 338 -18.98 -10.93 -15.81
CA VAL A 338 -19.25 -10.88 -14.38
C VAL A 338 -18.06 -11.51 -13.66
N PRO A 339 -17.25 -10.74 -12.94
CA PRO A 339 -16.10 -11.33 -12.23
C PRO A 339 -16.56 -12.13 -11.02
N GLU A 340 -16.04 -13.35 -10.89
CA GLU A 340 -16.45 -14.21 -9.79
C GLU A 340 -16.14 -13.57 -8.45
N SER A 341 -14.96 -12.94 -8.34
CA SER A 341 -14.57 -12.30 -7.08
C SER A 341 -15.57 -11.25 -6.65
N TRP A 342 -16.04 -10.42 -7.60
CA TRP A 342 -17.05 -9.42 -7.28
C TRP A 342 -18.39 -10.07 -6.97
N GLN A 343 -18.81 -10.99 -7.85
CA GLN A 343 -20.12 -11.61 -7.71
C GLN A 343 -20.24 -12.34 -6.38
N GLN A 344 -19.20 -13.08 -6.00
CA GLN A 344 -19.28 -13.88 -4.79
C GLN A 344 -19.18 -13.05 -3.52
N SER A 345 -18.84 -11.77 -3.61
CA SER A 345 -18.92 -10.86 -2.48
C SER A 345 -20.36 -10.43 -2.19
N CYS A 346 -21.29 -10.72 -3.08
CA CYS A 346 -22.64 -10.17 -2.98
C CYS A 346 -23.63 -11.14 -2.34
N GLU A 347 -24.32 -10.66 -1.30
CA GLU A 347 -25.40 -11.41 -0.68
C GLU A 347 -26.41 -11.88 -1.72
N GLY A 348 -26.70 -13.18 -1.69
CA GLY A 348 -27.75 -13.73 -2.52
C GLY A 348 -27.40 -13.88 -3.98
N TYR A 349 -26.11 -13.84 -4.35
CA TYR A 349 -25.77 -13.94 -5.76
C TYR A 349 -26.25 -15.25 -6.37
N GLU A 350 -26.29 -16.34 -5.59
CA GLU A 350 -26.72 -17.59 -6.18
C GLU A 350 -28.22 -17.58 -6.45
N GLU A 351 -29.00 -17.06 -5.51
CA GLU A 351 -30.45 -16.97 -5.73
C GLU A 351 -30.74 -16.04 -6.90
N THR A 352 -30.02 -14.91 -6.99
CA THR A 352 -30.15 -14.03 -8.16
C THR A 352 -29.93 -14.78 -9.45
N ASP A 353 -28.88 -15.61 -9.50
CA ASP A 353 -28.58 -16.34 -10.73
C ASP A 353 -29.66 -17.36 -11.06
N ILE A 354 -30.15 -18.08 -10.05
CA ILE A 354 -31.25 -19.04 -10.27
C ILE A 354 -32.49 -18.33 -10.80
N LEU A 355 -32.81 -17.16 -10.24
CA LEU A 355 -33.97 -16.43 -10.74
C LEU A 355 -33.78 -16.02 -12.20
N ALA A 356 -32.58 -15.60 -12.57
CA ALA A 356 -32.29 -15.27 -13.97
C ALA A 356 -32.49 -16.49 -14.87
N GLN A 357 -31.99 -17.65 -14.44
CA GLN A 357 -32.19 -18.87 -15.23
C GLN A 357 -33.67 -19.26 -15.32
N SER A 358 -34.41 -19.07 -14.23
CA SER A 358 -35.84 -19.38 -14.23
C SER A 358 -36.60 -18.46 -15.17
N LEU A 359 -36.28 -17.17 -15.19
CA LEU A 359 -36.92 -16.28 -16.15
C LEU A 359 -36.66 -16.73 -17.59
N HIS A 360 -35.43 -17.11 -17.87
CA HIS A 360 -35.08 -17.52 -19.22
C HIS A 360 -35.84 -18.79 -19.63
N ARG A 361 -36.06 -19.70 -18.69
CA ARG A 361 -36.79 -20.92 -18.97
C ARG A 361 -38.28 -20.65 -19.12
N VAL A 362 -38.86 -19.94 -18.15
CA VAL A 362 -40.31 -19.79 -18.11
C VAL A 362 -40.79 -18.85 -19.20
N PHE A 363 -40.09 -17.74 -19.43
CA PHE A 363 -40.55 -16.69 -20.34
C PHE A 363 -39.83 -16.65 -21.68
N GLN A 364 -38.51 -16.80 -21.71
CA GLN A 364 -37.85 -16.91 -23.00
C GLN A 364 -38.04 -18.28 -23.62
N LYS A 365 -38.65 -19.21 -22.87
CA LYS A 365 -38.82 -20.59 -23.33
C LYS A 365 -37.54 -21.05 -23.99
N SER A 366 -36.46 -20.80 -23.24
CA SER A 366 -35.06 -20.71 -23.66
C SER A 366 -34.83 -20.53 -25.13
N ALA B 17 8.84 22.37 -34.04
CA ALA B 17 9.46 23.66 -33.78
C ALA B 17 8.83 24.37 -32.59
N GLY B 18 9.67 24.65 -31.61
CA GLY B 18 9.24 25.42 -30.49
C GLY B 18 8.45 24.57 -29.50
N ALA B 19 7.59 25.27 -28.78
CA ALA B 19 6.92 24.68 -27.64
C ALA B 19 5.90 23.67 -28.12
N ALA B 20 5.43 22.86 -27.19
CA ALA B 20 4.38 21.91 -27.49
C ALA B 20 3.18 22.64 -28.04
N ARG B 21 2.59 22.08 -29.10
CA ARG B 21 1.34 22.56 -29.69
C ARG B 21 1.45 23.99 -30.21
N SER B 22 2.64 24.36 -30.65
CA SER B 22 2.89 25.67 -31.21
C SER B 22 2.22 25.85 -32.57
N LEU B 23 2.06 27.12 -32.97
CA LEU B 23 1.52 27.40 -34.28
C LEU B 23 2.35 26.73 -35.38
N SER B 24 3.68 26.78 -35.23
CA SER B 24 4.56 26.16 -36.19
C SER B 24 4.26 24.67 -36.33
N ARG B 25 4.02 23.99 -35.22
CA ARG B 25 3.76 22.56 -35.28
C ARG B 25 2.42 22.27 -35.92
N PHE B 26 1.41 23.13 -35.67
CA PHE B 26 0.12 22.95 -36.30
C PHE B 26 0.22 23.13 -37.80
N ARG B 27 0.86 24.22 -38.25
CA ARG B 27 1.04 24.47 -39.67
C ARG B 27 1.87 23.38 -40.31
N GLY B 28 2.93 22.94 -39.62
CA GLY B 28 3.81 21.94 -40.19
C GLY B 28 3.10 20.60 -40.32
N CYS B 29 2.25 20.30 -39.35
CA CYS B 29 1.51 19.05 -39.38
C CYS B 29 0.65 18.95 -40.63
N LEU B 30 -0.19 19.96 -40.87
CA LEU B 30 -1.09 19.84 -42.01
C LEU B 30 -0.34 20.00 -43.31
N ALA B 31 0.73 20.80 -43.36
CA ALA B 31 1.54 20.92 -44.57
C ALA B 31 2.28 19.62 -44.85
N GLY B 32 2.79 18.97 -43.79
CA GLY B 32 3.43 17.68 -43.94
C GLY B 32 2.50 16.62 -44.49
N ALA B 33 1.27 16.58 -44.00
CA ALA B 33 0.29 15.65 -44.56
C ALA B 33 0.00 15.94 -46.03
N LEU B 34 -0.17 17.22 -46.37
CA LEU B 34 -0.47 17.59 -47.75
C LEU B 34 0.69 17.23 -48.67
N LEU B 35 1.92 17.48 -48.22
CA LEU B 35 3.11 17.10 -48.98
C LEU B 35 3.15 15.59 -49.20
N GLY B 36 2.89 14.81 -48.15
CA GLY B 36 2.86 13.38 -48.32
C GLY B 36 1.82 12.92 -49.33
N ASP B 37 0.61 13.47 -49.23
CA ASP B 37 -0.44 13.12 -50.16
C ASP B 37 -0.06 13.49 -51.59
N CYS B 38 0.37 14.73 -51.80
CA CYS B 38 0.61 15.20 -53.17
C CYS B 38 1.86 14.57 -53.77
N VAL B 39 2.95 14.57 -53.01
CA VAL B 39 4.20 14.05 -53.53
C VAL B 39 4.13 12.53 -53.60
N GLY B 40 3.55 11.90 -52.58
CA GLY B 40 3.34 10.47 -52.63
C GLY B 40 2.47 10.02 -53.81
N SER B 41 1.37 10.73 -54.05
CA SER B 41 0.52 10.36 -55.18
C SER B 41 1.25 10.52 -56.50
N PHE B 42 2.07 11.56 -56.62
CA PHE B 42 2.85 11.78 -57.83
C PHE B 42 3.71 10.57 -58.14
N TYR B 43 4.51 10.13 -57.17
CA TYR B 43 5.39 8.99 -57.42
C TYR B 43 4.61 7.71 -57.60
N GLU B 44 3.54 7.53 -56.84
CA GLU B 44 2.75 6.32 -56.99
C GLU B 44 2.20 6.20 -58.40
N ALA B 45 1.68 7.31 -58.94
CA ALA B 45 1.13 7.32 -60.29
C ALA B 45 2.20 7.05 -61.34
N HIS B 46 3.44 7.46 -61.06
CA HIS B 46 4.55 7.26 -61.97
C HIS B 46 5.23 5.91 -61.77
N ASP B 47 4.65 5.05 -60.92
CA ASP B 47 5.23 3.76 -60.54
C ASP B 47 6.72 3.89 -60.24
N THR B 48 7.05 4.91 -59.46
CA THR B 48 8.44 5.19 -59.09
C THR B 48 8.61 4.83 -57.63
N VAL B 49 9.24 3.68 -57.36
CA VAL B 49 9.43 3.18 -56.01
C VAL B 49 10.91 3.03 -55.67
N ASP B 50 11.72 2.54 -56.59
CA ASP B 50 13.15 2.40 -56.35
C ASP B 50 13.74 3.70 -55.77
N LEU B 51 14.37 3.61 -54.60
CA LEU B 51 14.87 4.81 -53.93
C LEU B 51 15.71 5.66 -54.88
N THR B 52 16.59 5.02 -55.66
CA THR B 52 17.43 5.77 -56.58
C THR B 52 16.61 6.58 -57.57
N SER B 53 15.53 6.01 -58.08
CA SER B 53 14.71 6.72 -59.05
C SER B 53 13.93 7.84 -58.37
N VAL B 54 13.47 7.61 -57.14
CA VAL B 54 12.84 8.67 -56.37
C VAL B 54 13.79 9.85 -56.22
N LEU B 55 15.03 9.58 -55.79
CA LEU B 55 16.00 10.66 -55.64
C LEU B 55 16.31 11.35 -56.96
N ARG B 56 16.34 10.59 -58.05
CA ARG B 56 16.54 11.20 -59.37
C ARG B 56 15.46 12.21 -59.67
N HIS B 57 14.21 11.86 -59.39
CA HIS B 57 13.13 12.70 -59.84
C HIS B 57 12.69 13.73 -58.84
N VAL B 58 13.21 13.68 -57.60
CA VAL B 58 12.77 14.64 -56.60
C VAL B 58 13.30 16.04 -56.91
N GLN B 59 14.34 16.13 -57.74
CA GLN B 59 14.86 17.44 -58.15
C GLN B 59 13.80 18.29 -58.85
N SER B 60 12.76 17.65 -59.39
CA SER B 60 11.67 18.35 -60.07
C SER B 60 11.04 19.44 -59.22
N GLU B 74 1.04 25.24 -58.45
CA GLU B 74 0.43 24.17 -57.64
C GLU B 74 0.09 22.94 -58.51
N ALA B 75 1.13 22.33 -59.06
CA ALA B 75 0.96 21.33 -60.09
C ALA B 75 0.64 19.94 -59.56
N LEU B 76 0.78 19.70 -58.25
CA LEU B 76 0.59 18.36 -57.70
C LEU B 76 -0.78 18.27 -57.04
N TYR B 77 -1.66 17.48 -57.63
CA TYR B 77 -3.02 17.35 -57.13
C TYR B 77 -3.06 16.54 -55.83
N TYR B 78 -3.95 16.92 -54.93
CA TYR B 78 -4.16 16.11 -53.74
C TYR B 78 -5.22 15.03 -54.06
N THR B 79 -5.36 14.07 -53.15
CA THR B 79 -6.28 12.94 -53.33
C THR B 79 -7.38 12.95 -52.26
N ASP B 80 -8.09 11.82 -52.16
CA ASP B 80 -9.13 11.68 -51.14
C ASP B 80 -8.59 11.89 -49.73
N ASP B 81 -7.31 11.62 -49.53
CA ASP B 81 -6.70 11.85 -48.22
C ASP B 81 -6.89 13.28 -47.75
N THR B 82 -6.49 14.24 -48.59
CA THR B 82 -6.61 15.65 -48.25
C THR B 82 -8.05 16.11 -48.29
N ALA B 83 -8.83 15.60 -49.26
CA ALA B 83 -10.20 16.04 -49.39
C ALA B 83 -10.99 15.76 -48.11
N MET B 84 -10.84 14.54 -47.58
CA MET B 84 -11.52 14.18 -46.33
C MET B 84 -10.88 14.86 -45.13
N ALA B 85 -9.58 15.06 -45.14
CA ALA B 85 -8.96 15.77 -44.03
C ALA B 85 -9.50 17.21 -43.95
N ARG B 86 -9.71 17.83 -45.12
CA ARG B 86 -10.21 19.20 -45.14
C ARG B 86 -11.63 19.27 -44.57
N ALA B 87 -12.47 18.31 -44.95
CA ALA B 87 -13.85 18.31 -44.51
C ALA B 87 -13.94 18.05 -43.02
N LEU B 88 -13.10 17.13 -42.50
CA LEU B 88 -13.02 16.87 -41.07
C LEU B 88 -12.65 18.13 -40.30
N VAL B 89 -11.61 18.84 -40.75
CA VAL B 89 -11.18 20.05 -40.07
C VAL B 89 -12.23 21.17 -40.19
N GLN B 90 -12.82 21.32 -41.36
CA GLN B 90 -13.87 22.33 -41.52
C GLN B 90 -15.04 22.07 -40.61
N SER B 91 -15.37 20.80 -40.36
CA SER B 91 -16.47 20.49 -39.44
C SER B 91 -16.09 20.88 -38.02
N LEU B 92 -14.88 20.53 -37.59
CA LEU B 92 -14.45 20.90 -36.25
C LEU B 92 -14.47 22.41 -36.06
N LEU B 93 -14.01 23.14 -37.06
CA LEU B 93 -13.97 24.59 -36.95
C LEU B 93 -15.38 25.18 -36.96
N ALA B 94 -16.26 24.63 -37.79
CA ALA B 94 -17.62 25.18 -37.87
C ALA B 94 -18.36 25.04 -36.55
N LYS B 95 -18.18 23.92 -35.85
CA LYS B 95 -18.90 23.64 -34.61
C LYS B 95 -18.07 23.88 -33.35
N GLU B 96 -16.77 24.19 -33.51
CA GLU B 96 -15.81 24.24 -32.41
C GLU B 96 -15.95 23.04 -31.51
N ALA B 97 -16.23 21.89 -32.13
CA ALA B 97 -16.56 20.66 -31.43
C ALA B 97 -16.77 19.59 -32.48
N PHE B 98 -16.86 18.35 -32.00
CA PHE B 98 -17.26 17.22 -32.83
C PHE B 98 -18.78 17.12 -32.90
N ASP B 99 -19.30 17.06 -34.12
CA ASP B 99 -20.73 16.95 -34.40
C ASP B 99 -20.87 15.94 -35.52
N GLU B 100 -21.38 14.73 -35.19
CA GLU B 100 -21.33 13.64 -36.17
C GLU B 100 -22.19 13.96 -37.38
N VAL B 101 -23.32 14.62 -37.18
CA VAL B 101 -24.21 14.93 -38.31
C VAL B 101 -23.53 15.92 -39.24
N ASP B 102 -22.92 16.96 -38.68
CA ASP B 102 -22.21 17.93 -39.50
C ASP B 102 -21.05 17.30 -40.27
N MET B 103 -20.23 16.50 -39.58
CA MET B 103 -19.04 15.96 -40.22
C MET B 103 -19.43 14.93 -41.29
N ALA B 104 -20.40 14.07 -40.98
CA ALA B 104 -20.85 13.10 -41.96
C ALA B 104 -21.37 13.79 -43.20
N HIS B 105 -22.15 14.86 -43.02
CA HIS B 105 -22.67 15.59 -44.17
C HIS B 105 -21.56 16.29 -44.95
N ARG B 106 -20.56 16.83 -44.25
CA ARG B 106 -19.44 17.45 -44.97
C ARG B 106 -18.65 16.41 -45.76
N PHE B 107 -18.49 15.19 -45.21
CA PHE B 107 -17.84 14.11 -45.97
C PHE B 107 -18.65 13.81 -47.23
N ALA B 108 -19.96 13.64 -47.06
CA ALA B 108 -20.83 13.27 -48.18
C ALA B 108 -20.87 14.37 -49.24
N GLN B 109 -20.95 15.63 -48.80
CA GLN B 109 -21.00 16.74 -49.75
C GLN B 109 -19.68 16.91 -50.47
N GLU B 110 -18.55 16.67 -49.78
CA GLU B 110 -17.27 16.75 -50.48
C GLU B 110 -17.14 15.69 -51.56
N TYR B 111 -17.56 14.46 -51.24
CA TYR B 111 -17.57 13.40 -52.23
C TYR B 111 -18.48 13.77 -53.40
N LYS B 112 -19.67 14.29 -53.12
CA LYS B 112 -20.60 14.65 -54.19
C LYS B 112 -19.99 15.73 -55.09
N LYS B 113 -19.32 16.70 -54.48
CA LYS B 113 -18.72 17.78 -55.24
C LYS B 113 -17.58 17.30 -56.13
N ASP B 114 -16.77 16.36 -55.63
CA ASP B 114 -15.65 15.83 -56.40
C ASP B 114 -15.46 14.36 -56.12
N PRO B 115 -16.20 13.49 -56.84
CA PRO B 115 -16.15 12.05 -56.55
C PRO B 115 -14.95 11.32 -57.14
N ASP B 116 -14.02 12.02 -57.80
CA ASP B 116 -12.97 11.32 -58.52
C ASP B 116 -11.59 11.60 -57.94
N ARG B 117 -11.53 11.94 -56.65
CA ARG B 117 -10.24 12.15 -56.01
C ARG B 117 -9.51 10.86 -55.68
N GLY B 118 -10.14 9.70 -55.85
CA GLY B 118 -9.51 8.42 -55.62
C GLY B 118 -9.99 7.69 -54.38
N TYR B 119 -11.28 7.81 -54.09
CA TYR B 119 -11.86 7.19 -52.91
C TYR B 119 -11.82 5.68 -53.00
N GLY B 120 -11.81 5.02 -51.85
CA GLY B 120 -11.91 3.59 -51.85
C GLY B 120 -13.24 3.13 -52.42
N ALA B 121 -13.22 1.92 -52.98
CA ALA B 121 -14.39 1.43 -53.71
C ALA B 121 -15.58 1.20 -52.80
N GLY B 122 -15.33 0.77 -51.57
CA GLY B 122 -16.41 0.50 -50.64
C GLY B 122 -16.97 1.75 -49.99
N VAL B 123 -16.11 2.69 -49.61
CA VAL B 123 -16.58 3.84 -48.83
C VAL B 123 -17.53 4.73 -49.60
N VAL B 124 -17.48 4.68 -50.94
CA VAL B 124 -18.43 5.49 -51.69
C VAL B 124 -19.87 5.14 -51.35
N THR B 125 -20.14 3.89 -50.95
CA THR B 125 -21.49 3.51 -50.55
C THR B 125 -21.93 4.26 -49.30
N VAL B 126 -21.01 4.45 -48.36
CA VAL B 126 -21.33 5.24 -47.17
C VAL B 126 -21.70 6.66 -47.56
N PHE B 127 -20.93 7.29 -48.44
CA PHE B 127 -21.23 8.65 -48.84
C PHE B 127 -22.59 8.75 -49.52
N LYS B 128 -22.90 7.79 -50.39
CA LYS B 128 -24.18 7.83 -51.09
C LYS B 128 -25.35 7.67 -50.12
N LYS B 129 -25.20 6.77 -49.13
CA LYS B 129 -26.27 6.59 -48.14
C LYS B 129 -26.42 7.81 -47.27
N LEU B 130 -25.31 8.46 -46.92
CA LEU B 130 -25.40 9.66 -46.10
C LEU B 130 -26.01 10.84 -46.84
N LEU B 131 -26.07 10.78 -48.18
CA LEU B 131 -26.68 11.84 -48.96
C LEU B 131 -28.20 11.71 -49.01
N ASN B 132 -28.74 10.56 -48.67
CA ASN B 132 -30.18 10.42 -48.57
C ASN B 132 -30.68 11.15 -47.33
N PRO B 133 -31.47 12.23 -47.45
CA PRO B 133 -31.92 12.92 -46.24
C PRO B 133 -32.69 12.01 -45.29
N LYS B 134 -33.17 10.85 -45.76
CA LYS B 134 -33.87 9.93 -44.87
C LYS B 134 -32.92 9.17 -43.95
N CYS B 135 -31.62 9.37 -44.07
CA CYS B 135 -30.66 8.66 -43.23
C CYS B 135 -30.50 9.47 -41.94
N ARG B 136 -31.12 8.99 -40.86
CA ARG B 136 -31.09 9.71 -39.59
C ARG B 136 -29.96 9.26 -38.67
N ASP B 137 -29.45 8.05 -38.82
CA ASP B 137 -28.33 7.58 -38.00
C ASP B 137 -27.11 7.55 -38.91
N VAL B 138 -26.24 8.56 -38.76
CA VAL B 138 -25.10 8.67 -39.66
C VAL B 138 -24.00 7.66 -39.36
N PHE B 139 -24.08 6.93 -38.24
CA PHE B 139 -23.12 5.84 -38.01
C PHE B 139 -23.56 4.51 -38.61
N GLU B 140 -24.79 4.38 -39.05
CA GLU B 140 -25.25 3.07 -39.48
C GLU B 140 -24.67 2.63 -40.83
N PRO B 141 -24.59 3.52 -41.83
CA PRO B 141 -24.00 3.08 -43.11
C PRO B 141 -22.63 2.44 -42.96
N ALA B 142 -21.74 3.05 -42.16
CA ALA B 142 -20.42 2.44 -41.95
C ALA B 142 -20.52 1.03 -41.34
N ARG B 143 -21.46 0.82 -40.41
CA ARG B 143 -21.58 -0.47 -39.76
C ARG B 143 -22.06 -1.56 -40.73
N ALA B 144 -22.81 -1.18 -41.74
CA ALA B 144 -23.36 -2.15 -42.69
C ALA B 144 -22.32 -2.59 -43.72
N GLN B 145 -21.21 -1.87 -43.85
CA GLN B 145 -20.21 -2.20 -44.86
C GLN B 145 -19.67 -3.63 -44.67
N PHE B 146 -19.37 -4.26 -45.80
CA PHE B 146 -18.75 -5.59 -45.85
C PHE B 146 -19.52 -6.56 -44.97
N ASN B 147 -20.81 -6.71 -45.31
CA ASN B 147 -21.64 -7.71 -44.65
C ASN B 147 -21.75 -7.46 -43.15
N GLY B 148 -21.75 -6.18 -42.77
CA GLY B 148 -21.90 -5.80 -41.39
C GLY B 148 -20.65 -5.90 -40.55
N LYS B 149 -19.48 -6.18 -41.16
CA LYS B 149 -18.24 -6.26 -40.40
C LYS B 149 -17.47 -4.94 -40.37
N GLY B 150 -17.80 -4.01 -41.26
CA GLY B 150 -17.14 -2.72 -41.25
C GLY B 150 -15.84 -2.73 -42.03
N SER B 151 -15.42 -1.54 -42.46
CA SER B 151 -14.18 -1.40 -43.21
C SER B 151 -12.96 -1.54 -42.31
N TYR B 152 -11.89 -2.12 -42.86
CA TYR B 152 -10.58 -2.12 -42.23
C TYR B 152 -9.59 -1.24 -43.00
N GLY B 153 -10.08 -0.46 -43.96
CA GLY B 153 -9.24 0.40 -44.76
C GLY B 153 -8.60 1.50 -43.92
N ASN B 154 -7.60 2.16 -44.49
CA ASN B 154 -6.88 3.23 -43.82
C ASN B 154 -7.54 4.61 -44.00
N GLY B 155 -8.76 4.67 -44.54
CA GLY B 155 -9.39 5.96 -44.78
C GLY B 155 -9.75 6.73 -43.52
N GLY B 156 -10.05 6.03 -42.42
CA GLY B 156 -10.28 6.70 -41.17
C GLY B 156 -9.04 7.37 -40.62
N ALA B 157 -7.89 6.74 -40.84
CA ALA B 157 -6.61 7.25 -40.37
C ALA B 157 -6.02 8.31 -41.30
N MET B 158 -6.27 8.20 -42.61
CA MET B 158 -5.60 9.09 -43.55
C MET B 158 -5.96 10.55 -43.31
N ARG B 159 -7.14 10.80 -42.71
CA ARG B 159 -7.73 12.12 -42.57
C ARG B 159 -7.70 12.66 -41.15
N VAL B 160 -7.16 11.89 -40.20
CA VAL B 160 -7.44 12.12 -38.78
C VAL B 160 -6.52 13.14 -38.12
N ALA B 161 -5.50 13.65 -38.81
CA ALA B 161 -4.52 14.48 -38.12
C ALA B 161 -5.16 15.67 -37.40
N GLY B 162 -6.17 16.31 -38.01
CA GLY B 162 -6.79 17.48 -37.42
C GLY B 162 -7.43 17.24 -36.07
N ILE B 163 -7.80 15.98 -35.78
CA ILE B 163 -8.32 15.64 -34.45
C ILE B 163 -7.28 16.00 -33.39
N SER B 164 -6.01 15.69 -33.63
CA SER B 164 -4.97 15.94 -32.65
C SER B 164 -4.58 17.40 -32.59
N LEU B 165 -4.89 18.18 -33.61
CA LEU B 165 -4.75 19.62 -33.50
C LEU B 165 -5.87 20.22 -32.64
N ALA B 166 -7.08 19.70 -32.78
CA ALA B 166 -8.24 20.26 -32.07
C ALA B 166 -8.25 19.87 -30.60
N TYR B 167 -7.74 18.69 -30.27
CA TYR B 167 -7.86 18.12 -28.94
C TYR B 167 -6.47 17.81 -28.39
N SER B 168 -6.20 18.29 -27.16
CA SER B 168 -4.88 18.14 -26.53
C SER B 168 -4.72 16.88 -25.69
N SER B 169 -5.78 16.36 -25.07
CA SER B 169 -5.63 15.25 -24.17
C SER B 169 -5.72 13.90 -24.88
N VAL B 170 -5.02 12.91 -24.33
CA VAL B 170 -5.14 11.53 -24.82
C VAL B 170 -6.57 11.09 -24.82
N GLN B 171 -7.32 11.38 -23.74
CA GLN B 171 -8.70 10.93 -23.67
C GLN B 171 -9.51 11.48 -24.85
N ASP B 172 -9.36 12.78 -25.12
CA ASP B 172 -10.16 13.36 -26.21
C ASP B 172 -9.64 12.90 -27.56
N VAL B 173 -8.32 12.78 -27.70
CA VAL B 173 -7.79 12.33 -28.98
C VAL B 173 -8.34 10.95 -29.33
N GLN B 174 -8.32 10.02 -28.37
CA GLN B 174 -8.85 8.67 -28.63
C GLN B 174 -10.35 8.74 -28.94
N LYS B 175 -11.07 9.49 -28.11
CA LYS B 175 -12.51 9.59 -28.25
C LYS B 175 -12.91 10.06 -29.64
N PHE B 176 -12.34 11.18 -30.11
CA PHE B 176 -12.78 11.78 -31.36
C PHE B 176 -12.06 11.23 -32.58
N ALA B 177 -10.86 10.66 -32.43
CA ALA B 177 -10.32 9.85 -33.52
C ALA B 177 -11.24 8.66 -33.80
N ARG B 178 -11.73 8.03 -32.73
CA ARG B 178 -12.63 6.91 -32.87
C ARG B 178 -13.92 7.34 -33.53
N LEU B 179 -14.54 8.42 -33.01
CA LEU B 179 -15.86 8.83 -33.52
C LEU B 179 -15.76 9.29 -34.97
N SER B 180 -14.75 10.11 -35.30
CA SER B 180 -14.65 10.58 -36.68
C SER B 180 -14.40 9.42 -37.63
N ALA B 181 -13.61 8.44 -37.20
CA ALA B 181 -13.33 7.28 -38.04
C ALA B 181 -14.58 6.43 -38.25
N GLN B 182 -15.39 6.25 -37.21
CA GLN B 182 -16.56 5.39 -37.27
C GLN B 182 -17.61 5.91 -38.26
N LEU B 183 -17.50 7.16 -38.71
CA LEU B 183 -18.44 7.64 -39.73
C LEU B 183 -18.30 6.84 -41.03
N THR B 184 -17.12 6.28 -41.28
CA THR B 184 -16.87 5.46 -42.46
C THR B 184 -16.28 4.09 -42.15
N HIS B 185 -15.61 3.93 -41.00
CA HIS B 185 -14.80 2.76 -40.66
C HIS B 185 -15.24 2.23 -39.31
N ALA B 186 -16.16 1.27 -39.35
CA ALA B 186 -16.83 0.82 -38.14
C ALA B 186 -16.12 -0.36 -37.48
N SER B 187 -15.25 -1.08 -38.17
CA SER B 187 -14.48 -2.13 -37.52
C SER B 187 -13.36 -1.53 -36.68
N SER B 188 -13.01 -2.23 -35.59
CA SER B 188 -11.89 -1.80 -34.76
C SER B 188 -10.59 -1.78 -35.54
N LEU B 189 -10.42 -2.64 -36.54
CA LEU B 189 -9.20 -2.53 -37.35
C LEU B 189 -9.16 -1.18 -38.04
N GLY B 190 -10.31 -0.69 -38.52
CA GLY B 190 -10.35 0.64 -39.10
C GLY B 190 -10.20 1.78 -38.09
N TYR B 191 -11.00 1.77 -37.01
CA TYR B 191 -10.98 2.94 -36.13
C TYR B 191 -9.79 2.92 -35.18
N ASN B 192 -9.29 1.73 -34.78
CA ASN B 192 -8.10 1.74 -33.96
C ASN B 192 -6.87 2.16 -34.76
N GLY B 193 -6.87 1.92 -36.08
CA GLY B 193 -5.77 2.46 -36.86
C GLY B 193 -5.82 3.98 -36.89
N ALA B 194 -7.02 4.55 -36.94
CA ALA B 194 -7.18 5.99 -36.85
C ALA B 194 -6.74 6.53 -35.49
N ILE B 195 -7.13 5.84 -34.40
CA ILE B 195 -6.69 6.27 -33.07
C ILE B 195 -5.16 6.25 -32.97
N LEU B 196 -4.54 5.17 -33.47
CA LEU B 196 -3.08 5.06 -33.38
C LEU B 196 -2.41 6.20 -34.13
N GLN B 197 -2.89 6.49 -35.34
CA GLN B 197 -2.33 7.59 -36.11
C GLN B 197 -2.54 8.93 -35.40
N ALA B 198 -3.73 9.14 -34.83
CA ALA B 198 -3.98 10.37 -34.10
C ALA B 198 -3.09 10.49 -32.86
N LEU B 199 -2.88 9.37 -32.17
CA LEU B 199 -1.98 9.41 -31.02
C LEU B 199 -0.56 9.69 -31.45
N ALA B 200 -0.15 9.22 -32.64
CA ALA B 200 1.21 9.54 -33.09
C ALA B 200 1.33 11.03 -33.35
N VAL B 201 0.32 11.66 -33.98
CA VAL B 201 0.36 13.10 -34.19
C VAL B 201 0.33 13.84 -32.87
N HIS B 202 -0.51 13.38 -31.95
CA HIS B 202 -0.61 13.98 -30.63
C HIS B 202 0.74 14.00 -29.93
N LEU B 203 1.47 12.89 -29.99
CA LEU B 203 2.77 12.84 -29.34
C LEU B 203 3.78 13.73 -30.05
N ALA B 204 3.77 13.74 -31.38
CA ALA B 204 4.72 14.54 -32.14
C ALA B 204 4.54 16.02 -31.82
N LEU B 205 3.29 16.46 -31.61
CA LEU B 205 3.03 17.85 -31.29
C LEU B 205 3.59 18.24 -29.94
N GLN B 206 4.00 17.28 -29.11
CA GLN B 206 4.52 17.65 -27.80
C GLN B 206 6.00 17.96 -27.81
N GLY B 207 6.70 17.65 -28.89
CA GLY B 207 8.09 18.02 -29.04
C GLY B 207 9.00 16.81 -28.96
N GLU B 208 10.26 17.09 -28.63
CA GLU B 208 11.33 16.14 -28.82
C GLU B 208 11.16 14.89 -27.98
N SER B 209 11.60 13.78 -28.54
CA SER B 209 11.46 12.47 -27.93
C SER B 209 12.50 11.54 -28.53
N SER B 210 12.90 10.53 -27.76
CA SER B 210 13.59 9.40 -28.35
C SER B 210 12.60 8.59 -29.17
N SER B 211 13.12 7.84 -30.14
CA SER B 211 12.24 6.94 -30.87
C SER B 211 11.64 5.89 -29.93
N GLU B 212 12.46 5.40 -28.98
CA GLU B 212 12.02 4.33 -28.09
C GLU B 212 10.87 4.79 -27.19
N HIS B 213 10.96 6.02 -26.66
CA HIS B 213 9.91 6.50 -25.77
C HIS B 213 8.63 6.78 -26.55
N PHE B 214 8.77 7.33 -27.76
CA PHE B 214 7.63 7.58 -28.63
C PHE B 214 6.88 6.28 -28.90
N LEU B 215 7.61 5.24 -29.30
CA LEU B 215 6.99 3.96 -29.61
C LEU B 215 6.37 3.34 -28.35
N LYS B 216 7.08 3.40 -27.22
CA LYS B 216 6.54 2.78 -26.01
C LYS B 216 5.23 3.40 -25.60
N GLN B 217 5.09 4.73 -25.75
CA GLN B 217 3.84 5.37 -25.37
C GLN B 217 2.70 4.90 -26.25
N LEU B 218 2.95 4.80 -27.55
CA LEU B 218 1.95 4.30 -28.47
C LEU B 218 1.56 2.86 -28.14
N LEU B 219 2.55 2.01 -27.87
CA LEU B 219 2.25 0.62 -27.56
C LEU B 219 1.38 0.51 -26.31
N GLY B 220 1.72 1.26 -25.27
CA GLY B 220 0.90 1.26 -24.07
C GLY B 220 -0.55 1.62 -24.32
N HIS B 221 -0.80 2.65 -25.15
CA HIS B 221 -2.17 3.03 -25.43
C HIS B 221 -2.89 1.94 -26.23
N MET B 222 -2.22 1.33 -27.22
CA MET B 222 -2.91 0.32 -28.03
C MET B 222 -3.14 -0.95 -27.23
N GLU B 223 -2.21 -1.28 -26.33
CA GLU B 223 -2.45 -2.43 -25.46
C GLU B 223 -3.69 -2.23 -24.59
N ASP B 224 -3.90 -1.01 -24.12
CA ASP B 224 -5.10 -0.71 -23.34
C ASP B 224 -6.34 -0.89 -24.21
N LEU B 225 -6.30 -0.41 -25.45
CA LEU B 225 -7.51 -0.45 -26.27
C LEU B 225 -7.85 -1.84 -26.79
N GLU B 226 -6.84 -2.65 -27.08
CA GLU B 226 -7.06 -3.90 -27.79
C GLU B 226 -7.49 -5.03 -26.86
N GLY B 227 -7.52 -4.77 -25.56
CA GLY B 227 -8.09 -5.73 -24.65
C GLY B 227 -9.59 -5.66 -24.57
N ASP B 228 -10.20 -4.64 -25.19
CA ASP B 228 -11.65 -4.45 -25.13
C ASP B 228 -12.36 -5.56 -25.89
N ALA B 229 -13.43 -6.07 -25.26
CA ALA B 229 -14.11 -7.23 -25.83
C ALA B 229 -14.56 -6.98 -27.25
N GLN B 230 -15.16 -5.82 -27.50
CA GLN B 230 -15.65 -5.53 -28.84
C GLN B 230 -14.51 -5.45 -29.84
N SER B 231 -13.41 -4.83 -29.44
CA SER B 231 -12.26 -4.77 -30.34
C SER B 231 -11.71 -6.16 -30.62
N VAL B 232 -11.68 -7.02 -29.61
CA VAL B 232 -11.21 -8.38 -29.83
C VAL B 232 -12.14 -9.14 -30.78
N LEU B 233 -13.46 -8.95 -30.63
CA LEU B 233 -14.39 -9.64 -31.50
C LEU B 233 -14.24 -9.20 -32.95
N ASP B 234 -14.10 -7.89 -33.19
CA ASP B 234 -13.87 -7.42 -34.57
C ASP B 234 -12.64 -8.09 -35.19
N ALA B 235 -11.55 -8.20 -34.43
CA ALA B 235 -10.35 -8.84 -34.96
C ALA B 235 -10.61 -10.30 -35.36
N ARG B 236 -11.40 -11.01 -34.56
CA ARG B 236 -11.77 -12.38 -34.91
C ARG B 236 -12.61 -12.41 -36.19
N GLU B 237 -13.57 -11.49 -36.29
CA GLU B 237 -14.48 -11.49 -37.42
C GLU B 237 -13.76 -11.14 -38.72
N LEU B 238 -12.65 -10.42 -38.64
CA LEU B 238 -11.90 -10.00 -39.80
C LEU B 238 -10.67 -10.86 -40.03
N GLY B 239 -10.51 -11.93 -39.26
CA GLY B 239 -9.45 -12.88 -39.53
C GLY B 239 -8.07 -12.39 -39.17
N MET B 240 -7.96 -11.55 -38.15
CA MET B 240 -6.68 -11.01 -37.75
C MET B 240 -6.17 -11.66 -36.46
N GLU B 241 -4.86 -11.56 -36.28
CA GLU B 241 -4.24 -11.98 -35.05
C GLU B 241 -4.84 -11.24 -33.87
N GLU B 242 -4.57 -11.73 -32.69
CA GLU B 242 -4.95 -11.04 -31.47
C GLU B 242 -4.15 -9.74 -31.36
N ARG B 243 -4.81 -8.70 -30.86
CA ARG B 243 -4.17 -7.41 -30.61
C ARG B 243 -3.28 -7.01 -31.79
N PRO B 244 -3.90 -6.70 -32.92
CA PRO B 244 -3.11 -6.50 -34.14
C PRO B 244 -2.18 -5.28 -34.10
N TYR B 245 -2.64 -4.14 -33.58
CA TYR B 245 -1.75 -2.97 -33.58
C TYR B 245 -0.64 -3.14 -32.55
N SER B 246 -0.95 -3.70 -31.37
CA SER B 246 0.09 -3.96 -30.39
C SER B 246 1.17 -4.84 -30.99
N SER B 247 0.77 -5.91 -31.68
CA SER B 247 1.74 -6.82 -32.28
C SER B 247 2.62 -6.09 -33.29
N ARG B 248 2.00 -5.25 -34.13
CA ARG B 248 2.76 -4.51 -35.14
C ARG B 248 3.70 -3.50 -34.50
N LEU B 249 3.27 -2.84 -33.41
CA LEU B 249 4.15 -1.89 -32.74
C LEU B 249 5.35 -2.60 -32.12
N LYS B 250 5.13 -3.81 -31.59
CA LYS B 250 6.26 -4.58 -31.09
C LYS B 250 7.21 -4.95 -32.23
N LYS B 251 6.66 -5.25 -33.42
CA LYS B 251 7.53 -5.55 -34.56
C LYS B 251 8.34 -4.33 -34.95
N ILE B 252 7.74 -3.14 -34.85
CA ILE B 252 8.49 -1.90 -35.10
C ILE B 252 9.68 -1.80 -34.18
N GLY B 253 9.48 -2.06 -32.90
CA GLY B 253 10.59 -1.99 -31.96
C GLY B 253 11.70 -2.94 -32.34
N GLU B 254 11.34 -4.14 -32.79
CA GLU B 254 12.36 -5.08 -33.25
C GLU B 254 13.10 -4.51 -34.45
N LEU B 255 12.37 -3.95 -35.42
CA LEU B 255 12.99 -3.49 -36.66
C LEU B 255 13.92 -2.32 -36.38
N LEU B 256 13.53 -1.45 -35.44
CA LEU B 256 14.38 -0.31 -35.12
C LEU B 256 15.70 -0.72 -34.52
N ASP B 257 15.80 -1.94 -33.96
CA ASP B 257 17.06 -2.41 -33.39
C ASP B 257 17.78 -3.39 -34.28
N GLN B 258 17.25 -3.67 -35.46
CA GLN B 258 17.74 -4.73 -36.31
C GLN B 258 18.80 -4.22 -37.27
N ALA B 259 19.82 -5.04 -37.50
CA ALA B 259 20.84 -4.70 -38.48
C ALA B 259 20.34 -4.88 -39.90
N SER B 260 20.75 -3.94 -40.77
CA SER B 260 20.57 -4.07 -42.21
C SER B 260 19.14 -4.36 -42.61
N VAL B 261 18.21 -3.55 -42.12
CA VAL B 261 16.80 -3.69 -42.50
C VAL B 261 16.68 -3.43 -43.98
N THR B 262 15.92 -4.26 -44.68
CA THR B 262 15.65 -4.07 -46.09
C THR B 262 14.21 -3.61 -46.30
N ARG B 263 13.98 -2.95 -47.45
CA ARG B 263 12.63 -2.59 -47.84
C ARG B 263 11.72 -3.82 -47.82
N GLU B 264 12.21 -4.94 -48.33
CA GLU B 264 11.40 -6.15 -48.39
C GLU B 264 10.99 -6.60 -47.01
N GLU B 265 11.89 -6.49 -46.02
CA GLU B 265 11.52 -6.83 -44.65
C GLU B 265 10.45 -5.89 -44.11
N VAL B 266 10.60 -4.59 -44.36
CA VAL B 266 9.61 -3.64 -43.88
C VAL B 266 8.24 -3.97 -44.45
N VAL B 267 8.17 -4.17 -45.78
CA VAL B 267 6.88 -4.40 -46.44
C VAL B 267 6.29 -5.72 -45.98
N SER B 268 7.13 -6.75 -45.85
CA SER B 268 6.66 -8.06 -45.40
C SER B 268 6.14 -8.00 -43.97
N GLU B 269 6.90 -7.37 -43.09
CA GLU B 269 6.58 -7.41 -41.67
C GLU B 269 5.56 -6.39 -41.22
N LEU B 270 5.54 -5.21 -41.85
CA LEU B 270 4.60 -4.14 -41.49
C LEU B 270 3.54 -3.90 -42.56
N GLY B 271 3.89 -4.01 -43.82
CA GLY B 271 2.93 -3.83 -44.89
C GLY B 271 3.09 -2.49 -45.58
N ASN B 272 2.50 -2.38 -46.76
CA ASN B 272 2.43 -1.10 -47.47
C ASN B 272 1.09 -0.97 -48.21
N GLY B 273 0.02 -1.46 -47.56
CA GLY B 273 -1.25 -1.66 -48.21
C GLY B 273 -2.32 -0.67 -47.82
N ILE B 274 -3.52 -0.91 -48.37
CA ILE B 274 -4.63 -0.02 -48.12
C ILE B 274 -5.33 -0.30 -46.79
N ALA B 275 -5.10 -1.47 -46.18
CA ALA B 275 -5.62 -1.72 -44.86
C ALA B 275 -4.88 -0.88 -43.82
N ALA B 276 -5.62 -0.38 -42.84
CA ALA B 276 -5.00 0.45 -41.80
C ALA B 276 -3.89 -0.32 -41.06
N PHE B 277 -4.11 -1.63 -40.83
CA PHE B 277 -3.11 -2.50 -40.19
C PHE B 277 -1.84 -2.61 -41.00
N GLU B 278 -1.92 -2.44 -42.31
CA GLU B 278 -0.79 -2.56 -43.23
C GLU B 278 -0.22 -1.22 -43.66
N SER B 279 -0.62 -0.13 -43.03
CA SER B 279 -0.14 1.20 -43.40
C SER B 279 0.07 2.15 -42.22
N VAL B 280 -0.74 2.12 -41.16
CA VAL B 280 -0.55 3.09 -40.08
C VAL B 280 0.73 2.74 -39.31
N PRO B 281 0.94 1.48 -38.87
CA PRO B 281 2.25 1.19 -38.24
C PRO B 281 3.40 1.47 -39.17
N THR B 282 3.23 1.25 -40.46
CA THR B 282 4.30 1.51 -41.40
C THR B 282 4.65 2.99 -41.45
N ALA B 283 3.64 3.86 -41.51
CA ALA B 283 3.90 5.29 -41.52
C ALA B 283 4.66 5.70 -40.26
N ILE B 284 4.23 5.16 -39.11
CA ILE B 284 4.89 5.44 -37.84
C ILE B 284 6.35 4.98 -37.86
N TYR B 285 6.60 3.77 -38.38
CA TYR B 285 7.97 3.30 -38.53
C TYR B 285 8.79 4.28 -39.37
N CYS B 286 8.22 4.75 -40.49
CA CYS B 286 8.95 5.68 -41.35
C CYS B 286 9.39 6.91 -40.56
N PHE B 287 8.46 7.47 -39.79
CA PHE B 287 8.79 8.61 -38.94
C PHE B 287 9.89 8.26 -37.93
N LEU B 288 9.76 7.14 -37.21
CA LEU B 288 10.73 6.82 -36.16
C LEU B 288 12.11 6.53 -36.76
N ARG B 289 12.16 5.74 -37.83
CA ARG B 289 13.43 5.41 -38.45
C ARG B 289 14.15 6.67 -38.90
N CYS B 290 13.41 7.61 -39.47
CA CYS B 290 14.00 8.79 -40.08
C CYS B 290 14.28 9.90 -39.09
N MET B 291 14.16 9.63 -37.79
CA MET B 291 14.56 10.62 -36.79
C MET B 291 16.06 10.84 -36.79
N GLU B 292 16.81 9.88 -37.30
CA GLU B 292 18.23 9.97 -37.51
C GLU B 292 18.56 9.92 -39.00
N PRO B 293 19.73 10.43 -39.37
CA PRO B 293 20.13 10.40 -40.78
C PRO B 293 20.11 9.00 -41.35
N ASP B 294 19.82 8.93 -42.63
CA ASP B 294 19.81 7.69 -43.41
C ASP B 294 20.90 7.83 -44.45
N PRO B 295 21.98 7.06 -44.38
CA PRO B 295 23.11 7.27 -45.31
C PRO B 295 22.76 7.06 -46.77
N GLU B 296 21.64 6.42 -47.08
CA GLU B 296 21.19 6.29 -48.46
C GLU B 296 20.36 7.47 -48.95
N ILE B 297 20.07 8.45 -48.11
CA ILE B 297 19.31 9.63 -48.52
C ILE B 297 20.23 10.83 -48.33
N PRO B 298 20.53 11.58 -49.38
CA PRO B 298 21.46 12.70 -49.27
C PRO B 298 21.13 13.61 -48.09
N SER B 299 22.19 14.03 -47.40
CA SER B 299 22.05 14.82 -46.19
C SER B 299 21.52 16.23 -46.46
N ALA B 300 21.52 16.68 -47.72
CA ALA B 300 20.93 17.97 -48.04
C ALA B 300 19.42 17.99 -47.81
N PHE B 301 18.77 16.83 -47.79
CA PHE B 301 17.36 16.75 -47.47
C PHE B 301 17.18 16.84 -45.96
N ASN B 302 16.22 17.65 -45.52
CA ASN B 302 15.97 17.80 -44.09
C ASN B 302 15.20 16.60 -43.56
N SER B 303 14.85 16.64 -42.27
CA SER B 303 14.28 15.47 -41.63
C SER B 303 12.88 15.18 -42.15
N LEU B 304 12.10 16.22 -42.46
CA LEU B 304 10.77 15.99 -43.01
C LEU B 304 10.90 15.40 -44.40
N GLN B 305 11.78 15.98 -45.22
CA GLN B 305 11.95 15.49 -46.57
C GLN B 305 12.44 14.05 -46.58
N ARG B 306 13.41 13.72 -45.71
CA ARG B 306 13.91 12.35 -45.73
C ARG B 306 12.85 11.36 -45.27
N THR B 307 11.98 11.78 -44.34
CA THR B 307 10.87 10.91 -43.93
C THR B 307 9.95 10.62 -45.11
N LEU B 308 9.59 11.67 -45.86
CA LEU B 308 8.71 11.48 -46.99
C LEU B 308 9.36 10.65 -48.07
N ILE B 309 10.64 10.93 -48.37
CA ILE B 309 11.34 10.17 -49.39
C ILE B 309 11.36 8.69 -48.99
N TYR B 310 11.71 8.40 -47.73
CA TYR B 310 11.80 7.02 -47.31
C TYR B 310 10.44 6.34 -47.41
N SER B 311 9.39 7.02 -46.95
CA SER B 311 8.07 6.41 -47.02
C SER B 311 7.70 6.09 -48.46
N ILE B 312 8.01 6.99 -49.40
CA ILE B 312 7.67 6.76 -50.80
C ILE B 312 8.43 5.56 -51.36
N SER B 313 9.66 5.34 -50.90
CA SER B 313 10.47 4.23 -51.37
C SER B 313 9.90 2.88 -50.98
N LEU B 314 8.90 2.83 -50.11
CA LEU B 314 8.30 1.56 -49.75
C LEU B 314 7.27 1.10 -50.78
N GLY B 315 6.78 2.00 -51.62
CA GLY B 315 5.76 1.63 -52.60
C GLY B 315 4.43 1.28 -51.96
N GLY B 316 3.57 0.61 -52.74
CA GLY B 316 2.24 0.31 -52.24
C GLY B 316 1.33 1.51 -52.22
N ASP B 317 0.59 1.67 -51.12
CA ASP B 317 -0.39 2.76 -50.99
C ASP B 317 0.33 4.04 -50.54
N THR B 318 1.18 4.54 -51.44
CA THR B 318 2.17 5.53 -51.07
C THR B 318 1.53 6.87 -50.72
N ASP B 319 0.46 7.25 -51.40
CA ASP B 319 -0.12 8.54 -51.04
C ASP B 319 -0.54 8.55 -49.58
N THR B 320 -1.12 7.46 -49.11
CA THR B 320 -1.63 7.45 -47.75
C THR B 320 -0.54 7.19 -46.71
N ILE B 321 0.40 6.29 -47.00
CA ILE B 321 1.51 6.11 -46.09
C ILE B 321 2.27 7.41 -45.93
N ALA B 322 2.55 8.09 -47.04
CA ALA B 322 3.27 9.35 -46.96
C ALA B 322 2.44 10.43 -46.28
N THR B 323 1.13 10.50 -46.53
CA THR B 323 0.35 11.53 -45.85
C THR B 323 0.42 11.34 -44.35
N MET B 324 0.36 10.09 -43.90
CA MET B 324 0.37 9.84 -42.46
C MET B 324 1.75 10.05 -41.86
N ALA B 325 2.80 9.58 -42.52
CA ALA B 325 4.14 9.86 -42.01
C ALA B 325 4.41 11.36 -42.03
N GLY B 326 3.91 12.03 -43.07
CA GLY B 326 4.13 13.46 -43.15
C GLY B 326 3.40 14.27 -42.10
N ALA B 327 2.20 13.85 -41.71
CA ALA B 327 1.47 14.51 -40.63
C ALA B 327 2.24 14.41 -39.31
N ILE B 328 2.79 13.24 -39.03
CA ILE B 328 3.55 13.08 -37.79
C ILE B 328 4.82 13.91 -37.86
N ALA B 329 5.57 13.75 -38.93
CA ALA B 329 6.84 14.45 -39.07
C ALA B 329 6.64 15.95 -39.09
N GLY B 330 5.56 16.43 -39.71
CA GLY B 330 5.32 17.86 -39.75
C GLY B 330 5.02 18.43 -38.37
N ALA B 331 4.28 17.68 -37.57
CA ALA B 331 3.97 18.08 -36.20
C ALA B 331 5.22 18.11 -35.35
N TYR B 332 6.16 17.20 -35.62
CA TYR B 332 7.36 17.03 -34.85
C TYR B 332 8.43 18.04 -35.22
N TYR B 333 8.63 18.28 -36.52
CA TYR B 333 9.69 19.16 -36.99
C TYR B 333 9.24 20.59 -37.22
N GLY B 334 7.94 20.80 -37.41
CA GLY B 334 7.38 22.12 -37.61
C GLY B 334 7.65 22.75 -38.98
N MET B 335 7.11 23.97 -39.12
CA MET B 335 7.12 24.63 -40.43
C MET B 335 8.51 24.94 -40.92
N ASP B 336 9.49 25.05 -40.03
CA ASP B 336 10.84 25.37 -40.48
C ASP B 336 11.40 24.32 -41.41
N GLN B 337 10.88 23.10 -41.32
CA GLN B 337 11.31 22.01 -42.19
C GLN B 337 10.35 21.73 -43.34
N VAL B 338 9.35 22.59 -43.56
CA VAL B 338 8.48 22.49 -44.73
C VAL B 338 9.11 23.31 -45.85
N PRO B 339 9.66 22.68 -46.89
CA PRO B 339 10.37 23.47 -47.91
C PRO B 339 9.36 24.22 -48.74
N GLU B 340 9.57 25.53 -48.87
CA GLU B 340 8.63 26.35 -49.62
C GLU B 340 8.46 25.85 -51.04
N SER B 341 9.54 25.38 -51.68
CA SER B 341 9.45 24.90 -53.05
C SER B 341 8.57 23.66 -53.15
N TRP B 342 8.67 22.76 -52.19
CA TRP B 342 7.79 21.60 -52.18
C TRP B 342 6.35 21.99 -51.84
N GLN B 343 6.18 22.75 -50.76
CA GLN B 343 4.84 23.17 -50.32
C GLN B 343 4.06 23.88 -51.43
N GLN B 344 4.70 24.83 -52.11
CA GLN B 344 3.97 25.57 -53.12
C GLN B 344 3.68 24.78 -54.38
N SER B 345 4.27 23.60 -54.55
CA SER B 345 3.90 22.68 -55.60
C SER B 345 2.58 21.97 -55.31
N CYS B 346 2.07 22.07 -54.10
CA CYS B 346 0.93 21.27 -53.69
C CYS B 346 -0.38 22.01 -53.88
N GLU B 347 -1.33 21.37 -54.54
CA GLU B 347 -2.68 21.88 -54.66
C GLU B 347 -3.25 22.22 -53.30
N GLY B 348 -3.74 23.45 -53.14
CA GLY B 348 -4.42 23.84 -51.92
C GLY B 348 -3.56 24.15 -50.72
N TYR B 349 -2.25 24.40 -50.91
CA TYR B 349 -1.39 24.55 -49.75
C TYR B 349 -1.77 25.79 -48.93
N GLU B 350 -2.28 26.85 -49.56
CA GLU B 350 -2.66 28.02 -48.78
C GLU B 350 -3.90 27.75 -47.92
N GLU B 351 -4.90 27.09 -48.50
CA GLU B 351 -6.08 26.75 -47.72
C GLU B 351 -5.73 25.80 -46.57
N THR B 352 -4.85 24.84 -46.85
CA THR B 352 -4.33 23.97 -45.80
C THR B 352 -3.70 24.77 -44.68
N ASP B 353 -2.87 25.77 -45.02
CA ASP B 353 -2.22 26.59 -44.02
C ASP B 353 -3.21 27.43 -43.22
N ILE B 354 -4.20 28.02 -43.89
CA ILE B 354 -5.24 28.81 -43.20
C ILE B 354 -5.99 27.93 -42.22
N LEU B 355 -6.30 26.69 -42.61
CA LEU B 355 -7.01 25.80 -41.70
C LEU B 355 -6.16 25.44 -40.48
N ALA B 356 -4.85 25.22 -40.68
CA ALA B 356 -3.96 24.98 -39.54
C ALA B 356 -3.94 26.18 -38.58
N GLN B 357 -3.83 27.38 -39.14
CA GLN B 357 -3.84 28.57 -38.30
C GLN B 357 -5.16 28.69 -37.56
N SER B 358 -6.27 28.40 -38.22
CA SER B 358 -7.57 28.53 -37.58
C SER B 358 -7.73 27.49 -36.47
N LEU B 359 -7.27 26.25 -36.70
CA LEU B 359 -7.31 25.26 -35.62
C LEU B 359 -6.53 25.72 -34.39
N HIS B 360 -5.35 26.33 -34.61
CA HIS B 360 -4.57 26.81 -33.48
C HIS B 360 -5.29 27.95 -32.76
N ARG B 361 -5.91 28.85 -33.51
CA ARG B 361 -6.60 29.97 -32.90
C ARG B 361 -7.81 29.50 -32.10
N VAL B 362 -8.62 28.62 -32.69
CA VAL B 362 -9.84 28.18 -32.04
C VAL B 362 -9.56 27.26 -30.86
N PHE B 363 -8.72 26.26 -31.07
CA PHE B 363 -8.60 25.18 -30.08
C PHE B 363 -7.40 25.34 -29.15
N GLN B 364 -6.43 26.18 -29.50
CA GLN B 364 -5.42 26.60 -28.54
C GLN B 364 -5.73 27.95 -27.89
N LYS B 365 -6.95 28.45 -28.04
CA LYS B 365 -7.35 29.68 -27.34
C LYS B 365 -6.42 30.82 -27.69
N SER B 366 -6.40 31.19 -28.97
CA SER B 366 -5.63 32.34 -29.42
C SER B 366 -6.57 33.43 -29.96
N ALA C 17 14.69 -21.96 31.07
CA ALA C 17 13.36 -21.97 31.66
C ALA C 17 12.42 -22.84 30.82
N GLY C 18 12.81 -23.10 29.58
CA GLY C 18 12.08 -24.01 28.75
C GLY C 18 10.86 -23.44 28.07
N ALA C 19 9.88 -24.29 27.85
CA ALA C 19 8.70 -23.93 27.07
C ALA C 19 7.82 -22.98 27.86
N ALA C 20 6.87 -22.38 27.14
CA ALA C 20 5.86 -21.52 27.74
C ALA C 20 5.15 -22.28 28.84
N ARG C 21 4.95 -21.60 29.97
CA ARG C 21 4.17 -22.12 31.09
C ARG C 21 4.70 -23.45 31.62
N SER C 22 6.03 -23.62 31.57
CA SER C 22 6.69 -24.79 32.11
C SER C 22 6.65 -24.82 33.64
N LEU C 23 6.91 -26.01 34.19
CA LEU C 23 7.04 -26.14 35.64
C LEU C 23 8.14 -25.22 36.18
N SER C 24 9.26 -25.13 35.47
CA SER C 24 10.33 -24.26 35.93
C SER C 24 9.87 -22.82 36.01
N ARG C 25 9.08 -22.36 35.03
CA ARG C 25 8.61 -20.98 35.07
C ARG C 25 7.63 -20.77 36.22
N PHE C 26 6.83 -21.78 36.53
CA PHE C 26 5.87 -21.66 37.63
C PHE C 26 6.61 -21.56 38.96
N ARG C 27 7.56 -22.45 39.18
CA ARG C 27 8.35 -22.44 40.40
C ARG C 27 9.15 -21.17 40.50
N GLY C 28 9.76 -20.74 39.40
CA GLY C 28 10.54 -19.51 39.44
C GLY C 28 9.70 -18.29 39.73
N CYS C 29 8.47 -18.28 39.22
CA CYS C 29 7.58 -17.14 39.46
C CYS C 29 7.33 -16.96 40.95
N LEU C 30 6.84 -17.99 41.63
CA LEU C 30 6.50 -17.83 43.05
C LEU C 30 7.75 -17.67 43.91
N ALA C 31 8.88 -18.30 43.54
CA ALA C 31 10.10 -18.08 44.31
C ALA C 31 10.60 -16.65 44.12
N GLY C 32 10.56 -16.14 42.90
CA GLY C 32 10.97 -14.76 42.66
C GLY C 32 10.14 -13.77 43.44
N ALA C 33 8.83 -14.01 43.52
CA ALA C 33 7.98 -13.12 44.32
C ALA C 33 8.35 -13.22 45.79
N LEU C 34 8.61 -14.45 46.27
CA LEU C 34 8.96 -14.62 47.68
C LEU C 34 10.27 -13.91 48.00
N LEU C 35 11.26 -14.07 47.12
CA LEU C 35 12.54 -13.39 47.29
C LEU C 35 12.36 -11.88 47.33
N GLY C 36 11.51 -11.33 46.45
CA GLY C 36 11.33 -9.89 46.45
C GLY C 36 10.74 -9.40 47.76
N ASP C 37 9.74 -10.13 48.28
CA ASP C 37 9.11 -9.73 49.54
C ASP C 37 10.08 -9.82 50.70
N CYS C 38 10.73 -10.98 50.84
CA CYS C 38 11.58 -11.23 52.01
C CYS C 38 12.81 -10.33 52.00
N VAL C 39 13.51 -10.27 50.85
CA VAL C 39 14.72 -9.47 50.77
C VAL C 39 14.38 -7.99 50.71
N GLY C 40 13.33 -7.63 49.95
CA GLY C 40 12.91 -6.24 49.91
C GLY C 40 12.47 -5.71 51.26
N SER C 41 11.86 -6.56 52.07
CA SER C 41 11.34 -6.09 53.35
C SER C 41 12.45 -5.51 54.23
N PHE C 42 13.67 -6.00 54.08
CA PHE C 42 14.82 -5.41 54.77
C PHE C 42 14.86 -3.91 54.63
N TYR C 43 14.54 -3.39 53.44
CA TYR C 43 14.72 -1.99 53.12
C TYR C 43 13.40 -1.21 53.10
N GLU C 44 12.36 -1.76 53.71
CA GLU C 44 11.09 -1.06 53.80
C GLU C 44 11.19 0.18 54.70
N VAL C 49 18.29 3.95 50.82
CA VAL C 49 18.69 2.75 50.10
C VAL C 49 19.44 3.16 48.82
N ASP C 50 20.64 2.62 48.64
CA ASP C 50 21.44 2.90 47.44
C ASP C 50 22.13 1.63 46.97
N LEU C 51 22.38 1.55 45.66
CA LEU C 51 22.92 0.34 45.04
C LEU C 51 24.11 -0.21 45.82
N THR C 52 25.05 0.65 46.20
CA THR C 52 26.16 0.20 47.05
C THR C 52 25.62 -0.45 48.32
N SER C 53 24.63 0.19 48.94
CA SER C 53 23.96 -0.38 50.11
C SER C 53 23.54 -1.82 49.86
N VAL C 54 22.73 -2.01 48.82
CA VAL C 54 22.07 -3.30 48.58
C VAL C 54 23.09 -4.37 48.28
N LEU C 55 24.08 -4.06 47.45
CA LEU C 55 25.06 -5.07 47.04
C LEU C 55 25.80 -5.59 48.27
N ARG C 56 26.25 -4.68 49.13
CA ARG C 56 26.77 -5.05 50.44
C ARG C 56 25.83 -6.02 51.16
N HIS C 57 24.56 -5.64 51.26
CA HIS C 57 23.63 -6.40 52.08
C HIS C 57 23.40 -7.80 51.53
N VAL C 58 23.24 -7.94 50.22
CA VAL C 58 22.91 -9.27 49.70
C VAL C 58 24.08 -10.23 49.84
N GLN C 59 25.28 -9.73 50.13
CA GLN C 59 26.40 -10.62 50.44
C GLN C 59 26.00 -11.60 51.54
N SER C 60 25.18 -11.14 52.48
CA SER C 60 24.76 -11.91 53.65
C SER C 60 23.84 -13.07 53.31
N LEU C 61 23.32 -13.15 52.10
CA LEU C 61 22.45 -14.25 51.70
C LEU C 61 23.30 -15.38 51.15
N THR C 73 16.83 -21.62 60.07
CA THR C 73 17.71 -21.31 58.94
C THR C 73 17.03 -20.38 57.93
N GLU C 74 15.68 -20.33 58.00
CA GLU C 74 14.88 -19.46 57.12
C GLU C 74 14.70 -18.12 57.81
N ALA C 75 15.72 -17.27 57.67
CA ALA C 75 15.88 -16.11 58.54
C ALA C 75 15.03 -14.90 58.16
N LEU C 76 14.56 -14.78 56.92
CA LEU C 76 13.86 -13.60 56.46
C LEU C 76 12.36 -13.88 56.46
N TYR C 77 11.62 -13.15 57.30
CA TYR C 77 10.17 -13.28 57.27
C TYR C 77 9.58 -12.70 55.99
N TYR C 78 8.49 -13.31 55.52
CA TYR C 78 7.68 -12.74 54.45
C TYR C 78 6.64 -11.80 55.08
N THR C 79 5.99 -10.99 54.24
CA THR C 79 5.03 -10.01 54.72
C THR C 79 3.64 -10.27 54.15
N ASP C 80 2.76 -9.28 54.27
CA ASP C 80 1.42 -9.38 53.71
C ASP C 80 1.43 -9.76 52.23
N ASP C 81 2.46 -9.33 51.48
CA ASP C 81 2.52 -9.69 50.07
C ASP C 81 2.41 -11.21 49.89
N THR C 82 3.24 -11.95 50.61
CA THR C 82 3.27 -13.40 50.44
C THR C 82 2.09 -14.05 51.14
N ALA C 83 1.71 -13.56 52.31
CA ALA C 83 0.56 -14.13 53.02
C ALA C 83 -0.67 -14.13 52.13
N MET C 84 -0.92 -13.01 51.45
CA MET C 84 -2.11 -12.91 50.62
C MET C 84 -1.94 -13.71 49.33
N ALA C 85 -0.73 -13.71 48.77
CA ALA C 85 -0.49 -14.52 47.58
C ALA C 85 -0.71 -15.99 47.87
N ARG C 86 -0.33 -16.44 49.07
CA ARG C 86 -0.50 -17.84 49.42
C ARG C 86 -1.97 -18.17 49.62
N ALA C 87 -2.73 -17.28 50.26
CA ALA C 87 -4.17 -17.51 50.38
C ALA C 87 -4.85 -17.56 49.02
N LEU C 88 -4.50 -16.63 48.14
CA LEU C 88 -5.08 -16.61 46.81
C LEU C 88 -4.81 -17.92 46.09
N VAL C 89 -3.57 -18.39 46.13
CA VAL C 89 -3.21 -19.64 45.48
C VAL C 89 -3.92 -20.83 46.13
N GLN C 90 -3.98 -20.85 47.46
CA GLN C 90 -4.66 -21.94 48.16
C GLN C 90 -6.13 -21.99 47.79
N SER C 91 -6.75 -20.84 47.57
CA SER C 91 -8.16 -20.82 47.15
C SER C 91 -8.31 -21.42 45.75
N LEU C 92 -7.48 -20.99 44.82
CA LEU C 92 -7.58 -21.51 43.47
C LEU C 92 -7.39 -23.02 43.45
N LEU C 93 -6.42 -23.52 44.24
CA LEU C 93 -6.16 -24.96 44.29
C LEU C 93 -7.31 -25.70 44.96
N ALA C 94 -7.83 -25.15 46.06
CA ALA C 94 -8.88 -25.86 46.79
C ALA C 94 -10.12 -26.04 45.91
N LYS C 95 -10.42 -25.07 45.06
CA LYS C 95 -11.63 -25.11 44.26
C LYS C 95 -11.37 -25.42 42.80
N GLU C 96 -10.10 -25.50 42.39
CA GLU C 96 -9.72 -25.65 40.99
C GLU C 96 -10.47 -24.65 40.12
N ALA C 97 -10.63 -23.44 40.64
CA ALA C 97 -11.39 -22.38 40.00
C ALA C 97 -11.38 -21.17 40.92
N PHE C 98 -11.80 -20.03 40.37
CA PHE C 98 -11.98 -18.83 41.17
C PHE C 98 -13.33 -18.91 41.88
N ASP C 99 -13.31 -18.76 43.20
CA ASP C 99 -14.50 -18.74 44.05
C ASP C 99 -14.35 -17.55 44.99
N GLU C 100 -15.15 -16.50 44.75
CA GLU C 100 -14.97 -15.24 45.47
C GLU C 100 -15.23 -15.42 46.96
N VAL C 101 -16.20 -16.25 47.32
CA VAL C 101 -16.47 -16.43 48.74
C VAL C 101 -15.33 -17.17 49.41
N ASP C 102 -14.84 -18.24 48.77
CA ASP C 102 -13.74 -19.00 49.34
C ASP C 102 -12.50 -18.13 49.48
N MET C 103 -12.19 -17.35 48.45
CA MET C 103 -10.96 -16.54 48.49
C MET C 103 -11.06 -15.41 49.51
N ALA C 104 -12.20 -14.71 49.54
CA ALA C 104 -12.42 -13.67 50.53
C ALA C 104 -12.21 -14.23 51.94
N HIS C 105 -12.82 -15.38 52.21
CA HIS C 105 -12.69 -15.94 53.55
C HIS C 105 -11.26 -16.37 53.85
N ARG C 106 -10.52 -16.87 52.85
CA ARG C 106 -9.14 -17.25 53.14
C ARG C 106 -8.29 -16.02 53.41
N PHE C 107 -8.54 -14.92 52.71
CA PHE C 107 -7.86 -13.66 53.03
C PHE C 107 -8.15 -13.26 54.47
N ALA C 108 -9.43 -13.25 54.85
CA ALA C 108 -9.81 -12.78 56.18
C ALA C 108 -9.29 -13.70 57.27
N GLN C 109 -9.35 -15.03 57.05
CA GLN C 109 -8.87 -15.97 58.06
C GLN C 109 -7.35 -15.93 58.19
N GLU C 110 -6.62 -15.70 57.09
CA GLU C 110 -5.17 -15.52 57.20
C GLU C 110 -4.85 -14.29 58.02
N TYR C 111 -5.55 -13.18 57.77
CA TYR C 111 -5.37 -12.00 58.61
C TYR C 111 -5.68 -12.30 60.05
N LYS C 112 -6.78 -13.01 60.31
CA LYS C 112 -7.18 -13.28 61.69
C LYS C 112 -6.09 -14.05 62.44
N LYS C 113 -5.58 -15.08 61.81
CA LYS C 113 -4.61 -15.95 62.48
C LYS C 113 -3.22 -15.35 62.53
N ASP C 114 -2.89 -14.43 61.64
CA ASP C 114 -1.53 -13.92 61.46
C ASP C 114 -1.58 -12.44 61.09
N PRO C 115 -2.09 -11.58 61.98
CA PRO C 115 -2.33 -10.18 61.59
C PRO C 115 -1.09 -9.30 61.53
N ASP C 116 0.02 -9.69 62.13
CA ASP C 116 1.20 -8.82 62.22
C ASP C 116 2.10 -8.94 61.00
N ARG C 117 1.54 -8.97 59.79
CA ARG C 117 2.36 -9.10 58.60
C ARG C 117 2.56 -7.78 57.85
N GLY C 118 2.18 -6.66 58.44
CA GLY C 118 2.38 -5.36 57.84
C GLY C 118 1.32 -4.98 56.83
N TYR C 119 0.06 -5.26 57.14
CA TYR C 119 -1.03 -4.96 56.22
C TYR C 119 -1.29 -3.46 56.13
N GLY C 120 -1.90 -3.08 55.02
CA GLY C 120 -2.31 -1.70 54.85
C GLY C 120 -3.30 -1.30 55.93
N ALA C 121 -3.26 0.00 56.28
CA ALA C 121 -4.15 0.50 57.32
C ALA C 121 -5.60 0.42 56.91
N GLY C 122 -5.88 0.58 55.63
CA GLY C 122 -7.24 0.54 55.15
C GLY C 122 -7.76 -0.87 55.02
N VAL C 123 -6.97 -1.78 54.46
CA VAL C 123 -7.53 -3.07 54.03
C VAL C 123 -7.96 -3.93 55.21
N VAL C 124 -7.37 -3.73 56.39
CA VAL C 124 -7.81 -4.55 57.52
C VAL C 124 -9.27 -4.31 57.85
N THR C 125 -9.82 -3.15 57.49
CA THR C 125 -11.24 -2.92 57.67
C THR C 125 -12.05 -3.87 56.78
N VAL C 126 -11.56 -4.13 55.57
CA VAL C 126 -12.21 -5.10 54.70
C VAL C 126 -12.19 -6.48 55.33
N PHE C 127 -11.03 -6.90 55.83
CA PHE C 127 -10.94 -8.23 56.43
C PHE C 127 -11.89 -8.37 57.61
N LYS C 128 -11.96 -7.34 58.46
CA LYS C 128 -12.84 -7.38 59.63
C LYS C 128 -14.30 -7.55 59.21
N LYS C 129 -14.71 -6.85 58.14
CA LYS C 129 -16.08 -6.97 57.68
C LYS C 129 -16.35 -8.35 57.07
N LEU C 130 -15.37 -8.92 56.36
CA LEU C 130 -15.52 -10.24 55.79
C LEU C 130 -15.57 -11.32 56.87
N LEU C 131 -14.96 -11.07 58.03
CA LEU C 131 -15.02 -12.02 59.12
C LEU C 131 -16.43 -12.11 59.74
N ASN C 132 -17.25 -11.11 59.53
CA ASN C 132 -18.62 -11.16 60.03
C ASN C 132 -19.42 -12.20 59.26
N PRO C 133 -19.98 -13.22 59.91
CA PRO C 133 -20.72 -14.24 59.13
C PRO C 133 -21.94 -13.68 58.44
N LYS C 134 -22.41 -12.49 58.86
CA LYS C 134 -23.56 -11.84 58.24
C LYS C 134 -23.21 -11.24 56.90
N CYS C 135 -21.92 -11.06 56.60
CA CYS C 135 -21.52 -10.47 55.33
C CYS C 135 -21.68 -11.53 54.24
N ARG C 136 -22.73 -11.39 53.41
CA ARG C 136 -23.02 -12.36 52.37
C ARG C 136 -22.68 -11.89 50.97
N ASP C 137 -22.25 -10.64 50.81
CA ASP C 137 -21.79 -10.15 49.50
C ASP C 137 -20.34 -9.73 49.71
N VAL C 138 -19.40 -10.60 49.33
CA VAL C 138 -18.01 -10.39 49.70
C VAL C 138 -17.33 -9.28 48.93
N PHE C 139 -17.96 -8.70 47.92
CA PHE C 139 -17.38 -7.54 47.26
C PHE C 139 -17.82 -6.21 47.85
N GLU C 140 -18.76 -6.19 48.79
CA GLU C 140 -19.28 -4.91 49.25
C GLU C 140 -18.33 -4.16 50.16
N PRO C 141 -17.63 -4.83 51.09
CA PRO C 141 -16.71 -4.10 51.98
C PRO C 141 -15.66 -3.32 51.22
N ALA C 142 -15.04 -3.92 50.18
CA ALA C 142 -14.06 -3.20 49.39
C ALA C 142 -14.66 -1.94 48.75
N ARG C 143 -15.92 -2.00 48.31
CA ARG C 143 -16.48 -0.83 47.64
C ARG C 143 -16.71 0.34 48.60
N ALA C 144 -16.94 0.05 49.87
CA ALA C 144 -17.20 1.08 50.86
C ALA C 144 -15.93 1.82 51.27
N GLN C 145 -14.76 1.24 51.01
CA GLN C 145 -13.51 1.86 51.41
C GLN C 145 -13.37 3.26 50.82
N PHE C 146 -12.71 4.13 51.59
CA PHE C 146 -12.36 5.49 51.16
C PHE C 146 -13.57 6.23 50.61
N ASN C 147 -14.58 6.31 51.46
CA ASN C 147 -15.79 7.09 51.18
C ASN C 147 -16.49 6.59 49.92
N GLY C 148 -16.42 5.27 49.70
CA GLY C 148 -17.11 4.65 48.61
C GLY C 148 -16.37 4.65 47.30
N LYS C 149 -15.11 5.07 47.29
CA LYS C 149 -14.29 5.10 46.08
C LYS C 149 -13.43 3.86 45.94
N GLY C 150 -13.15 3.16 47.03
CA GLY C 150 -12.31 1.98 46.96
C GLY C 150 -10.83 2.29 47.00
N SER C 151 -10.03 1.28 47.34
CA SER C 151 -8.60 1.48 47.48
C SER C 151 -7.90 1.48 46.13
N TYR C 152 -6.89 2.34 45.99
CA TYR C 152 -5.96 2.30 44.87
C TYR C 152 -4.57 1.84 45.32
N GLY C 153 -4.45 1.25 46.50
CA GLY C 153 -3.19 0.69 46.93
C GLY C 153 -2.76 -0.47 46.05
N ASN C 154 -1.50 -0.92 46.20
CA ASN C 154 -0.96 -1.99 45.37
C ASN C 154 -1.23 -3.39 45.94
N GLY C 155 -2.09 -3.50 46.97
CA GLY C 155 -2.38 -4.79 47.57
C GLY C 155 -3.04 -5.79 46.65
N GLY C 156 -3.83 -5.31 45.70
CA GLY C 156 -4.45 -6.21 44.74
C GLY C 156 -3.45 -6.78 43.77
N ALA C 157 -2.44 -6.01 43.41
CA ALA C 157 -1.37 -6.46 42.51
C ALA C 157 -0.28 -7.27 43.20
N MET C 158 -0.01 -7.00 44.48
CA MET C 158 1.12 -7.64 45.13
C MET C 158 0.97 -9.15 45.24
N ARG C 159 -0.28 -9.62 45.23
CA ARG C 159 -0.62 -11.01 45.46
C ARG C 159 -1.07 -11.73 44.20
N VAL C 160 -1.07 -11.06 43.06
CA VAL C 160 -1.88 -11.53 41.93
C VAL C 160 -1.21 -12.58 41.07
N ALA C 161 0.06 -12.89 41.31
CA ALA C 161 0.80 -13.72 40.35
C ALA C 161 0.11 -15.07 40.12
N GLY C 162 -0.48 -15.62 41.18
CA GLY C 162 -1.12 -16.92 41.07
C GLY C 162 -2.21 -16.97 40.03
N ILE C 163 -2.86 -15.84 39.78
CA ILE C 163 -3.91 -15.79 38.76
C ILE C 163 -3.35 -16.19 37.41
N SER C 164 -2.20 -15.66 37.07
CA SER C 164 -1.61 -15.95 35.78
C SER C 164 -1.00 -17.33 35.72
N LEU C 165 -0.66 -17.93 36.85
CA LEU C 165 -0.29 -19.34 36.81
C LEU C 165 -1.51 -20.20 36.56
N ALA C 166 -2.65 -19.88 37.17
CA ALA C 166 -3.84 -20.71 37.01
C ALA C 166 -4.46 -20.59 35.64
N TYR C 167 -4.39 -19.41 35.01
CA TYR C 167 -5.12 -19.16 33.77
C TYR C 167 -4.14 -18.84 32.65
N SER C 168 -4.34 -19.52 31.51
CA SER C 168 -3.51 -19.36 30.33
C SER C 168 -3.96 -18.21 29.43
N SER C 169 -5.26 -18.02 29.24
CA SER C 169 -5.75 -17.04 28.29
C SER C 169 -5.70 -15.63 28.86
N VAL C 170 -5.31 -14.68 28.03
CA VAL C 170 -5.33 -13.29 28.41
C VAL C 170 -6.71 -12.86 28.87
N GLN C 171 -7.77 -13.42 28.27
CA GLN C 171 -9.13 -13.05 28.69
C GLN C 171 -9.39 -13.48 30.13
N ASP C 172 -9.01 -14.70 30.49
CA ASP C 172 -9.25 -15.18 31.85
C ASP C 172 -8.33 -14.47 32.84
N VAL C 173 -7.09 -14.18 32.45
CA VAL C 173 -6.20 -13.45 33.36
C VAL C 173 -6.82 -12.10 33.72
N GLN C 174 -7.32 -11.37 32.72
CA GLN C 174 -7.91 -10.08 32.99
C GLN C 174 -9.14 -10.22 33.89
N LYS C 175 -9.97 -11.22 33.62
CA LYS C 175 -11.22 -11.40 34.35
C LYS C 175 -10.97 -11.70 35.83
N PHE C 176 -10.01 -12.57 36.13
CA PHE C 176 -9.83 -13.03 37.49
C PHE C 176 -8.77 -12.24 38.25
N ALA C 177 -7.87 -11.56 37.55
CA ALA C 177 -7.08 -10.53 38.21
C ALA C 177 -7.99 -9.44 38.74
N ARG C 178 -8.98 -9.05 37.93
CA ARG C 178 -9.90 -8.01 38.37
C ARG C 178 -10.73 -8.49 39.55
N LEU C 179 -11.33 -9.68 39.44
CA LEU C 179 -12.22 -10.16 40.50
C LEU C 179 -11.45 -10.40 41.79
N SER C 180 -10.27 -11.02 41.71
CA SER C 180 -9.53 -11.25 42.94
C SER C 180 -9.12 -9.92 43.58
N ALA C 181 -8.72 -8.94 42.76
CA ALA C 181 -8.33 -7.65 43.30
C ALA C 181 -9.52 -6.95 43.93
N GLN C 182 -10.68 -7.03 43.27
CA GLN C 182 -11.86 -6.33 43.77
C GLN C 182 -12.32 -6.79 45.15
N LEU C 183 -11.85 -7.95 45.62
CA LEU C 183 -12.18 -8.38 46.97
C LEU C 183 -11.64 -7.41 48.02
N THR C 184 -10.61 -6.64 47.69
CA THR C 184 -10.10 -5.63 48.60
C THR C 184 -9.91 -4.27 47.95
N HIS C 185 -9.86 -4.18 46.62
CA HIS C 185 -9.45 -2.97 45.88
C HIS C 185 -10.51 -2.69 44.82
N ALA C 186 -11.48 -1.86 45.15
CA ALA C 186 -12.63 -1.62 44.28
C ALA C 186 -12.44 -0.42 43.34
N SER C 187 -11.42 0.39 43.54
CA SER C 187 -11.11 1.47 42.61
C SER C 187 -10.45 0.90 41.36
N SER C 188 -10.80 1.44 40.19
CA SER C 188 -10.17 0.97 38.96
C SER C 188 -8.67 1.22 38.98
N LEU C 189 -8.22 2.26 39.70
CA LEU C 189 -6.77 2.43 39.86
C LEU C 189 -6.16 1.23 40.59
N GLY C 190 -6.88 0.66 41.54
CA GLY C 190 -6.42 -0.50 42.26
C GLY C 190 -6.50 -1.77 41.43
N TYR C 191 -7.67 -2.06 40.86
CA TYR C 191 -7.79 -3.34 40.15
C TYR C 191 -7.15 -3.32 38.76
N ASN C 192 -7.01 -2.16 38.10
CA ASN C 192 -6.28 -2.17 36.85
C ASN C 192 -4.78 -2.32 37.07
N GLY C 193 -4.27 -1.87 38.22
CA GLY C 193 -2.89 -2.15 38.55
C GLY C 193 -2.67 -3.65 38.76
N ALA C 194 -3.66 -4.32 39.36
CA ALA C 194 -3.56 -5.76 39.50
C ALA C 194 -3.64 -6.48 38.17
N ILE C 195 -4.52 -6.03 37.28
CA ILE C 195 -4.60 -6.64 35.96
C ILE C 195 -3.27 -6.45 35.21
N LEU C 196 -2.71 -5.24 35.26
CA LEU C 196 -1.44 -4.99 34.58
C LEU C 196 -0.34 -5.90 35.10
N GLN C 197 -0.24 -6.05 36.42
CA GLN C 197 0.75 -6.97 36.98
C GLN C 197 0.48 -8.40 36.53
N ALA C 198 -0.80 -8.82 36.54
CA ALA C 198 -1.11 -10.18 36.14
C ALA C 198 -0.78 -10.41 34.66
N LEU C 199 -1.03 -9.41 33.82
CA LEU C 199 -0.70 -9.53 32.41
C LEU C 199 0.82 -9.63 32.19
N ALA C 200 1.60 -8.87 32.98
CA ALA C 200 3.05 -8.96 32.88
C ALA C 200 3.54 -10.35 33.24
N VAL C 201 3.02 -10.93 34.33
CA VAL C 201 3.39 -12.30 34.68
C VAL C 201 2.97 -13.25 33.55
N HIS C 202 1.74 -13.07 33.05
CA HIS C 202 1.20 -13.89 31.98
C HIS C 202 2.13 -13.89 30.78
N LEU C 203 2.58 -12.71 30.37
CA LEU C 203 3.48 -12.61 29.22
C LEU C 203 4.85 -13.23 29.52
N ALA C 204 5.38 -13.00 30.74
CA ALA C 204 6.68 -13.56 31.11
C ALA C 204 6.64 -15.08 31.07
N LEU C 205 5.49 -15.67 31.41
CA LEU C 205 5.37 -17.12 31.43
C LEU C 205 5.43 -17.70 30.03
N GLN C 206 5.21 -16.88 29.02
CA GLN C 206 5.24 -17.34 27.64
C GLN C 206 6.65 -17.42 27.11
N GLY C 207 7.63 -16.89 27.85
CA GLY C 207 9.00 -17.00 27.43
C GLY C 207 9.55 -15.81 26.66
N GLU C 208 10.58 -16.08 25.85
CA GLU C 208 11.45 -15.01 25.38
C GLU C 208 10.70 -13.99 24.54
N SER C 209 11.04 -12.73 24.77
CA SER C 209 10.44 -11.61 24.05
C SER C 209 11.46 -10.48 24.05
N SER C 210 11.36 -9.63 23.05
CA SER C 210 12.03 -8.35 23.16
C SER C 210 11.35 -7.51 24.24
N SER C 211 12.13 -6.62 24.86
CA SER C 211 11.53 -5.65 25.79
C SER C 211 10.42 -4.85 25.09
N GLU C 212 10.63 -4.50 23.83
CA GLU C 212 9.69 -3.65 23.12
C GLU C 212 8.38 -4.35 22.84
N HIS C 213 8.44 -5.63 22.44
CA HIS C 213 7.22 -6.39 22.21
C HIS C 213 6.47 -6.63 23.52
N PHE C 214 7.21 -6.93 24.58
CA PHE C 214 6.63 -7.09 25.91
C PHE C 214 5.87 -5.83 26.32
N LEU C 215 6.54 -4.67 26.28
CA LEU C 215 5.89 -3.41 26.67
C LEU C 215 4.69 -3.11 25.78
N LYS C 216 4.82 -3.33 24.46
CA LYS C 216 3.74 -2.96 23.55
C LYS C 216 2.48 -3.78 23.80
N GLN C 217 2.65 -5.07 24.10
CA GLN C 217 1.49 -5.90 24.39
C GLN C 217 0.76 -5.39 25.64
N LEU C 218 1.51 -5.06 26.69
CA LEU C 218 0.90 -4.51 27.90
C LEU C 218 0.22 -3.19 27.62
N LEU C 219 0.86 -2.31 26.85
CA LEU C 219 0.25 -1.01 26.53
C LEU C 219 -1.06 -1.21 25.79
N GLY C 220 -1.10 -2.13 24.83
CA GLY C 220 -2.31 -2.35 24.08
C GLY C 220 -3.46 -2.81 24.96
N HIS C 221 -3.16 -3.70 25.91
CA HIS C 221 -4.20 -4.16 26.82
C HIS C 221 -4.70 -3.03 27.70
N MET C 222 -3.78 -2.21 28.22
CA MET C 222 -4.20 -1.17 29.15
C MET C 222 -4.96 -0.06 28.43
N GLU C 223 -4.60 0.22 27.16
CA GLU C 223 -5.38 1.18 26.39
C GLU C 223 -6.80 0.69 26.18
N ASP C 224 -6.97 -0.61 25.99
CA ASP C 224 -8.31 -1.18 25.85
C ASP C 224 -9.09 -1.08 27.16
N LEU C 225 -8.45 -1.40 28.28
CA LEU C 225 -9.15 -1.36 29.56
C LEU C 225 -9.47 0.06 30.00
N GLU C 226 -8.56 0.99 29.76
CA GLU C 226 -8.75 2.34 30.27
C GLU C 226 -9.64 3.19 29.40
N GLY C 227 -10.16 2.65 28.30
CA GLY C 227 -11.27 3.27 27.60
C GLY C 227 -12.63 3.06 28.24
N ASP C 228 -12.71 2.24 29.26
CA ASP C 228 -13.98 2.02 29.97
C ASP C 228 -14.38 3.29 30.74
N ALA C 229 -15.67 3.61 30.73
CA ALA C 229 -16.14 4.82 31.38
C ALA C 229 -15.84 4.84 32.88
N GLN C 230 -15.85 3.67 33.52
CA GLN C 230 -15.54 3.63 34.94
C GLN C 230 -14.10 4.02 35.21
N SER C 231 -13.16 3.55 34.38
CA SER C 231 -11.77 3.92 34.55
C SER C 231 -11.57 5.41 34.25
N VAL C 232 -12.20 5.90 33.18
CA VAL C 232 -12.05 7.30 32.80
C VAL C 232 -12.51 8.19 33.94
N LEU C 233 -13.64 7.84 34.55
CA LEU C 233 -14.22 8.68 35.61
C LEU C 233 -13.30 8.77 36.82
N ASP C 234 -12.78 7.61 37.26
CA ASP C 234 -11.84 7.58 38.39
C ASP C 234 -10.60 8.44 38.11
N ALA C 235 -9.95 8.21 36.97
CA ALA C 235 -8.81 9.04 36.62
C ALA C 235 -9.18 10.52 36.62
N ARG C 236 -10.36 10.86 36.11
CA ARG C 236 -10.76 12.26 36.09
C ARG C 236 -10.87 12.82 37.51
N GLU C 237 -11.52 12.05 38.40
CA GLU C 237 -11.83 12.54 39.73
C GLU C 237 -10.60 12.63 40.64
N LEU C 238 -9.49 12.00 40.29
CA LEU C 238 -8.24 12.16 41.02
C LEU C 238 -7.29 13.12 40.33
N GLY C 239 -7.76 13.84 39.31
CA GLY C 239 -6.91 14.79 38.62
C GLY C 239 -5.77 14.14 37.89
N MET C 240 -6.00 12.95 37.36
CA MET C 240 -4.95 12.18 36.71
C MET C 240 -5.08 12.26 35.19
N GLU C 241 -4.04 11.77 34.52
CA GLU C 241 -4.01 11.76 33.07
C GLU C 241 -5.13 10.88 32.52
N GLU C 242 -5.51 11.16 31.28
CA GLU C 242 -6.40 10.26 30.57
C GLU C 242 -5.69 8.93 30.34
N ARG C 243 -6.24 7.86 30.92
CA ARG C 243 -5.63 6.53 30.83
C ARG C 243 -4.28 6.52 31.53
N PRO C 244 -4.26 6.43 32.87
CA PRO C 244 -3.00 6.63 33.59
C PRO C 244 -1.99 5.49 33.46
N TYR C 245 -2.43 4.23 33.47
CA TYR C 245 -1.45 3.16 33.25
C TYR C 245 -0.91 3.22 31.83
N SER C 246 -1.78 3.48 30.86
CA SER C 246 -1.33 3.62 29.49
C SER C 246 -0.28 4.71 29.40
N SER C 247 -0.52 5.83 30.09
CA SER C 247 0.43 6.93 30.11
C SER C 247 1.77 6.51 30.71
N ARG C 248 1.74 5.79 31.83
CA ARG C 248 2.98 5.39 32.47
C ARG C 248 3.74 4.37 31.64
N LEU C 249 3.02 3.45 30.97
CA LEU C 249 3.71 2.51 30.08
C LEU C 249 4.37 3.24 28.90
N LYS C 250 3.73 4.29 28.38
CA LYS C 250 4.39 5.07 27.34
C LYS C 250 5.67 5.72 27.87
N LYS C 251 5.63 6.24 29.09
CA LYS C 251 6.84 6.82 29.67
C LYS C 251 7.90 5.75 29.91
N ILE C 252 7.50 4.51 30.24
CA ILE C 252 8.48 3.44 30.36
C ILE C 252 9.18 3.23 29.02
N GLY C 253 8.43 3.27 27.92
CA GLY C 253 9.05 3.11 26.61
C GLY C 253 10.08 4.19 26.32
N GLU C 254 9.75 5.44 26.66
CA GLU C 254 10.71 6.54 26.51
C GLU C 254 11.92 6.34 27.40
N LEU C 255 11.69 5.95 28.64
CA LEU C 255 12.82 5.77 29.55
C LEU C 255 13.75 4.67 29.06
N LEU C 256 13.18 3.59 28.47
CA LEU C 256 14.01 2.51 28.00
C LEU C 256 14.87 2.92 26.81
N ASP C 257 14.57 4.04 26.17
CA ASP C 257 15.40 4.56 25.08
C ASP C 257 16.30 5.71 25.51
N GLN C 258 16.28 6.08 26.79
CA GLN C 258 16.97 7.28 27.27
C GLN C 258 18.36 6.95 27.75
N ALA C 259 19.29 7.89 27.53
CA ALA C 259 20.65 7.71 28.01
C ALA C 259 20.73 7.93 29.52
N SER C 260 21.58 7.15 30.18
CA SER C 260 21.98 7.37 31.58
C SER C 260 20.80 7.62 32.51
N VAL C 261 19.84 6.71 32.47
CA VAL C 261 18.69 6.81 33.36
C VAL C 261 19.14 6.44 34.76
N THR C 262 18.96 7.37 35.70
CA THR C 262 19.34 7.16 37.08
C THR C 262 18.12 6.75 37.91
N ARG C 263 18.42 6.15 39.08
CA ARG C 263 17.34 5.79 40.00
C ARG C 263 16.52 7.02 40.36
N GLU C 264 17.16 8.19 40.46
CA GLU C 264 16.40 9.40 40.76
C GLU C 264 15.39 9.70 39.67
N GLU C 265 15.76 9.50 38.40
CA GLU C 265 14.78 9.76 37.34
C GLU C 265 13.66 8.73 37.35
N VAL C 266 13.98 7.46 37.65
CA VAL C 266 12.93 6.44 37.72
C VAL C 266 11.92 6.80 38.80
N VAL C 267 12.41 7.15 39.99
CA VAL C 267 11.50 7.48 41.08
C VAL C 267 10.68 8.71 40.72
N SER C 268 11.34 9.73 40.18
CA SER C 268 10.67 10.97 39.83
C SER C 268 9.57 10.72 38.80
N GLU C 269 9.87 9.93 37.77
CA GLU C 269 8.91 9.79 36.68
C GLU C 269 7.91 8.66 36.89
N LEU C 270 8.29 7.59 37.62
CA LEU C 270 7.39 6.44 37.75
C LEU C 270 6.87 6.22 39.16
N GLY C 271 7.61 6.63 40.17
CA GLY C 271 7.19 6.45 41.55
C GLY C 271 7.79 5.20 42.17
N ASN C 272 7.69 5.14 43.50
CA ASN C 272 8.13 3.96 44.25
C ASN C 272 7.26 3.77 45.47
N GLY C 273 5.95 4.02 45.32
CA GLY C 273 5.04 4.19 46.43
C GLY C 273 4.07 3.05 46.61
N ILE C 274 3.15 3.22 47.56
CA ILE C 274 2.20 2.16 47.87
C ILE C 274 0.97 2.16 46.96
N ALA C 275 0.70 3.26 46.27
CA ALA C 275 -0.34 3.26 45.26
C ALA C 275 0.06 2.34 44.11
N ALA C 276 -0.95 1.63 43.56
CA ALA C 276 -0.69 0.68 42.49
C ALA C 276 -0.10 1.37 41.28
N PHE C 277 -0.53 2.62 41.00
CA PHE C 277 -0.01 3.30 39.83
C PHE C 277 1.39 3.83 40.04
N GLU C 278 1.87 3.90 41.30
CA GLU C 278 3.23 4.29 41.60
C GLU C 278 4.15 3.12 41.91
N SER C 279 3.71 1.88 41.64
CA SER C 279 4.56 0.72 41.92
C SER C 279 4.47 -0.39 40.88
N VAL C 280 3.29 -0.65 40.31
CA VAL C 280 3.21 -1.71 39.30
C VAL C 280 3.99 -1.31 38.05
N PRO C 281 3.83 -0.09 37.50
CA PRO C 281 4.67 0.24 36.33
C PRO C 281 6.15 0.22 36.67
N THR C 282 6.50 0.70 37.86
CA THR C 282 7.90 0.71 38.27
C THR C 282 8.48 -0.70 38.31
N ALA C 283 7.71 -1.66 38.87
CA ALA C 283 8.14 -3.06 38.87
C ALA C 283 8.36 -3.57 37.45
N ILE C 284 7.45 -3.25 36.54
CA ILE C 284 7.60 -3.68 35.15
C ILE C 284 8.84 -3.04 34.52
N TYR C 285 9.08 -1.75 34.80
CA TYR C 285 10.27 -1.10 34.29
C TYR C 285 11.53 -1.81 34.79
N CYS C 286 11.56 -2.16 36.07
CA CYS C 286 12.70 -2.88 36.62
C CYS C 286 12.94 -4.19 35.87
N PHE C 287 11.87 -4.94 35.61
CA PHE C 287 12.05 -6.16 34.82
C PHE C 287 12.61 -5.86 33.43
N LEU C 288 11.99 -4.93 32.70
CA LEU C 288 12.42 -4.69 31.32
C LEU C 288 13.85 -4.17 31.28
N ARG C 289 14.17 -3.21 32.15
CA ARG C 289 15.52 -2.67 32.15
C ARG C 289 16.55 -3.75 32.40
N CYS C 290 16.26 -4.68 33.31
CA CYS C 290 17.26 -5.66 33.75
C CYS C 290 17.28 -6.90 32.86
N MET C 291 16.52 -6.92 31.76
CA MET C 291 16.67 -8.01 30.79
C MET C 291 18.07 -8.01 30.21
N GLU C 292 18.76 -6.85 30.25
CA GLU C 292 20.14 -6.76 29.80
C GLU C 292 21.09 -6.53 30.96
N PRO C 293 22.35 -6.93 30.81
CA PRO C 293 23.31 -6.68 31.88
C PRO C 293 23.50 -5.19 32.12
N ASP C 294 23.88 -4.86 33.35
CA ASP C 294 24.09 -3.48 33.80
C ASP C 294 25.50 -3.41 34.35
N PRO C 295 26.39 -2.62 33.78
CA PRO C 295 27.78 -2.58 34.30
C PRO C 295 27.87 -2.22 35.77
N GLU C 296 26.87 -1.53 36.32
CA GLU C 296 26.89 -1.14 37.73
C GLU C 296 26.52 -2.26 38.68
N ILE C 297 26.00 -3.38 38.18
CA ILE C 297 25.70 -4.53 39.01
C ILE C 297 26.68 -5.64 38.63
N PRO C 298 27.46 -6.18 39.56
CA PRO C 298 28.46 -7.18 39.18
C PRO C 298 27.84 -8.34 38.39
N SER C 299 28.58 -8.79 37.37
CA SER C 299 28.09 -9.86 36.49
C SER C 299 28.01 -11.21 37.17
N ALA C 300 28.54 -11.35 38.40
CA ALA C 300 28.34 -12.57 39.15
C ALA C 300 26.86 -12.80 39.48
N PHE C 301 26.06 -11.74 39.51
CA PHE C 301 24.62 -11.86 39.72
C PHE C 301 23.92 -12.18 38.40
N ASN C 302 23.00 -13.13 38.44
CA ASN C 302 22.25 -13.48 37.25
C ASN C 302 21.11 -12.48 37.01
N SER C 303 20.29 -12.74 35.99
CA SER C 303 19.26 -11.79 35.56
C SER C 303 18.20 -11.60 36.63
N LEU C 304 17.78 -12.69 37.28
CA LEU C 304 16.81 -12.56 38.37
C LEU C 304 17.40 -11.77 39.54
N GLN C 305 18.62 -12.11 39.95
CA GLN C 305 19.25 -11.39 41.05
C GLN C 305 19.38 -9.90 40.73
N ARG C 306 19.85 -9.59 39.52
CA ARG C 306 20.05 -8.22 39.07
C ARG C 306 18.75 -7.44 39.12
N THR C 307 17.66 -8.08 38.73
CA THR C 307 16.36 -7.42 38.76
C THR C 307 15.94 -7.12 40.20
N LEU C 308 16.12 -8.08 41.10
CA LEU C 308 15.76 -7.86 42.50
C LEU C 308 16.63 -6.79 43.14
N ILE C 309 17.94 -6.82 42.88
CA ILE C 309 18.84 -5.82 43.43
C ILE C 309 18.46 -4.42 42.94
N TYR C 310 18.22 -4.30 41.63
CA TYR C 310 17.87 -3.01 41.07
C TYR C 310 16.55 -2.49 41.64
N SER C 311 15.53 -3.37 41.71
CA SER C 311 14.24 -2.98 42.26
C SER C 311 14.37 -2.40 43.66
N ILE C 312 15.09 -3.12 44.53
CA ILE C 312 15.25 -2.72 45.91
C ILE C 312 16.01 -1.42 46.02
N SER C 313 16.94 -1.18 45.11
CA SER C 313 17.74 0.04 45.14
C SER C 313 16.94 1.30 44.83
N LEU C 314 15.71 1.17 44.35
CA LEU C 314 14.88 2.35 44.16
C LEU C 314 14.27 2.87 45.47
N GLY C 315 14.27 2.08 46.53
CA GLY C 315 13.72 2.53 47.81
C GLY C 315 12.19 2.60 47.78
N GLY C 316 11.63 3.26 48.79
CA GLY C 316 10.18 3.37 48.84
C GLY C 316 9.56 2.05 49.30
N ASP C 317 8.50 1.61 48.60
CA ASP C 317 7.80 0.38 48.96
C ASP C 317 8.54 -0.82 48.36
N THR C 318 9.74 -1.05 48.90
CA THR C 318 10.67 -2.01 48.30
C THR C 318 10.14 -3.43 48.36
N ASP C 319 9.45 -3.82 49.44
CA ASP C 319 9.02 -5.20 49.49
C ASP C 319 8.03 -5.51 48.38
N THR C 320 7.11 -4.59 48.08
CA THR C 320 6.08 -4.87 47.08
C THR C 320 6.59 -4.65 45.65
N ILE C 321 7.39 -3.62 45.43
CA ILE C 321 7.97 -3.43 44.10
C ILE C 321 8.85 -4.62 43.75
N ALA C 322 9.64 -5.10 44.72
CA ALA C 322 10.50 -6.26 44.47
C ALA C 322 9.69 -7.54 44.34
N THR C 323 8.62 -7.69 45.14
CA THR C 323 7.81 -8.90 44.98
C THR C 323 7.22 -8.96 43.57
N MET C 324 6.80 -7.81 43.06
CA MET C 324 6.15 -7.82 41.75
C MET C 324 7.16 -7.96 40.61
N ALA C 325 8.29 -7.27 40.69
CA ALA C 325 9.33 -7.47 39.68
C ALA C 325 9.85 -8.90 39.75
N GLY C 326 9.96 -9.45 40.96
CA GLY C 326 10.48 -10.80 41.10
C GLY C 326 9.53 -11.86 40.56
N ALA C 327 8.23 -11.63 40.68
CA ALA C 327 7.28 -12.55 40.07
C ALA C 327 7.43 -12.57 38.56
N ILE C 328 7.56 -11.39 37.97
CA ILE C 328 7.70 -11.31 36.51
C ILE C 328 9.03 -11.93 36.10
N ALA C 329 10.12 -11.51 36.75
CA ALA C 329 11.44 -12.03 36.40
C ALA C 329 11.48 -13.54 36.63
N GLY C 330 10.89 -14.03 37.72
CA GLY C 330 10.97 -15.45 38.00
C GLY C 330 10.28 -16.29 36.93
N ALA C 331 9.13 -15.80 36.46
CA ALA C 331 8.40 -16.48 35.40
C ALA C 331 9.17 -16.47 34.10
N TYR C 332 9.95 -15.41 33.86
CA TYR C 332 10.67 -15.24 32.61
C TYR C 332 11.97 -16.03 32.58
N TYR C 333 12.71 -16.01 33.68
CA TYR C 333 14.03 -16.63 33.75
C TYR C 333 13.95 -18.06 34.27
N GLY C 334 12.90 -18.39 35.03
CA GLY C 334 12.72 -19.76 35.51
C GLY C 334 13.51 -20.06 36.78
N MET C 335 13.27 -21.28 37.31
CA MET C 335 13.82 -21.72 38.59
C MET C 335 15.35 -21.86 38.54
N ASP C 336 15.91 -22.09 37.36
CA ASP C 336 17.36 -22.23 37.32
C ASP C 336 18.07 -20.94 37.71
N GLN C 337 17.38 -19.79 37.68
CA GLN C 337 17.99 -18.55 38.15
C GLN C 337 17.63 -18.20 39.58
N VAL C 338 16.95 -19.08 40.31
CA VAL C 338 16.67 -18.89 41.72
C VAL C 338 17.87 -19.44 42.51
N PRO C 339 18.70 -18.60 43.11
CA PRO C 339 19.86 -19.12 43.84
C PRO C 339 19.39 -19.81 45.12
N GLU C 340 19.86 -21.04 45.34
CA GLU C 340 19.44 -21.77 46.53
C GLU C 340 19.74 -21.00 47.79
N SER C 341 20.90 -20.33 47.82
CA SER C 341 21.32 -19.51 48.95
C SER C 341 20.26 -18.50 49.34
N TRP C 342 19.79 -17.76 48.34
CA TRP C 342 18.77 -16.74 48.56
C TRP C 342 17.45 -17.38 48.93
N GLN C 343 17.02 -18.38 48.15
CA GLN C 343 15.74 -19.03 48.35
C GLN C 343 15.64 -19.62 49.74
N GLN C 344 16.68 -20.32 50.19
CA GLN C 344 16.59 -21.01 51.46
C GLN C 344 16.66 -20.05 52.65
N SER C 345 16.97 -18.77 52.41
CA SER C 345 16.88 -17.77 53.47
C SER C 345 15.45 -17.32 53.73
N CYS C 346 14.50 -17.67 52.89
CA CYS C 346 13.16 -17.10 52.94
C CYS C 346 12.20 -17.98 53.72
N GLU C 347 11.49 -17.38 54.67
CA GLU C 347 10.39 -18.08 55.33
C GLU C 347 9.45 -18.73 54.32
N GLY C 348 9.21 -20.03 54.53
CA GLY C 348 8.24 -20.76 53.74
C GLY C 348 8.62 -21.07 52.31
N TYR C 349 9.91 -21.10 51.99
CA TYR C 349 10.29 -21.31 50.60
C TYR C 349 9.89 -22.70 50.10
N GLU C 350 9.86 -23.71 50.98
CA GLU C 350 9.44 -25.03 50.52
C GLU C 350 7.94 -25.06 50.22
N GLU C 351 7.13 -24.56 51.16
CA GLU C 351 5.70 -24.48 50.92
C GLU C 351 5.41 -23.71 49.65
N THR C 352 6.12 -22.60 49.43
CA THR C 352 5.90 -21.81 48.22
C THR C 352 6.17 -22.66 46.98
N ASP C 353 7.27 -23.42 46.98
CA ASP C 353 7.59 -24.23 45.81
C ASP C 353 6.55 -25.34 45.60
N ILE C 354 6.09 -25.96 46.70
CA ILE C 354 5.04 -26.97 46.60
C ILE C 354 3.79 -26.40 45.97
N LEU C 355 3.42 -25.17 46.36
CA LEU C 355 2.23 -24.54 45.78
C LEU C 355 2.43 -24.25 44.29
N ALA C 356 3.61 -23.77 43.91
CA ALA C 356 3.89 -23.55 42.49
C ALA C 356 3.73 -24.85 41.70
N GLN C 357 4.29 -25.94 42.23
CA GLN C 357 4.18 -27.24 41.55
C GLN C 357 2.74 -27.71 41.50
N SER C 358 1.98 -27.48 42.58
CA SER C 358 0.57 -27.86 42.58
C SER C 358 -0.21 -27.07 41.54
N LEU C 359 0.04 -25.76 41.42
CA LEU C 359 -0.64 -25.00 40.40
C LEU C 359 -0.37 -25.57 39.01
N HIS C 360 0.87 -25.98 38.76
CA HIS C 360 1.19 -26.47 37.43
C HIS C 360 0.48 -27.79 37.16
N ARG C 361 0.46 -28.67 38.16
CA ARG C 361 -0.24 -29.95 38.03
C ARG C 361 -1.73 -29.74 37.82
N VAL C 362 -2.33 -28.85 38.61
CA VAL C 362 -3.77 -28.70 38.58
C VAL C 362 -4.23 -27.96 37.32
N PHE C 363 -3.54 -26.87 36.94
CA PHE C 363 -4.05 -25.98 35.91
C PHE C 363 -3.33 -26.04 34.57
N GLN C 364 -2.11 -26.55 34.51
CA GLN C 364 -1.37 -26.55 33.25
C GLN C 364 -1.25 -27.93 32.62
N LYS C 365 -1.12 -28.99 33.43
CA LYS C 365 -1.20 -30.35 32.91
C LYS C 365 -2.52 -30.60 32.21
N SER C 366 -2.50 -31.37 31.11
CA SER C 366 -3.71 -31.61 30.34
C SER C 366 -4.56 -32.79 30.83
N ALA D 17 45.77 14.25 18.12
CA ALA D 17 44.41 13.90 18.50
C ALA D 17 43.95 14.69 19.72
N GLY D 18 44.87 14.90 20.66
CA GLY D 18 44.57 15.69 21.83
C GLY D 18 43.72 15.01 22.88
N ALA D 19 42.81 15.78 23.45
CA ALA D 19 42.12 15.33 24.64
C ALA D 19 41.11 14.24 24.31
N ALA D 20 40.72 13.52 25.35
CA ALA D 20 39.66 12.53 25.24
C ALA D 20 38.42 13.14 24.62
N ARG D 21 37.85 12.41 23.65
CA ARG D 21 36.58 12.77 22.99
C ARG D 21 36.63 14.15 22.33
N SER D 22 37.81 14.54 21.88
CA SER D 22 38.01 15.81 21.20
C SER D 22 37.35 15.83 19.83
N LEU D 23 37.18 17.03 19.28
CA LEU D 23 36.60 17.14 17.94
C LEU D 23 37.46 16.40 16.92
N SER D 24 38.78 16.49 17.05
CA SER D 24 39.68 15.81 16.11
C SER D 24 39.45 14.30 16.14
N ARG D 25 39.25 13.76 17.33
CA ARG D 25 38.99 12.32 17.44
C ARG D 25 37.66 11.93 16.82
N PHE D 26 36.62 12.76 17.01
CA PHE D 26 35.33 12.47 16.40
C PHE D 26 35.47 12.47 14.89
N ARG D 27 36.08 13.53 14.35
CA ARG D 27 36.28 13.62 12.90
C ARG D 27 37.11 12.47 12.39
N GLY D 28 38.21 12.17 13.08
CA GLY D 28 39.09 11.08 12.65
C GLY D 28 38.41 9.73 12.66
N CYS D 29 37.52 9.52 13.64
CA CYS D 29 36.81 8.26 13.73
C CYS D 29 35.95 8.01 12.50
N LEU D 30 35.06 8.96 12.16
CA LEU D 30 34.18 8.72 11.02
C LEU D 30 34.94 8.77 9.70
N ALA D 31 36.00 9.59 9.62
CA ALA D 31 36.85 9.60 8.43
C ALA D 31 37.58 8.27 8.26
N GLY D 32 38.12 7.73 9.35
CA GLY D 32 38.79 6.44 9.30
C GLY D 32 37.87 5.29 8.89
N ALA D 33 36.64 5.31 9.38
CA ALA D 33 35.65 4.32 8.97
C ALA D 33 35.38 4.45 7.47
N LEU D 34 35.17 5.68 7.00
CA LEU D 34 34.93 5.94 5.59
C LEU D 34 36.10 5.46 4.73
N LEU D 35 37.33 5.77 5.14
CA LEU D 35 38.51 5.32 4.40
C LEU D 35 38.59 3.80 4.35
N GLY D 36 38.32 3.15 5.48
CA GLY D 36 38.33 1.70 5.47
C GLY D 36 37.32 1.12 4.49
N ASP D 37 36.09 1.65 4.50
CA ASP D 37 35.06 1.19 3.59
C ASP D 37 35.47 1.42 2.14
N CYS D 38 35.89 2.64 1.83
CA CYS D 38 36.15 3.03 0.44
C CYS D 38 37.42 2.38 -0.09
N VAL D 39 38.53 2.50 0.67
CA VAL D 39 39.78 1.91 0.23
C VAL D 39 39.69 0.38 0.32
N GLY D 40 39.08 -0.15 1.39
CA GLY D 40 38.89 -1.58 1.45
C GLY D 40 38.06 -2.11 0.29
N SER D 41 37.02 -1.38 -0.09
CA SER D 41 36.16 -1.86 -1.16
C SER D 41 36.88 -1.81 -2.51
N PHE D 42 37.75 -0.81 -2.70
CA PHE D 42 38.54 -0.73 -3.93
C PHE D 42 39.37 -1.99 -4.14
N TYR D 43 40.10 -2.40 -3.09
CA TYR D 43 40.97 -3.56 -3.19
C TYR D 43 40.19 -4.86 -3.29
N GLU D 44 39.04 -4.93 -2.64
CA GLU D 44 38.22 -6.13 -2.74
C GLU D 44 37.78 -6.36 -4.17
N ALA D 45 37.56 -5.29 -4.93
CA ALA D 45 37.18 -5.43 -6.34
C ALA D 45 38.29 -6.08 -7.18
N HIS D 46 39.51 -6.20 -6.65
CA HIS D 46 40.61 -6.87 -7.31
C HIS D 46 41.00 -8.12 -6.51
N ASP D 47 42.28 -8.49 -6.53
CA ASP D 47 42.75 -9.68 -5.82
C ASP D 47 43.93 -9.33 -4.91
N LEU D 51 50.03 -8.16 0.15
CA LEU D 51 50.49 -6.88 0.66
C LEU D 51 51.29 -6.13 -0.39
N THR D 52 52.14 -6.85 -1.13
CA THR D 52 52.96 -6.18 -2.13
C THR D 52 52.08 -5.50 -3.18
N SER D 53 50.99 -6.15 -3.61
CA SER D 53 50.12 -5.56 -4.61
C SER D 53 49.28 -4.42 -4.02
N VAL D 54 48.85 -4.56 -2.77
CA VAL D 54 48.26 -3.42 -2.07
C VAL D 54 49.22 -2.24 -2.13
N LEU D 55 50.47 -2.45 -1.68
CA LEU D 55 51.45 -1.38 -1.71
C LEU D 55 51.70 -0.90 -3.13
N ARG D 56 51.77 -1.83 -4.09
CA ARG D 56 52.00 -1.43 -5.47
C ARG D 56 50.94 -0.43 -5.93
N HIS D 57 49.69 -0.64 -5.55
CA HIS D 57 48.61 0.18 -6.06
C HIS D 57 48.15 1.27 -5.09
N VAL D 58 48.85 1.45 -3.96
CA VAL D 58 48.56 2.59 -3.09
C VAL D 58 48.84 3.88 -3.84
N GLN D 59 49.78 3.84 -4.79
CA GLN D 59 50.05 4.97 -5.68
C GLN D 59 48.76 5.72 -6.00
N SER D 60 47.74 4.97 -6.36
CA SER D 60 46.37 5.47 -6.48
C SER D 60 46.06 6.50 -5.41
N GLU D 74 36.05 12.52 -5.97
CA GLU D 74 35.65 11.45 -5.06
C GLU D 74 35.48 10.15 -5.86
N ALA D 75 36.61 9.52 -6.19
CA ALA D 75 36.63 8.39 -7.11
C ALA D 75 36.34 7.05 -6.44
N LEU D 76 36.34 6.98 -5.11
CA LEU D 76 36.15 5.74 -4.37
C LEU D 76 34.78 5.78 -3.71
N TYR D 77 33.89 4.91 -4.16
CA TYR D 77 32.51 4.90 -3.72
C TYR D 77 32.40 4.06 -2.45
N TYR D 78 31.51 4.48 -1.56
CA TYR D 78 31.31 3.73 -0.33
C TYR D 78 30.26 2.62 -0.51
N THR D 79 30.13 1.79 0.52
CA THR D 79 29.23 0.66 0.44
C THR D 79 28.13 0.71 1.49
N ASP D 80 27.47 -0.43 1.72
CA ASP D 80 26.44 -0.49 2.75
C ASP D 80 26.99 -0.10 4.13
N ASP D 81 28.27 -0.34 4.38
CA ASP D 81 28.82 0.03 5.69
C ASP D 81 28.62 1.51 6.01
N THR D 82 29.00 2.37 5.08
CA THR D 82 28.85 3.80 5.26
C THR D 82 27.40 4.25 5.13
N ALA D 83 26.66 3.63 4.21
CA ALA D 83 25.26 4.02 4.04
C ALA D 83 24.50 3.83 5.34
N MET D 84 24.71 2.70 6.01
CA MET D 84 23.96 2.50 7.24
C MET D 84 24.55 3.30 8.39
N ALA D 85 25.88 3.48 8.41
CA ALA D 85 26.51 4.38 9.38
C ALA D 85 25.92 5.78 9.29
N ARG D 86 25.74 6.27 8.07
CA ARG D 86 25.18 7.60 7.91
C ARG D 86 23.74 7.66 8.44
N ALA D 87 22.92 6.68 8.10
CA ALA D 87 21.54 6.68 8.56
C ALA D 87 21.46 6.61 10.09
N LEU D 88 22.32 5.80 10.71
CA LEU D 88 22.36 5.71 12.16
C LEU D 88 22.66 7.06 12.78
N VAL D 89 23.72 7.71 12.30
CA VAL D 89 24.12 9.00 12.85
C VAL D 89 23.05 10.05 12.58
N GLN D 90 22.44 10.01 11.40
CA GLN D 90 21.41 10.99 11.07
C GLN D 90 20.19 10.82 11.98
N SER D 91 19.86 9.56 12.32
CA SER D 91 18.80 9.32 13.29
C SER D 91 19.16 9.90 14.64
N LEU D 92 20.39 9.65 15.11
CA LEU D 92 20.79 10.15 16.41
C LEU D 92 20.71 11.67 16.45
N LEU D 93 21.15 12.32 15.38
CA LEU D 93 21.17 13.78 15.35
C LEU D 93 19.76 14.36 15.25
N ALA D 94 18.89 13.70 14.47
CA ALA D 94 17.53 14.23 14.28
C ALA D 94 16.75 14.24 15.59
N LYS D 95 16.95 13.23 16.42
CA LYS D 95 16.19 13.11 17.66
C LYS D 95 17.01 13.47 18.89
N GLU D 96 18.32 13.72 18.73
CA GLU D 96 19.25 13.95 19.83
C GLU D 96 19.12 12.85 20.89
N ALA D 97 18.89 11.63 20.41
CA ALA D 97 18.59 10.49 21.26
C ALA D 97 18.43 9.29 20.34
N PHE D 98 18.40 8.10 20.95
CA PHE D 98 18.03 6.89 20.24
C PHE D 98 16.52 6.74 20.16
N ASP D 99 16.01 6.56 18.93
CA ASP D 99 14.60 6.34 18.64
C ASP D 99 14.51 5.17 17.67
N GLU D 100 14.04 4.01 18.13
CA GLU D 100 14.10 2.82 17.30
C GLU D 100 13.25 2.97 16.04
N VAL D 101 12.08 3.60 16.15
CA VAL D 101 11.22 3.73 14.99
C VAL D 101 11.87 4.63 13.95
N ASP D 102 12.44 5.74 14.39
CA ASP D 102 13.08 6.66 13.47
C ASP D 102 14.28 6.02 12.81
N MET D 103 15.10 5.29 13.58
CA MET D 103 16.32 4.73 13.01
C MET D 103 15.98 3.59 12.06
N ALA D 104 15.05 2.72 12.48
CA ALA D 104 14.61 1.64 11.61
C ALA D 104 14.09 2.19 10.29
N HIS D 105 13.30 3.26 10.35
CA HIS D 105 12.76 3.81 9.11
C HIS D 105 13.85 4.45 8.25
N ARG D 106 14.86 5.07 8.86
CA ARG D 106 15.96 5.64 8.10
C ARG D 106 16.81 4.55 7.45
N PHE D 107 17.05 3.42 8.14
CA PHE D 107 17.68 2.26 7.50
C PHE D 107 16.86 1.78 6.30
N ALA D 108 15.56 1.58 6.50
CA ALA D 108 14.73 1.06 5.42
C ALA D 108 14.68 2.03 4.24
N GLN D 109 14.58 3.33 4.52
CA GLN D 109 14.49 4.31 3.44
C GLN D 109 15.81 4.45 2.70
N GLU D 110 16.94 4.36 3.40
CA GLU D 110 18.24 4.38 2.72
C GLU D 110 18.37 3.19 1.79
N TYR D 111 17.97 2.01 2.25
CA TYR D 111 18.00 0.82 1.41
C TYR D 111 17.12 0.99 0.18
N LYS D 112 15.89 1.47 0.37
CA LYS D 112 15.01 1.70 -0.76
C LYS D 112 15.61 2.69 -1.75
N LYS D 113 16.27 3.73 -1.24
CA LYS D 113 16.85 4.75 -2.12
C LYS D 113 17.98 4.17 -2.96
N ASP D 114 18.85 3.37 -2.37
CA ASP D 114 19.95 2.75 -3.10
C ASP D 114 20.17 1.35 -2.59
N PRO D 115 19.42 0.37 -3.09
CA PRO D 115 19.56 -1.01 -2.60
C PRO D 115 20.77 -1.75 -3.14
N ASP D 116 21.64 -1.09 -3.90
CA ASP D 116 22.72 -1.77 -4.61
C ASP D 116 24.10 -1.48 -4.01
N ARG D 117 24.15 -0.92 -2.80
CA ARG D 117 25.41 -0.59 -2.16
C ARG D 117 26.19 -1.81 -1.69
N GLY D 118 25.59 -2.99 -1.72
CA GLY D 118 26.24 -4.23 -1.35
C GLY D 118 25.79 -4.84 -0.04
N TYR D 119 24.48 -4.86 0.22
CA TYR D 119 23.90 -5.32 1.47
C TYR D 119 23.94 -6.84 1.60
N GLY D 120 23.92 -7.30 2.84
CA GLY D 120 23.85 -8.73 3.07
C GLY D 120 22.58 -9.32 2.48
N ALA D 121 22.67 -10.57 2.04
CA ALA D 121 21.54 -11.20 1.36
C ALA D 121 20.32 -11.31 2.27
N GLY D 122 20.55 -11.55 3.56
CA GLY D 122 19.46 -11.72 4.50
C GLY D 122 18.82 -10.44 4.99
N VAL D 123 19.62 -9.41 5.24
CA VAL D 123 19.11 -8.21 5.88
C VAL D 123 18.16 -7.46 4.97
N VAL D 124 18.26 -7.66 3.64
CA VAL D 124 17.30 -7.06 2.73
C VAL D 124 15.88 -7.40 3.16
N THR D 125 15.67 -8.61 3.69
CA THR D 125 14.32 -8.97 4.09
C THR D 125 13.85 -8.13 5.26
N VAL D 126 14.77 -7.77 6.16
CA VAL D 126 14.41 -6.89 7.26
C VAL D 126 13.98 -5.53 6.74
N PHE D 127 14.76 -4.96 5.81
CA PHE D 127 14.41 -3.64 5.31
C PHE D 127 13.06 -3.67 4.61
N LYS D 128 12.78 -4.75 3.85
CA LYS D 128 11.52 -4.85 3.13
C LYS D 128 10.34 -4.94 4.09
N LYS D 129 10.47 -5.70 5.18
CA LYS D 129 9.40 -5.76 6.17
C LYS D 129 9.21 -4.42 6.86
N LEU D 130 10.33 -3.73 7.17
CA LEU D 130 10.23 -2.42 7.81
C LEU D 130 9.54 -1.40 6.91
N LEU D 131 9.58 -1.61 5.59
CA LEU D 131 8.96 -0.68 4.66
C LEU D 131 7.45 -0.84 4.58
N ASN D 132 6.92 -1.94 5.05
CA ASN D 132 5.48 -2.04 5.20
C ASN D 132 5.02 -1.09 6.30
N PRO D 133 4.11 -0.16 6.03
CA PRO D 133 3.61 0.70 7.14
C PRO D 133 2.81 -0.07 8.17
N LYS D 134 2.37 -1.30 7.85
CA LYS D 134 1.70 -2.14 8.84
C LYS D 134 2.66 -2.69 9.87
N CYS D 135 3.97 -2.69 9.60
CA CYS D 135 4.92 -3.19 10.59
C CYS D 135 5.07 -2.16 11.71
N ARG D 136 4.49 -2.47 12.87
CA ARG D 136 4.54 -1.55 13.99
C ARG D 136 5.60 -1.89 15.03
N ASP D 137 6.05 -3.15 15.11
CA ASP D 137 7.14 -3.50 16.02
C ASP D 137 8.42 -3.65 15.19
N VAL D 138 9.24 -2.61 15.20
CA VAL D 138 10.40 -2.55 14.32
C VAL D 138 11.52 -3.49 14.73
N PHE D 139 11.42 -4.12 15.90
CA PHE D 139 12.41 -5.13 16.27
C PHE D 139 12.03 -6.54 15.84
N GLU D 140 10.79 -6.78 15.41
CA GLU D 140 10.40 -8.16 15.18
C GLU D 140 10.98 -8.73 13.90
N PRO D 141 11.07 -7.97 12.80
CA PRO D 141 11.67 -8.56 11.59
C PRO D 141 13.06 -9.12 11.84
N ALA D 142 13.92 -8.40 12.58
CA ALA D 142 15.24 -8.94 12.89
C ALA D 142 15.14 -10.25 13.65
N ARG D 143 14.17 -10.35 14.55
CA ARG D 143 14.06 -11.53 15.40
C ARG D 143 13.65 -12.73 14.57
N ALA D 144 12.88 -12.51 13.48
CA ALA D 144 12.41 -13.59 12.63
C ALA D 144 13.50 -14.18 11.74
N GLN D 145 14.59 -13.45 11.51
CA GLN D 145 15.64 -13.90 10.61
C GLN D 145 16.16 -15.27 10.99
N PHE D 146 16.47 -16.07 9.95
CA PHE D 146 17.10 -17.38 10.09
C PHE D 146 16.36 -18.24 11.11
N ASN D 147 15.07 -18.44 10.81
CA ASN D 147 14.24 -19.36 11.56
C ASN D 147 14.13 -18.93 13.01
N GLY D 148 14.15 -17.62 13.26
CA GLY D 148 13.98 -17.07 14.58
C GLY D 148 15.24 -17.00 15.41
N LYS D 149 16.40 -17.35 14.83
CA LYS D 149 17.66 -17.29 15.56
C LYS D 149 18.37 -15.96 15.42
N GLY D 150 18.04 -15.18 14.40
CA GLY D 150 18.61 -13.86 14.23
C GLY D 150 19.94 -13.91 13.47
N SER D 151 20.34 -12.76 12.96
CA SER D 151 21.57 -12.69 12.18
C SER D 151 22.79 -12.53 13.09
N TYR D 152 23.85 -13.26 12.76
CA TYR D 152 25.16 -13.08 13.39
C TYR D 152 26.15 -12.37 12.46
N GLY D 153 25.66 -11.79 11.36
CA GLY D 153 26.52 -11.07 10.44
C GLY D 153 27.08 -9.82 11.08
N ASN D 154 28.05 -9.20 10.40
CA ASN D 154 28.77 -8.06 10.98
C ASN D 154 28.11 -6.71 10.66
N GLY D 155 26.89 -6.70 10.11
CA GLY D 155 26.26 -5.45 9.72
C GLY D 155 25.90 -4.54 10.88
N GLY D 156 25.60 -5.12 12.05
CA GLY D 156 25.32 -4.31 13.22
C GLY D 156 26.54 -3.60 13.71
N ALA D 157 27.70 -4.22 13.57
CA ALA D 157 28.96 -3.65 14.00
C ALA D 157 29.57 -2.71 12.96
N MET D 158 29.33 -2.97 11.67
CA MET D 158 30.00 -2.17 10.65
C MET D 158 29.60 -0.71 10.70
N ARG D 159 28.40 -0.43 11.22
CA ARG D 159 27.81 0.90 11.23
C ARG D 159 27.83 1.56 12.60
N VAL D 160 28.37 0.90 13.63
CA VAL D 160 28.08 1.31 15.01
C VAL D 160 28.93 2.45 15.54
N ALA D 161 29.95 2.91 14.81
CA ALA D 161 30.92 3.83 15.41
C ALA D 161 30.25 5.06 15.98
N GLY D 162 29.22 5.58 15.30
CA GLY D 162 28.61 6.82 15.75
C GLY D 162 27.96 6.70 17.11
N ILE D 163 27.60 5.49 17.50
CA ILE D 163 27.08 5.26 18.85
C ILE D 163 28.06 5.78 19.89
N SER D 164 29.37 5.47 19.72
CA SER D 164 30.37 5.84 20.71
C SER D 164 30.73 7.31 20.63
N LEU D 165 30.44 7.97 19.52
CA LEU D 165 30.52 9.43 19.49
C LEU D 165 29.38 10.06 20.29
N ALA D 166 28.17 9.54 20.13
CA ALA D 166 26.99 10.14 20.77
C ALA D 166 26.98 9.89 22.27
N TYR D 167 27.51 8.76 22.72
CA TYR D 167 27.43 8.34 24.12
C TYR D 167 28.82 8.11 24.69
N SER D 168 29.06 8.66 25.89
CA SER D 168 30.38 8.60 26.50
C SER D 168 30.54 7.46 27.51
N SER D 169 29.50 7.03 28.21
CA SER D 169 29.66 6.00 29.23
C SER D 169 29.58 4.59 28.66
N VAL D 170 30.30 3.66 29.32
CA VAL D 170 30.19 2.25 28.94
C VAL D 170 28.73 1.81 28.96
N GLN D 171 27.98 2.26 29.97
CA GLN D 171 26.60 1.83 30.11
C GLN D 171 25.81 2.21 28.88
N ASP D 172 25.94 3.47 28.43
CA ASP D 172 25.16 3.93 27.29
C ASP D 172 25.68 3.31 26.00
N VAL D 173 27.01 3.15 25.88
CA VAL D 173 27.56 2.56 24.68
C VAL D 173 27.04 1.14 24.49
N GLN D 174 27.09 0.31 25.55
CA GLN D 174 26.58 -1.06 25.42
C GLN D 174 25.10 -1.04 25.10
N LYS D 175 24.35 -0.18 25.80
CA LYS D 175 22.90 -0.14 25.68
C LYS D 175 22.47 0.16 24.25
N PHE D 176 23.03 1.22 23.67
CA PHE D 176 22.60 1.68 22.35
C PHE D 176 23.34 1.03 21.21
N ALA D 177 24.56 0.53 21.41
CA ALA D 177 25.11 -0.39 20.41
C ALA D 177 24.22 -1.61 20.29
N ARG D 178 23.73 -2.12 21.42
CA ARG D 178 22.84 -3.29 21.38
C ARG D 178 21.54 -2.96 20.65
N LEU D 179 20.85 -1.89 21.07
CA LEU D 179 19.55 -1.55 20.47
C LEU D 179 19.67 -1.23 18.98
N SER D 180 20.68 -0.44 18.59
CA SER D 180 20.82 -0.13 17.17
C SER D 180 21.10 -1.38 16.35
N ALA D 181 21.94 -2.29 16.88
CA ALA D 181 22.26 -3.51 16.16
C ALA D 181 21.03 -4.40 16.03
N GLN D 182 20.20 -4.45 17.08
CA GLN D 182 19.05 -5.36 17.10
C GLN D 182 17.99 -4.99 16.09
N LEU D 183 18.03 -3.80 15.49
CA LEU D 183 17.10 -3.48 14.41
C LEU D 183 17.32 -4.39 13.20
N THR D 184 18.49 -4.99 13.07
CA THR D 184 18.77 -5.94 12.00
C THR D 184 19.39 -7.23 12.48
N HIS D 185 20.01 -7.27 13.66
CA HIS D 185 20.82 -8.39 14.15
C HIS D 185 20.34 -8.78 15.53
N ALA D 186 19.43 -9.76 15.58
CA ALA D 186 18.79 -10.10 16.83
C ALA D 186 19.50 -11.20 17.61
N SER D 187 20.45 -11.92 17.00
CA SER D 187 21.28 -12.87 17.75
C SER D 187 22.32 -12.13 18.57
N SER D 188 22.55 -12.58 19.82
CA SER D 188 23.65 -12.05 20.62
C SER D 188 24.98 -12.14 19.88
N LEU D 189 25.18 -13.15 19.00
CA LEU D 189 26.43 -13.20 18.23
C LEU D 189 26.54 -12.01 17.29
N GLY D 190 25.43 -11.50 16.77
CA GLY D 190 25.47 -10.26 16.03
C GLY D 190 25.57 -9.02 16.89
N TYR D 191 24.71 -8.87 17.89
CA TYR D 191 24.73 -7.60 18.61
C TYR D 191 25.87 -7.50 19.62
N ASN D 192 26.37 -8.61 20.18
CA ASN D 192 27.56 -8.49 21.01
C ASN D 192 28.79 -8.11 20.19
N GLY D 193 28.84 -8.50 18.91
CA GLY D 193 29.90 -8.00 18.05
C GLY D 193 29.79 -6.50 17.86
N ALA D 194 28.57 -5.99 17.69
CA ALA D 194 28.38 -4.54 17.61
C ALA D 194 28.80 -3.87 18.91
N ILE D 195 28.45 -4.46 20.06
CA ILE D 195 28.86 -3.87 21.33
C ILE D 195 30.38 -3.84 21.42
N LEU D 196 31.02 -4.95 21.10
CA LEU D 196 32.49 -5.03 21.18
C LEU D 196 33.13 -3.93 20.32
N GLN D 197 32.68 -3.80 19.07
CA GLN D 197 33.20 -2.75 18.20
C GLN D 197 32.95 -1.35 18.78
N ALA D 198 31.76 -1.09 19.29
CA ALA D 198 31.48 0.21 19.88
C ALA D 198 32.35 0.47 21.10
N LEU D 199 32.62 -0.59 21.88
CA LEU D 199 33.46 -0.42 23.06
C LEU D 199 34.89 -0.11 22.66
N ALA D 200 35.36 -0.73 21.58
CA ALA D 200 36.69 -0.40 21.09
C ALA D 200 36.79 1.05 20.64
N VAL D 201 35.78 1.54 19.92
CA VAL D 201 35.78 2.96 19.53
C VAL D 201 35.71 3.85 20.77
N HIS D 202 34.86 3.47 21.72
CA HIS D 202 34.74 4.21 22.97
C HIS D 202 36.08 4.33 23.67
N LEU D 203 36.82 3.22 23.77
CA LEU D 203 38.14 3.27 24.40
C LEU D 203 39.14 4.09 23.60
N ALA D 204 39.14 3.93 22.27
CA ALA D 204 40.07 4.68 21.44
C ALA D 204 39.85 6.19 21.60
N LEU D 205 38.59 6.60 21.76
CA LEU D 205 38.31 8.02 21.91
C LEU D 205 38.87 8.59 23.22
N GLN D 206 39.25 7.74 24.16
CA GLN D 206 39.82 8.23 25.40
C GLN D 206 41.30 8.52 25.28
N GLY D 207 41.95 8.08 24.20
CA GLY D 207 43.32 8.44 23.97
C GLY D 207 44.30 7.34 24.31
N GLU D 208 45.54 7.74 24.58
CA GLU D 208 46.68 6.86 24.52
C GLU D 208 46.58 5.72 25.53
N SER D 209 47.02 4.54 25.09
CA SER D 209 46.88 3.33 25.85
C SER D 209 47.92 2.34 25.35
N SER D 210 48.37 1.47 26.25
CA SER D 210 49.07 0.28 25.80
C SER D 210 48.08 -0.65 25.10
N SER D 211 48.62 -1.49 24.21
CA SER D 211 47.79 -2.51 23.58
C SER D 211 47.23 -3.47 24.61
N GLU D 212 48.06 -3.81 25.62
CA GLU D 212 47.63 -4.78 26.62
C GLU D 212 46.50 -4.22 27.48
N HIS D 213 46.56 -2.94 27.84
CA HIS D 213 45.50 -2.34 28.64
C HIS D 213 44.21 -2.23 27.84
N PHE D 214 44.33 -1.86 26.56
CA PHE D 214 43.18 -1.73 25.69
C PHE D 214 42.45 -3.06 25.59
N LEU D 215 43.20 -4.12 25.30
CA LEU D 215 42.61 -5.44 25.16
C LEU D 215 41.99 -5.90 26.46
N LYS D 216 42.68 -5.68 27.59
CA LYS D 216 42.14 -6.20 28.84
C LYS D 216 40.83 -5.53 29.20
N GLN D 217 40.69 -4.22 28.93
CA GLN D 217 39.43 -3.56 29.18
C GLN D 217 38.31 -4.18 28.35
N LEU D 218 38.57 -4.43 27.06
CA LEU D 218 37.55 -5.04 26.22
C LEU D 218 37.20 -6.46 26.70
N LEU D 219 38.22 -7.24 27.10
CA LEU D 219 37.94 -8.59 27.57
C LEU D 219 37.04 -8.59 28.80
N GLY D 220 37.33 -7.69 29.75
CA GLY D 220 36.51 -7.60 30.94
C GLY D 220 35.05 -7.32 30.61
N HIS D 221 34.80 -6.42 29.65
CA HIS D 221 33.43 -6.08 29.30
C HIS D 221 32.73 -7.25 28.64
N MET D 222 33.43 -7.93 27.72
CA MET D 222 32.79 -9.04 27.02
C MET D 222 32.55 -10.21 27.97
N GLU D 223 33.50 -10.47 28.88
CA GLU D 223 33.26 -11.50 29.89
C GLU D 223 31.98 -11.21 30.66
N ASP D 224 31.79 -9.94 31.06
CA ASP D 224 30.60 -9.57 31.80
C ASP D 224 29.34 -9.82 30.96
N LEU D 225 29.38 -9.49 29.67
CA LEU D 225 28.18 -9.62 28.85
C LEU D 225 27.86 -11.08 28.49
N GLU D 226 28.87 -11.87 28.16
CA GLU D 226 28.62 -13.22 27.63
C GLU D 226 28.22 -14.22 28.70
N GLY D 227 28.30 -13.86 29.97
CA GLY D 227 27.75 -14.69 31.02
C GLY D 227 26.25 -14.56 31.22
N ASP D 228 25.64 -13.57 30.58
CA ASP D 228 24.19 -13.42 30.63
C ASP D 228 23.49 -14.62 30.01
N ALA D 229 22.37 -15.03 30.59
CA ALA D 229 21.69 -16.24 30.14
C ALA D 229 21.25 -16.16 28.68
N GLN D 230 20.90 -14.96 28.19
CA GLN D 230 20.45 -14.85 26.80
C GLN D 230 21.60 -15.06 25.85
N SER D 231 22.78 -14.51 26.17
CA SER D 231 23.97 -14.74 25.37
C SER D 231 24.33 -16.23 25.34
N VAL D 232 24.21 -16.90 26.48
CA VAL D 232 24.53 -18.32 26.54
C VAL D 232 23.56 -19.11 25.67
N LEU D 233 22.26 -18.82 25.80
CA LEU D 233 21.26 -19.52 24.99
C LEU D 233 21.48 -19.29 23.50
N ASP D 234 21.81 -18.06 23.11
CA ASP D 234 22.05 -17.77 21.69
C ASP D 234 23.28 -18.48 21.16
N ALA D 235 24.31 -18.64 22.01
CA ALA D 235 25.47 -19.40 21.57
C ALA D 235 25.14 -20.89 21.48
N ARG D 236 24.35 -21.40 22.42
CA ARG D 236 23.96 -22.81 22.40
C ARG D 236 23.15 -23.15 21.15
N GLU D 237 22.25 -22.25 20.74
CA GLU D 237 21.44 -22.46 19.56
C GLU D 237 22.26 -22.46 18.27
N LEU D 238 23.49 -21.99 18.34
CA LEU D 238 24.41 -22.05 17.21
C LEU D 238 25.49 -23.11 17.40
N GLY D 239 25.38 -23.92 18.45
CA GLY D 239 26.38 -24.94 18.70
C GLY D 239 27.75 -24.43 19.06
N MET D 240 27.85 -23.18 19.50
CA MET D 240 29.16 -22.58 19.69
C MET D 240 29.65 -22.71 21.11
N GLU D 241 30.95 -22.47 21.29
CA GLU D 241 31.56 -22.49 22.60
C GLU D 241 30.94 -21.42 23.48
N GLU D 242 31.17 -21.54 24.78
CA GLU D 242 30.77 -20.49 25.70
C GLU D 242 31.67 -19.27 25.49
N ARG D 243 31.06 -18.09 25.56
CA ARG D 243 31.80 -16.83 25.52
C ARG D 243 32.65 -16.73 24.26
N PRO D 244 32.00 -16.64 23.11
CA PRO D 244 32.75 -16.58 21.85
C PRO D 244 33.65 -15.36 21.72
N TYR D 245 33.16 -14.15 22.01
CA TYR D 245 34.02 -12.96 21.89
C TYR D 245 35.14 -12.97 22.92
N SER D 246 34.85 -13.38 24.17
CA SER D 246 35.89 -13.44 25.18
C SER D 246 37.02 -14.36 24.75
N SER D 247 36.68 -15.53 24.20
CA SER D 247 37.72 -16.49 23.83
C SER D 247 38.54 -15.96 22.65
N ARG D 248 37.92 -15.22 21.74
CA ARG D 248 38.68 -14.64 20.64
C ARG D 248 39.56 -13.49 21.12
N LEU D 249 39.09 -12.70 22.09
CA LEU D 249 39.93 -11.65 22.63
C LEU D 249 41.14 -12.25 23.33
N LYS D 250 40.98 -13.40 23.98
CA LYS D 250 42.15 -14.05 24.57
C LYS D 250 43.10 -14.54 23.49
N LYS D 251 42.56 -14.99 22.35
CA LYS D 251 43.42 -15.38 21.23
C LYS D 251 44.21 -14.19 20.71
N ILE D 252 43.58 -13.01 20.64
CA ILE D 252 44.32 -11.81 20.23
C ILE D 252 45.50 -11.56 21.15
N GLY D 253 45.28 -11.66 22.47
CA GLY D 253 46.37 -11.48 23.41
C GLY D 253 47.52 -12.44 23.14
N GLU D 254 47.20 -13.69 22.79
CA GLU D 254 48.26 -14.63 22.48
C GLU D 254 49.01 -14.20 21.24
N LEU D 255 48.27 -13.79 20.19
CA LEU D 255 48.88 -13.42 18.91
C LEU D 255 49.76 -12.19 19.07
N LEU D 256 49.31 -11.18 19.82
CA LEU D 256 50.15 -10.03 20.04
C LEU D 256 51.50 -10.38 20.68
N ASP D 257 51.60 -11.50 21.41
CA ASP D 257 52.87 -11.87 22.03
C ASP D 257 53.67 -12.89 21.22
N GLN D 258 53.13 -13.34 20.10
CA GLN D 258 53.70 -14.45 19.35
C GLN D 258 54.74 -13.98 18.36
N ALA D 259 55.80 -14.77 18.24
CA ALA D 259 56.82 -14.49 17.24
C ALA D 259 56.35 -14.80 15.81
N SER D 260 56.79 -13.97 14.88
CA SER D 260 56.68 -14.23 13.44
C SER D 260 55.25 -14.57 13.02
N VAL D 261 54.30 -13.74 13.42
CA VAL D 261 52.90 -14.00 13.11
C VAL D 261 52.69 -13.84 11.62
N THR D 262 51.94 -14.76 11.02
CA THR D 262 51.65 -14.72 9.60
C THR D 262 50.18 -14.38 9.36
N ARG D 263 49.91 -13.89 8.15
CA ARG D 263 48.53 -13.63 7.74
C ARG D 263 47.68 -14.89 7.85
N GLU D 264 48.21 -16.04 7.40
CA GLU D 264 47.44 -17.27 7.48
C GLU D 264 47.12 -17.63 8.93
N GLU D 265 48.04 -17.37 9.86
CA GLU D 265 47.75 -17.64 11.26
C GLU D 265 46.66 -16.70 11.78
N VAL D 266 46.74 -15.42 11.47
CA VAL D 266 45.70 -14.48 11.91
C VAL D 266 44.33 -14.88 11.38
N VAL D 267 44.23 -15.17 10.07
CA VAL D 267 42.94 -15.51 9.48
C VAL D 267 42.44 -16.84 10.03
N SER D 268 43.34 -17.81 10.19
CA SER D 268 42.93 -19.10 10.73
C SER D 268 42.41 -18.97 12.15
N GLU D 269 43.05 -18.14 12.98
CA GLU D 269 42.69 -18.08 14.40
C GLU D 269 41.53 -17.13 14.65
N LEU D 270 41.40 -16.07 13.87
CA LEU D 270 40.41 -15.02 14.10
C LEU D 270 39.36 -14.92 13.02
N GLY D 271 39.71 -15.20 11.78
CA GLY D 271 38.78 -15.14 10.68
C GLY D 271 38.89 -13.84 9.91
N ASN D 272 38.28 -13.81 8.73
CA ASN D 272 38.20 -12.62 7.91
C ASN D 272 36.86 -12.62 7.16
N GLY D 273 35.81 -13.09 7.82
CA GLY D 273 34.54 -13.38 7.20
C GLY D 273 33.44 -12.38 7.53
N ILE D 274 32.25 -12.67 7.01
CA ILE D 274 31.10 -11.78 7.22
C ILE D 274 30.41 -12.01 8.55
N ALA D 275 30.78 -13.04 9.31
CA ALA D 275 30.24 -13.18 10.65
C ALA D 275 30.89 -12.15 11.58
N ALA D 276 30.08 -11.56 12.45
CA ALA D 276 30.65 -10.58 13.37
C ALA D 276 31.74 -11.21 14.22
N PHE D 277 31.60 -12.50 14.59
CA PHE D 277 32.61 -13.15 15.41
C PHE D 277 33.89 -13.42 14.64
N GLU D 278 33.83 -13.42 13.30
CA GLU D 278 35.00 -13.65 12.46
C GLU D 278 35.51 -12.36 11.80
N SER D 279 35.05 -11.20 12.26
CA SER D 279 35.53 -9.94 11.71
C SER D 279 35.75 -8.83 12.75
N VAL D 280 34.93 -8.76 13.79
CA VAL D 280 35.12 -7.71 14.76
C VAL D 280 36.41 -7.93 15.56
N PRO D 281 36.66 -9.13 16.11
CA PRO D 281 37.96 -9.33 16.78
C PRO D 281 39.12 -9.13 15.83
N THR D 282 38.98 -9.51 14.56
CA THR D 282 40.06 -9.31 13.60
C THR D 282 40.38 -7.83 13.42
N ALA D 283 39.35 -7.00 13.28
CA ALA D 283 39.56 -5.56 13.15
C ALA D 283 40.27 -5.00 14.37
N ILE D 284 39.88 -5.46 15.56
CA ILE D 284 40.53 -4.98 16.78
C ILE D 284 41.99 -5.41 16.79
N TYR D 285 42.27 -6.66 16.40
CA TYR D 285 43.64 -7.11 16.30
C TYR D 285 44.44 -6.24 15.36
N CYS D 286 43.86 -5.89 14.20
CA CYS D 286 44.56 -5.02 13.26
C CYS D 286 44.95 -3.70 13.92
N PHE D 287 44.02 -3.07 14.63
CA PHE D 287 44.32 -1.83 15.33
C PHE D 287 45.44 -2.02 16.35
N LEU D 288 45.33 -3.05 17.19
CA LEU D 288 46.31 -3.23 18.25
C LEU D 288 47.68 -3.56 17.69
N ARG D 289 47.74 -4.48 16.73
CA ARG D 289 49.02 -4.84 16.12
C ARG D 289 49.72 -3.63 15.53
N CYS D 290 48.97 -2.75 14.88
CA CYS D 290 49.54 -1.61 14.16
C CYS D 290 49.77 -0.39 15.04
N MET D 291 49.62 -0.49 16.35
CA MET D 291 50.02 0.60 17.23
C MET D 291 51.52 0.81 17.21
N GLU D 292 52.28 -0.20 16.80
CA GLU D 292 53.72 -0.09 16.62
C GLU D 292 54.08 -0.25 15.16
N PRO D 293 55.22 0.30 14.74
CA PRO D 293 55.62 0.19 13.34
C PRO D 293 55.72 -1.26 12.88
N ASP D 294 55.51 -1.46 11.59
CA ASP D 294 55.67 -2.76 10.97
C ASP D 294 56.73 -2.67 9.88
N PRO D 295 57.85 -3.37 9.98
CA PRO D 295 58.89 -3.22 8.95
C PRO D 295 58.46 -3.64 7.56
N GLU D 296 57.37 -4.39 7.43
CA GLU D 296 56.87 -4.74 6.10
C GLU D 296 56.02 -3.64 5.47
N ILE D 297 55.65 -2.60 6.21
CA ILE D 297 54.88 -1.49 5.67
C ILE D 297 55.78 -0.26 5.72
N PRO D 298 55.99 0.43 4.58
CA PRO D 298 56.96 1.54 4.59
C PRO D 298 56.67 2.58 5.65
N SER D 299 57.79 3.12 6.15
CA SER D 299 57.87 4.13 7.20
C SER D 299 57.05 5.36 6.90
N ALA D 300 56.91 5.70 5.62
CA ALA D 300 56.24 6.92 5.24
C ALA D 300 54.75 6.87 5.53
N PHE D 301 54.15 5.69 5.64
CA PHE D 301 52.75 5.61 5.99
C PHE D 301 52.58 5.83 7.48
N ASN D 302 51.59 6.65 7.84
CA ASN D 302 51.35 6.94 9.25
C ASN D 302 50.61 5.77 9.88
N SER D 303 50.25 5.92 11.16
CA SER D 303 49.70 4.81 11.92
C SER D 303 48.30 4.43 11.45
N LEU D 304 47.50 5.42 11.08
CA LEU D 304 46.18 5.13 10.53
C LEU D 304 46.33 4.42 9.19
N GLN D 305 47.23 4.92 8.34
CA GLN D 305 47.42 4.30 7.04
C GLN D 305 47.90 2.85 7.17
N ARG D 306 48.87 2.61 8.06
CA ARG D 306 49.40 1.25 8.15
C ARG D 306 48.37 0.30 8.74
N THR D 307 47.50 0.79 9.65
CA THR D 307 46.41 -0.04 10.13
C THR D 307 45.50 -0.46 8.98
N LEU D 308 45.15 0.49 8.12
CA LEU D 308 44.25 0.19 7.01
C LEU D 308 44.90 -0.76 6.03
N ILE D 309 46.16 -0.52 5.69
CA ILE D 309 46.87 -1.35 4.75
C ILE D 309 46.98 -2.77 5.29
N TYR D 310 47.33 -2.89 6.57
CA TYR D 310 47.46 -4.22 7.16
C TYR D 310 46.11 -4.94 7.13
N SER D 311 45.04 -4.27 7.53
CA SER D 311 43.72 -4.88 7.54
C SER D 311 43.35 -5.39 6.15
N ILE D 312 43.57 -4.57 5.12
CA ILE D 312 43.25 -4.95 3.74
C ILE D 312 44.07 -6.14 3.29
N SER D 313 45.31 -6.26 3.79
CA SER D 313 46.18 -7.38 3.48
C SER D 313 45.64 -8.72 3.92
N LEU D 314 44.70 -8.74 4.87
CA LEU D 314 44.14 -10.00 5.33
C LEU D 314 43.07 -10.57 4.41
N GLY D 315 42.55 -9.80 3.47
CA GLY D 315 41.51 -10.29 2.58
C GLY D 315 40.20 -10.61 3.26
N GLY D 316 39.34 -11.33 2.53
CA GLY D 316 38.04 -11.70 3.05
C GLY D 316 37.06 -10.57 2.91
N ASP D 317 36.33 -10.31 3.99
CA ASP D 317 35.36 -9.21 4.02
C ASP D 317 36.10 -7.89 4.30
N THR D 318 36.86 -7.48 3.30
CA THR D 318 37.85 -6.42 3.50
C THR D 318 37.21 -5.08 3.76
N ASP D 319 36.11 -4.75 3.06
CA ASP D 319 35.53 -3.43 3.28
C ASP D 319 35.07 -3.28 4.72
N THR D 320 34.52 -4.34 5.31
CA THR D 320 33.97 -4.21 6.66
C THR D 320 35.06 -4.36 7.72
N ILE D 321 36.05 -5.22 7.49
CA ILE D 321 37.15 -5.28 8.45
C ILE D 321 37.90 -3.95 8.47
N ALA D 322 38.16 -3.39 7.30
CA ALA D 322 38.87 -2.12 7.24
C ALA D 322 38.03 -0.97 7.80
N THR D 323 36.72 -0.98 7.55
CA THR D 323 35.92 0.10 8.11
C THR D 323 35.93 0.07 9.63
N MET D 324 35.91 -1.12 10.22
CA MET D 324 35.91 -1.21 11.68
C MET D 324 37.27 -0.89 12.28
N ALA D 325 38.34 -1.43 11.70
CA ALA D 325 39.67 -1.08 12.16
C ALA D 325 39.92 0.41 11.96
N GLY D 326 39.41 0.97 10.86
CA GLY D 326 39.61 2.39 10.60
C GLY D 326 38.86 3.29 11.57
N ALA D 327 37.66 2.89 11.98
CA ALA D 327 36.91 3.62 12.99
C ALA D 327 37.68 3.70 14.29
N ILE D 328 38.22 2.56 14.74
CA ILE D 328 38.99 2.53 15.98
C ILE D 328 40.24 3.38 15.84
N ALA D 329 41.01 3.16 14.78
CA ALA D 329 42.27 3.87 14.59
C ALA D 329 42.03 5.36 14.43
N GLY D 330 40.96 5.75 13.72
CA GLY D 330 40.70 7.16 13.52
C GLY D 330 40.38 7.86 14.82
N ALA D 331 39.60 7.20 15.67
CA ALA D 331 39.31 7.75 16.99
C ALA D 331 40.58 7.90 17.81
N TYR D 332 41.51 6.97 17.64
CA TYR D 332 42.71 6.90 18.47
C TYR D 332 43.78 7.89 18.01
N TYR D 333 43.96 8.01 16.69
CA TYR D 333 45.04 8.82 16.12
C TYR D 333 44.57 10.22 15.75
N GLY D 334 43.27 10.40 15.55
CA GLY D 334 42.73 11.72 15.30
C GLY D 334 42.89 12.16 13.85
N MET D 335 42.29 13.32 13.55
CA MET D 335 42.20 13.82 12.20
C MET D 335 43.57 14.16 11.63
N ASP D 336 44.55 14.42 12.49
CA ASP D 336 45.89 14.74 12.02
C ASP D 336 46.52 13.58 11.26
N GLN D 337 46.02 12.36 11.41
CA GLN D 337 46.53 11.21 10.69
C GLN D 337 45.61 10.79 9.54
N VAL D 338 44.55 11.55 9.27
CA VAL D 338 43.70 11.33 8.12
C VAL D 338 44.35 12.07 6.93
N PRO D 339 44.96 11.36 5.99
CA PRO D 339 45.64 12.05 4.88
C PRO D 339 44.61 12.69 3.96
N GLU D 340 44.79 13.97 3.67
CA GLU D 340 43.83 14.66 2.81
C GLU D 340 43.66 13.95 1.47
N SER D 341 44.75 13.45 0.89
CA SER D 341 44.65 12.86 -0.44
C SER D 341 43.77 11.63 -0.42
N TRP D 342 43.88 10.81 0.63
CA TRP D 342 43.02 9.65 0.77
C TRP D 342 41.59 10.07 1.05
N GLN D 343 41.40 10.95 2.04
CA GLN D 343 40.08 11.37 2.44
C GLN D 343 39.31 11.96 1.27
N GLN D 344 39.94 12.84 0.52
CA GLN D 344 39.21 13.55 -0.53
C GLN D 344 38.92 12.68 -1.75
N SER D 345 39.45 11.46 -1.80
CA SER D 345 39.08 10.49 -2.83
C SER D 345 37.79 9.76 -2.49
N CYS D 346 37.33 9.88 -1.25
CA CYS D 346 36.22 9.07 -0.78
C CYS D 346 34.91 9.78 -1.00
N GLU D 347 33.96 9.08 -1.62
CA GLU D 347 32.60 9.55 -1.78
C GLU D 347 32.02 9.99 -0.45
N GLY D 348 31.49 11.20 -0.42
CA GLY D 348 30.81 11.69 0.76
C GLY D 348 31.69 12.14 1.90
N TYR D 349 33.00 12.34 1.68
CA TYR D 349 33.86 12.66 2.81
C TYR D 349 33.44 13.96 3.50
N GLU D 350 32.91 14.93 2.76
CA GLU D 350 32.52 16.18 3.40
C GLU D 350 31.30 15.97 4.30
N GLU D 351 30.30 15.25 3.79
CA GLU D 351 29.12 14.97 4.60
C GLU D 351 29.49 14.17 5.84
N THR D 352 30.36 13.17 5.68
CA THR D 352 30.84 12.40 6.81
C THR D 352 31.46 13.32 7.86
N ASP D 353 32.31 14.24 7.43
CA ASP D 353 32.97 15.13 8.38
C ASP D 353 31.97 16.06 9.08
N ILE D 354 30.98 16.57 8.33
CA ILE D 354 29.90 17.36 8.91
C ILE D 354 29.19 16.58 10.00
N LEU D 355 28.86 15.31 9.72
CA LEU D 355 28.15 14.49 10.69
C LEU D 355 29.00 14.27 11.94
N ALA D 356 30.31 14.06 11.76
CA ALA D 356 31.21 13.94 12.91
C ALA D 356 31.19 15.21 13.76
N GLN D 357 31.26 16.39 13.10
CA GLN D 357 31.30 17.64 13.86
C GLN D 357 29.98 17.91 14.54
N SER D 358 28.87 17.53 13.88
CA SER D 358 27.54 17.69 14.47
C SER D 358 27.37 16.80 15.70
N LEU D 359 27.85 15.55 15.63
CA LEU D 359 27.78 14.70 16.80
C LEU D 359 28.54 15.32 17.96
N HIS D 360 29.73 15.87 17.70
CA HIS D 360 30.48 16.48 18.78
C HIS D 360 29.70 17.65 19.38
N ARG D 361 29.06 18.46 18.52
CA ARG D 361 28.36 19.64 19.03
C ARG D 361 27.10 19.26 19.80
N VAL D 362 26.36 18.27 19.31
CA VAL D 362 25.09 17.91 19.92
C VAL D 362 25.29 17.13 21.21
N PHE D 363 26.26 16.21 21.23
CA PHE D 363 26.36 15.23 22.32
C PHE D 363 27.59 15.39 23.21
N GLN D 364 28.63 16.10 22.77
CA GLN D 364 29.86 16.22 23.56
C GLN D 364 30.05 17.68 24.04
N1 AR6 E . -42.85 15.28 -4.12
C2 AR6 E . -41.86 15.51 -3.23
N3 AR6 E . -40.92 14.59 -2.92
C4 AR6 E . -40.94 13.36 -3.51
C5 AR6 E . -41.98 13.05 -4.49
C6 AR6 E . -42.97 14.09 -4.77
N6 AR6 E . -43.96 13.84 -5.66
N7 AR6 E . -41.75 11.78 -4.91
C8 AR6 E . -40.67 11.32 -4.27
N9 AR6 E . -40.21 12.27 -3.43
PA AR6 E . -40.17 7.08 -2.36
PB AR6 E . -38.32 5.31 -3.78
C1' AR6 E . -39.02 12.16 -2.56
O1A AR6 E . -41.40 6.92 -3.22
O1B AR6 E . -38.38 3.82 -3.70
C1D AR6 E . -33.55 5.75 -1.65
O1D AR6 E . -32.20 5.82 -2.16
C2' AR6 E . -39.44 12.05 -1.10
O2' AR6 E . -38.49 12.73 -0.27
O2A AR6 E . -40.32 7.07 -0.85
O2B AR6 E . -38.55 6.03 -5.08
C2D AR6 E . -34.11 4.44 -2.10
O2D AR6 E . -33.14 3.44 -2.13
C3' AR6 E . -39.37 10.55 -0.81
O3' AR6 E . -39.14 10.21 0.52
O3A AR6 E . -39.22 5.80 -2.56
C3D AR6 E . -34.44 4.78 -3.55
O3D AR6 E . -33.32 4.53 -4.39
C4' AR6 E . -38.18 10.13 -1.72
O4' AR6 E . -38.26 10.99 -2.89
C4D AR6 E . -34.66 6.30 -3.62
O4D AR6 E . -34.35 6.73 -2.30
C5' AR6 E . -38.16 8.66 -2.11
O5' AR6 E . -39.36 8.38 -2.84
C5D AR6 E . -36.08 6.62 -4.06
O5D AR6 E . -36.89 5.79 -3.25
H2 AR6 E . -41.81 16.48 -2.75
HN6 AR6 E . -44.65 14.55 -5.87
HN6A AR6 E . -44.01 12.94 -6.11
H8 AR6 E . -40.24 10.33 -4.40
H1' AR6 E . -38.42 13.07 -2.71
H1D AR6 E . -33.54 5.88 -0.56
H2' AR6 E . -40.42 12.50 -0.89
HO2' AR6 E . -38.95 13.18 0.45
H2D AR6 E . -34.93 4.07 -1.47
HO2D AR6 E . -32.66 3.43 -1.29
H3' AR6 E . -40.32 10.05 -1.01
HO3' AR6 E . -39.92 10.41 1.05
H3D AR6 E . -35.32 4.20 -3.88
HO3D AR6 E . -33.32 3.59 -4.67
H4' AR6 E . -37.25 10.25 -1.16
H4D AR6 E . -34.02 6.82 -4.36
H5' AR6 E . -37.28 8.45 -2.72
H5'A AR6 E . -38.11 8.04 -1.22
H5D AR6 E . -36.31 7.67 -3.90
H5DA AR6 E . -36.21 6.40 -5.12
HD1 AR6 E . -31.96 6.74 -2.30
CA CA F . -31.02 4.24 -3.67
CA CA G . -30.90 0.96 -2.16
N1 AR6 H . -13.68 -6.86 -46.03
C2 AR6 H . -13.18 -6.94 -47.29
N3 AR6 H . -12.59 -5.92 -47.90
C4 AR6 H . -12.42 -4.73 -47.28
C5 AR6 H . -12.93 -4.56 -45.92
C6 AR6 H . -13.59 -5.74 -45.29
N6 AR6 H . -14.07 -5.66 -44.03
N7 AR6 H . -12.63 -3.30 -45.57
C8 AR6 H . -11.98 -2.71 -46.59
N9 AR6 H . -11.88 -3.58 -47.61
PA AR6 H . -12.84 1.46 -48.14
PB AR6 H . -10.85 3.52 -47.53
C1' AR6 H . -11.25 -3.37 -48.92
O1A AR6 H . -13.56 1.43 -46.82
O1B AR6 H . -11.13 4.97 -47.50
C1D AR6 H . -7.51 3.94 -51.42
O1D AR6 H . -6.10 3.99 -51.70
C2' AR6 H . -12.25 -3.19 -50.08
O2' AR6 H . -11.60 -3.75 -51.24
O2A AR6 H . -13.71 1.42 -49.37
O2B AR6 H . -10.47 2.84 -46.23
C2D AR6 H . -7.88 5.14 -50.57
O2D AR6 H . -7.17 6.27 -51.02
C3' AR6 H . -12.41 -1.68 -50.21
O3' AR6 H . -12.82 -1.25 -51.50
O3A AR6 H . -12.15 2.93 -48.25
C3D AR6 H . -7.42 4.68 -49.18
O3D AR6 H . -6.06 5.09 -49.03
C4' AR6 H . -11.00 -1.20 -49.81
O4' AR6 H . -10.47 -2.16 -48.85
C4D AR6 H . -7.46 3.15 -49.21
O4D AR6 H . -7.69 2.80 -50.58
C5' AR6 H . -10.91 0.21 -49.31
O5' AR6 H . -11.67 0.37 -48.12
C5D AR6 H . -8.51 2.64 -48.25
O5D AR6 H . -9.71 3.25 -48.63
H2 AR6 H . -13.26 -7.88 -47.81
HN6 AR6 H . -14.53 -6.46 -43.62
HN6A AR6 H . -13.98 -4.81 -43.50
H8 AR6 H . -11.60 -1.69 -46.60
H1' AR6 H . -10.67 -4.27 -49.15
H1D AR6 H . -8.11 3.93 -52.33
H2' AR6 H . -13.22 -3.68 -49.94
HO2' AR6 H . -12.26 -4.15 -51.81
H2D AR6 H . -8.94 5.44 -50.61
HO2D AR6 H . -7.62 6.65 -51.79
H3' AR6 H . -13.23 -1.26 -49.60
HO3' AR6 H . -13.68 -1.63 -51.72
H3D AR6 H . -8.04 5.09 -48.37
HO3D AR6 H . -6.03 5.93 -48.57
H4' AR6 H . -10.37 -1.18 -50.71
H4D AR6 H . -6.51 2.68 -48.88
H5' AR6 H . -11.30 0.89 -50.08
H5'A AR6 H . -9.87 0.47 -49.13
H5D AR6 H . -8.25 2.89 -47.21
H5DA AR6 H . -8.59 1.54 -48.31
HD1 AR6 H . -5.92 3.55 -52.55
CA CA I . -4.54 5.75 -50.65
CA CA J . -5.41 8.71 -51.73
N1 AR6 K . -7.84 7.39 49.01
C2 AR6 K . -6.85 7.78 49.83
N3 AR6 K . -5.84 6.97 50.20
C4 AR6 K . -5.81 5.70 49.74
C5 AR6 K . -6.85 5.21 48.83
C6 AR6 K . -7.91 6.16 48.46
N6 AR6 K . -8.93 5.81 47.65
N7 AR6 K . -6.53 3.93 48.54
C8 AR6 K . -5.40 3.63 49.20
N9 AR6 K . -4.96 4.70 49.91
PA AR6 K . -4.88 -0.35 51.60
PB AR6 K . -2.91 -2.19 50.38
C1' AR6 K . -3.78 4.76 50.77
O1A AR6 K . -6.10 -0.64 50.76
O1B AR6 K . -2.85 -3.67 50.63
C1D AR6 K . 1.78 -1.63 52.68
O1D AR6 K . 3.17 -1.52 52.32
C2' AR6 K . -4.17 4.83 52.24
O2' AR6 K . -3.19 5.55 52.97
O2A AR6 K . -5.05 -0.15 53.09
O2B AR6 K . -3.22 -1.72 49.00
C2D AR6 K . 1.39 -3.00 52.13
O2D AR6 K . 2.47 -3.90 52.02
C3' AR6 K . -4.17 3.39 52.71
O3' AR6 K . -3.90 3.17 54.08
O3A AR6 K . -3.89 -1.63 51.54
C3D AR6 K . 1.01 -2.59 50.69
O3D AR6 K . 2.16 -2.82 49.88
C4' AR6 K . -3.00 2.84 51.86
O4' AR6 K . -3.05 3.52 50.59
C4D AR6 K . 0.74 -1.07 50.66
O4D AR6 K . 0.97 -0.66 51.98
C5' AR6 K . -2.93 1.32 51.66
O5' AR6 K . -4.03 0.85 50.93
C5D AR6 K . -0.66 -0.84 50.11
O5D AR6 K . -1.51 -1.62 50.91
H2 AR6 K . -6.87 8.79 50.21
HN6 AR6 K . -8.97 4.88 47.25
HN6A AR6 K . -9.65 6.48 47.42
H8 AR6 K . -4.91 2.66 49.17
H1' AR6 K . -3.18 5.65 50.52
H1D AR6 K . 1.61 -1.49 53.75
H2' AR6 K . -5.13 5.34 52.38
HO2' AR6 K . -3.62 6.15 53.58
H2D AR6 K . 0.66 -3.51 52.76
HO2D AR6 K . 2.98 -3.90 52.84
H3' AR6 K . -5.16 2.91 52.60
HO3' AR6 K . -4.00 4.00 54.56
H3D AR6 K . 0.14 -3.15 50.35
HO3D AR6 K . 2.08 -3.69 49.46
H4' AR6 K . -2.09 3.04 52.42
H4D AR6 K . 1.38 -0.47 49.98
H5' AR6 K . -2.89 0.83 52.64
H5'A AR6 K . -2.01 1.08 51.14
H5D AR6 K . -0.92 0.22 50.16
H5DA AR6 K . -0.73 -1.15 49.06
HD1 AR6 K . 3.58 -0.81 52.84
CA CA L . 4.38 -2.99 50.64
CA CA M . 4.56 -6.06 52.69
N1 AR6 N . 22.20 -18.51 10.00
C2 AR6 N . 22.73 -18.72 8.79
N3 AR6 N . 23.36 -17.75 8.10
C4 AR6 N . 23.52 -16.50 8.61
C5 AR6 N . 22.98 -16.21 9.94
C6 AR6 N . 22.30 -17.32 10.64
N6 AR6 N . 21.75 -17.15 11.88
N7 AR6 N . 23.27 -14.91 10.18
C8 AR6 N . 23.95 -14.42 9.11
N9 AR6 N . 24.08 -15.38 8.17
PA AR6 N . 22.97 -10.37 6.98
PB AR6 N . 24.88 -8.18 7.25
C1' AR6 N . 24.76 -15.27 6.87
O1A AR6 N . 22.19 -10.24 8.26
O1B AR6 N . 24.55 -6.72 7.14
C1D AR6 N . 28.16 -7.90 3.18
O1D AR6 N . 29.53 -7.95 2.80
C2' AR6 N . 23.82 -15.33 5.65
O2' AR6 N . 24.57 -15.97 4.64
O2A AR6 N . 22.23 -10.68 5.70
O2B AR6 N . 25.26 -8.75 8.58
C2D AR6 N . 27.90 -6.66 4.00
O2D AR6 N . 28.69 -5.55 3.65
C3' AR6 N . 23.57 -13.86 5.31
O3' AR6 N . 23.23 -13.63 3.96
O3A AR6 N . 23.67 -8.97 6.57
C3D AR6 N . 28.30 -7.12 5.43
O3D AR6 N . 29.64 -6.72 5.71
C4' AR6 N . 24.93 -13.22 5.69
O4' AR6 N . 25.48 -14.01 6.78
C4D AR6 N . 28.21 -8.66 5.42
O4D AR6 N . 27.86 -9.00 4.06
C5' AR6 N . 24.90 -11.73 6.03
O5' AR6 N . 24.14 -11.44 7.19
C5D AR6 N . 27.21 -9.12 6.47
O5D AR6 N . 26.00 -8.44 6.16
H2 AR6 N . 22.63 -19.69 8.34
HN6 AR6 N . 21.28 -17.92 12.34
HN6A AR6 N . 21.82 -16.26 12.36
H8 AR6 N . 24.33 -13.41 9.02
H1' AR6 N . 25.42 -16.15 6.82
H1D AR6 N . 27.53 -7.91 2.26
H2' AR6 N . 22.88 -15.86 5.79
HO2' AR6 N . 23.98 -16.23 3.91
H2D AR6 N . 26.87 -6.29 3.89
HO2D AR6 N . 28.49 -5.30 2.74
H3' AR6 N . 22.70 -13.45 5.84
HO3' AR6 N . 22.80 -14.42 3.60
H3D AR6 N . 27.66 -6.68 6.20
HO3D AR6 N . 29.65 -5.84 6.11
H4' AR6 N . 25.55 -13.22 4.79
H4D AR6 N . 29.15 -9.17 5.68
H5' AR6 N . 24.50 -11.17 5.18
H5'A AR6 N . 25.93 -11.39 6.19
H5D AR6 N . 27.56 -8.87 7.47
H5DA AR6 N . 27.08 -10.20 6.43
HD1 AR6 N . 29.71 -8.77 2.32
CA CA O . 31.19 -6.29 3.88
CA CA P . 30.23 -3.40 2.51
#